data_1X18
# 
_entry.id   1X18 
# 
_audit_conform.dict_name       mmcif_pdbx.dic 
_audit_conform.dict_version    5.387 
_audit_conform.dict_location   http://mmcif.pdb.org/dictionaries/ascii/mmcif_pdbx.dic 
# 
loop_
_database_2.database_id 
_database_2.database_code 
_database_2.pdbx_database_accession 
_database_2.pdbx_DOI 
PDB   1X18         pdb_00001x18 10.2210/pdb1x18/pdb 
RCSB  RCSB024250   ?            ?                   
WWPDB D_1000024250 ?            ?                   
# 
loop_
_pdbx_audit_revision_history.ordinal 
_pdbx_audit_revision_history.data_content_type 
_pdbx_audit_revision_history.major_revision 
_pdbx_audit_revision_history.minor_revision 
_pdbx_audit_revision_history.revision_date 
1 'Structure model' 1 0 2005-05-17 
2 'Structure model' 1 1 2008-04-30 
3 'Structure model' 1 2 2011-07-13 
4 'Structure model' 1 3 2013-12-18 
5 'Structure model' 1 4 2019-12-18 
6 'Structure model' 1 5 2024-03-13 
# 
_pdbx_audit_revision_details.ordinal             1 
_pdbx_audit_revision_details.revision_ordinal    1 
_pdbx_audit_revision_details.data_content_type   'Structure model' 
_pdbx_audit_revision_details.provider            repository 
_pdbx_audit_revision_details.type                'Initial release' 
_pdbx_audit_revision_details.description         ? 
_pdbx_audit_revision_details.details             ? 
# 
loop_
_pdbx_audit_revision_group.ordinal 
_pdbx_audit_revision_group.revision_ordinal 
_pdbx_audit_revision_group.data_content_type 
_pdbx_audit_revision_group.group 
1 2 'Structure model' 'Version format compliance' 
2 3 'Structure model' 'Version format compliance' 
3 4 'Structure model' 'Structure summary'         
4 5 'Structure model' 'Data collection'           
5 5 'Structure model' 'Database references'       
6 6 'Structure model' 'Data collection'           
7 6 'Structure model' 'Database references'       
8 6 'Structure model' 'Refinement description'    
# 
loop_
_pdbx_audit_revision_category.ordinal 
_pdbx_audit_revision_category.revision_ordinal 
_pdbx_audit_revision_category.data_content_type 
_pdbx_audit_revision_category.category 
1 5 'Structure model' database_2                    
2 5 'Structure model' em_image_scans                
3 5 'Structure model' em_software                   
4 6 'Structure model' chem_comp_atom                
5 6 'Structure model' chem_comp_bond                
6 6 'Structure model' database_2                    
7 6 'Structure model' em_3d_fitting_list            
8 6 'Structure model' pdbx_initial_refinement_model 
# 
loop_
_pdbx_audit_revision_item.ordinal 
_pdbx_audit_revision_item.revision_ordinal 
_pdbx_audit_revision_item.data_content_type 
_pdbx_audit_revision_item.item 
1 5 'Structure model' '_em_software.image_processing_id'                
2 6 'Structure model' '_database_2.pdbx_DOI'                            
3 6 'Structure model' '_database_2.pdbx_database_accession'             
4 6 'Structure model' '_em_3d_fitting_list.accession_code'              
5 6 'Structure model' '_em_3d_fitting_list.initial_refinement_model_id' 
6 6 'Structure model' '_em_3d_fitting_list.source_name'                 
7 6 'Structure model' '_em_3d_fitting_list.type'                        
# 
_pdbx_database_status.status_code                     REL 
_pdbx_database_status.entry_id                        1X18 
_pdbx_database_status.recvd_initial_deposition_date   2005-04-02 
_pdbx_database_status.deposit_site                    PDBJ 
_pdbx_database_status.process_site                    PDBJ 
_pdbx_database_status.status_code_sf                  ? 
_pdbx_database_status.status_code_mr                  ? 
_pdbx_database_status.SG_entry                        ? 
_pdbx_database_status.status_code_cs                  ? 
_pdbx_database_status.methods_development_category    ? 
_pdbx_database_status.pdb_format_compatible           Y 
_pdbx_database_status.status_code_nmr_data            ? 
# 
loop_
_pdbx_database_related.db_name 
_pdbx_database_related.db_id 
_pdbx_database_related.details 
_pdbx_database_related.content_type 
PDB 1FJF 'Structure of the 30S ribosomal subunit.' unspecified 
PDB 1EGA 'Crystal structure of ERA: a GTPase-dependent cell cycle regulator containing an RNA binding motif.' unspecified 
PDB 1WF3 'Crystal structure of Era from THERMUS THERMOPHILUS (in preparation)' unspecified 
PDB 1X1L 
;Interaction of ERA,a GTPase protein, with the 3'minor domain of the 16S rRNA within the THERMUS THERMOPHILUS 30S subunit
;
unspecified 
# 
loop_
_audit_author.name 
_audit_author.pdbx_ordinal 
'Sharma, M.R.'  1 
'Barat, C.'     2 
'Agrawal, R.K.' 3 
# 
loop_
_citation.id 
_citation.title 
_citation.journal_abbrev 
_citation.journal_volume 
_citation.page_first 
_citation.page_last 
_citation.year 
_citation.journal_id_ASTM 
_citation.country 
_citation.journal_id_ISSN 
_citation.journal_id_CSD 
_citation.book_publisher 
_citation.pdbx_database_id_PubMed 
_citation.pdbx_database_id_DOI 
primary 'Interaction of Era with the 30S Ribosomal Subunit Implications for 30S Subunit Assembly'           Mol.Cell               
18  319  329  2005 MOCEFL US 1097-2765 2168 ? 15866174 10.1016/j.molcel.2005.03.028 
1       'Structure of the 30S ribosomal subunit'                                                            Nature                 
407 327  339  2000 NATUAS UK 0028-0836 0006 ? 11014182 10.1038/35030006             
2       'Crystal structure of ERA: a GTPase-dependent cell cycle regulator containing an RNA binding motif' Proc.Natl.Acad.Sci.USA 
96  8396 8401 1999 PNASA6 US 0027-8424 0040 ? 10411886 10.1073/pnas.96.15.8396      
3       'Crystal structure of Era from Thermus thermophilus'                                                'To be Published'      
?   ?    ?    ?    ?      ?  ?         0353 ? ?        ?                            
# 
loop_
_citation_author.citation_id 
_citation_author.name 
_citation_author.ordinal 
_citation_author.identifier_ORCID 
primary 'Sharma, M.R.'        1  ? 
primary 'Barat, C.'           2  ? 
primary 'Wilson, D.N.'        3  ? 
primary 'Booth, T.M.'         4  ? 
primary 'Kawazoe, M.'         5  ? 
primary 'Hori-Takemoto, C.'   6  ? 
primary 'Shirouzu, M.'        7  ? 
primary 'Yokoyama, S.'        8  ? 
primary 'Fucini, P.'          9  ? 
primary 'Agrawal, R.K.'       10 ? 
1       'Wimberly, B.T.'      11 ? 
1       'Brodersen, D.E.'     12 ? 
1       'Clemons Jr., W.M.'   13 ? 
1       'Morgan-Warren, R.J.' 14 ? 
1       'Carter, A.P.'        15 ? 
1       'Vonrhein, C.'        16 ? 
1       'Hartsch, T.'         17 ? 
1       'Ramakrishnan, V.'    18 ? 
2       'Chen, X.'            19 ? 
2       'Court, D.L.'         20 ? 
2       'Ji, X.'              21 ? 
3       'Kawazoe, M.'         22 ? 
3       'Takemoto, C.'        23 ? 
3       'Kaminishi, T.'       24 ? 
3       'Sekine, S.'          25 ? 
3       'Shirouzu, M.'        26 ? 
3       'Fucini, P.'          27 ? 
3       'Agrawal, R.K.'       28 ? 
3       'Yokoyama, S.'        29 ? 
# 
loop_
_entity.id 
_entity.type 
_entity.src_method 
_entity.pdbx_description 
_entity.formula_weight 
_entity.pdbx_number_of_molecules 
_entity.pdbx_ec 
_entity.pdbx_mutation 
_entity.pdbx_fragment 
_entity.details 
1 polymer nat "5'-R(P*CP*GP*AP*UP*GP*GP*CP*GP*AP*AP*G)-3'"                                        3585.218  1 ? ? ? ? 
2 polymer nat 'RNA (31-MER)'                                                                      9974.926  1 ? ? ? ? 
3 polymer nat "5'-R(P*UP*UP*CP*CP*CP*GP*GP*GP*CP*CP*UP*GP*GP*GP*GP*CP*CP*CP*GP*C)-3'"             6381.822  1 ? ? ? ? 
4 polymer nat "5'-R(P*UP*GP*UP*UP*GP*GP*GP*UP*UP*AP*AP*GP*UP*CP*CP*CP*GP*CP*AP*AP*CP*GP*AP*G)-3'" 7725.621  1 ? ? ? ? 
5 polymer nat '30S ribosomal protein S2'                                                          26671.881 1 ? ? ? ? 
6 polymer nat '30S ribosomal protein S7'                                                          17822.660 1 ? ? ? ? 
7 polymer nat '30S ribosomal protein S11'                                                         12606.369 1 ? ? ? ? 
8 polymer nat '30S ribosomal protein S18'                                                         8483.172  1 ? ? ? ? 
9 polymer man 'GTP-binding protein era'                                                           32863.969 1 ? ? ? ? 
# 
loop_
_entity_poly.entity_id 
_entity_poly.type 
_entity_poly.nstd_linkage 
_entity_poly.nstd_monomer 
_entity_poly.pdbx_seq_one_letter_code 
_entity_poly.pdbx_seq_one_letter_code_can 
_entity_poly.pdbx_strand_id 
_entity_poly.pdbx_target_identifier 
1 polyribonucleotide no no CGAUGGCGAAG CGAUGGCGAAG A ? 
2 polyribonucleotide no no CUAGGUCUCUGGGUCUCCUGGGGGCCGAAGC CUAGGUCUCUGGGUCUCCUGGGGGCCGAAGC B ? 
3 polyribonucleotide no no UUCCCGGGCCUGGGGCCCGC UUCCCGGGCCUGGGGCCCGC C ? 
4 polyribonucleotide no no UGUUGGGUUAAGUCCCGCAACGAG UGUUGGGUUAAGUCCCGCAACGAG D ? 
5 'polypeptide(L)'   no no 
;VKELLEAGVHFGHERKRWNPKFARYIYAERNGIHIIDLQKTMEELERTFRFIEDLAMRGGTILFVGTKKQAQDIVRMEAE
RAGMPYVNQRWLGGMLTNFKTIQRVHRLEELEALFASPEIEERPKKEQRLHELERLQKYLSGFRLLKRLPDAIFVVDPTK
EAIAVREARKLFIPVIALADTDSDPDLVDYIIPGNDDAIRSIQLILSRAVDLIIQARGGVVEPSPSYALVQ
;
;VKELLEAGVHFGHERKRWNPKFARYIYAERNGIHIIDLQKTMEELERTFRFIEDLAMRGGTILFVGTKKQAQDIVRMEAE
RAGMPYVNQRWLGGMLTNFKTIQRVHRLEELEALFASPEIEERPKKEQRLHELERLQKYLSGFRLLKRLPDAIFVVDPTK
EAIAVREARKLFIPVIALADTDSDPDLVDYIIPGNDDAIRSIQLILSRAVDLIIQARGGVVEPSPSYALVQ
;
E ? 
6 'polypeptide(L)'   no no 
;ARRRRAEVRQLQPDLVYGDVLVTAFINKIMRDGKKNLAARIFYDACKIIQEKTGQEPLKVFKQAVENVKPRMEVRSRRVG
GANYQVPMEVSRRQQSLALRWLVQAANQRPERRAAVRIAHELMDAAEGKGGAVKKKEDVERMAEANRAYAHYRW
;
;ARRRRAEVRQLQPDLVYGDVLVTAFINKIMRDGKKNLAARIFYDACKIIQEKTGQEPLKVFKQAVENVKPRMEVRSRRVG
GANYQVPMEVSRRQQSLALRWLVQAANQRPERRAAVRIAHELMDAAEGKGGAVKKKEDVERMAEANRAYAHYRW
;
F ? 
7 'polypeptide(L)'   no no 
;KRQVASGRAYIHASYNNTIVTITDPDGNPITWSSGGVIGYKGSRKGTPYAAQLAALDAAKKAMAYGMQSVDVIVRGTGAG
REQAIRALQASGLQVKSIVDDTPVPHNGCRPKKKFRKAS
;
;KRQVASGRAYIHASYNNTIVTITDPDGNPITWSSGGVIGYKGSRKGTPYAAQLAALDAAKKAMAYGMQSVDVIVRGTGAG
REQAIRALQASGLQVKSIVDDTPVPHNGCRPKKKFRKAS
;
G ? 
8 'polypeptide(L)'   no no PSRKAKVKATLGEFDLRDYRNVEVLKRFLSETGKILPRRRTGLSGKEQRILAKTIKRARILGLLPFTEKLVRK 
PSRKAKVKATLGEFDLRDYRNVEVLKRFLSETGKILPRRRTGLSGKEQRILAKTIKRARILGLLPFTEKLVRK H ? 
9 'polypeptide(L)'   no no 
;DKSYCGFIAIVGRPNVGKSTLLNKLLGQKISITSRKAQTTRHRIVGIHTEGAYQAIYVDTPGLHMEEKRAINRLMNKAAS
SSIGDVELVIFVVEGTRWTPDDEMVLNKLREGKAPVILAVNKVDNVQEKADLLPHLQFLASQMNFLDIVPISAETGLNVD
TIAAIVRKHLPEATHHFPEDYITDRSQRFMASEIIREKLMRFLGAELPYSVTVEIERFVSNERGGYDINGLILVEREGQK
KMVIGNKGAKIKTIGIEARKDMQEMFEAPVHLELWVKVKSGWADDERALRSL
;
;DKSYCGFIAIVGRPNVGKSTLLNKLLGQKISITSRKAQTTRHRIVGIHTEGAYQAIYVDTPGLHMEEKRAINRLMNKAAS
SSIGDVELVIFVVEGTRWTPDDEMVLNKLREGKAPVILAVNKVDNVQEKADLLPHLQFLASQMNFLDIVPISAETGLNVD
TIAAIVRKHLPEATHHFPEDYITDRSQRFMASEIIREKLMRFLGAELPYSVTVEIERFVSNERGGYDINGLILVEREGQK
KMVIGNKGAKIKTIGIEARKDMQEMFEAPVHLELWVKVKSGWADDERALRSL
;
X ? 
# 
loop_
_entity_poly_seq.entity_id 
_entity_poly_seq.num 
_entity_poly_seq.mon_id 
_entity_poly_seq.hetero 
1 1   C   n 
1 2   G   n 
1 3   A   n 
1 4   U   n 
1 5   G   n 
1 6   G   n 
1 7   C   n 
1 8   G   n 
1 9   A   n 
1 10  A   n 
1 11  G   n 
2 1   C   n 
2 2   U   n 
2 3   A   n 
2 4   G   n 
2 5   G   n 
2 6   U   n 
2 7   C   n 
2 8   U   n 
2 9   C   n 
2 10  U   n 
2 11  G   n 
2 12  G   n 
2 13  G   n 
2 14  U   n 
2 15  C   n 
2 16  U   n 
2 17  C   n 
2 18  C   n 
2 19  U   n 
2 20  G   n 
2 21  G   n 
2 22  G   n 
2 23  G   n 
2 24  G   n 
2 25  C   n 
2 26  C   n 
2 27  G   n 
2 28  A   n 
2 29  A   n 
2 30  G   n 
2 31  C   n 
3 1   U   n 
3 2   U   n 
3 3   C   n 
3 4   C   n 
3 5   C   n 
3 6   G   n 
3 7   G   n 
3 8   G   n 
3 9   C   n 
3 10  C   n 
3 11  U   n 
3 12  G   n 
3 13  G   n 
3 14  G   n 
3 15  G   n 
3 16  C   n 
3 17  C   n 
3 18  C   n 
3 19  G   n 
3 20  C   n 
4 1   U   n 
4 2   G   n 
4 3   U   n 
4 4   U   n 
4 5   G   n 
4 6   G   n 
4 7   G   n 
4 8   U   n 
4 9   U   n 
4 10  A   n 
4 11  A   n 
4 12  G   n 
4 13  U   n 
4 14  C   n 
4 15  C   n 
4 16  C   n 
4 17  G   n 
4 18  C   n 
4 19  A   n 
4 20  A   n 
4 21  C   n 
4 22  G   n 
4 23  A   n 
4 24  G   n 
5 1   VAL n 
5 2   LYS n 
5 3   GLU n 
5 4   LEU n 
5 5   LEU n 
5 6   GLU n 
5 7   ALA n 
5 8   GLY n 
5 9   VAL n 
5 10  HIS n 
5 11  PHE n 
5 12  GLY n 
5 13  HIS n 
5 14  GLU n 
5 15  ARG n 
5 16  LYS n 
5 17  ARG n 
5 18  TRP n 
5 19  ASN n 
5 20  PRO n 
5 21  LYS n 
5 22  PHE n 
5 23  ALA n 
5 24  ARG n 
5 25  TYR n 
5 26  ILE n 
5 27  TYR n 
5 28  ALA n 
5 29  GLU n 
5 30  ARG n 
5 31  ASN n 
5 32  GLY n 
5 33  ILE n 
5 34  HIS n 
5 35  ILE n 
5 36  ILE n 
5 37  ASP n 
5 38  LEU n 
5 39  GLN n 
5 40  LYS n 
5 41  THR n 
5 42  MET n 
5 43  GLU n 
5 44  GLU n 
5 45  LEU n 
5 46  GLU n 
5 47  ARG n 
5 48  THR n 
5 49  PHE n 
5 50  ARG n 
5 51  PHE n 
5 52  ILE n 
5 53  GLU n 
5 54  ASP n 
5 55  LEU n 
5 56  ALA n 
5 57  MET n 
5 58  ARG n 
5 59  GLY n 
5 60  GLY n 
5 61  THR n 
5 62  ILE n 
5 63  LEU n 
5 64  PHE n 
5 65  VAL n 
5 66  GLY n 
5 67  THR n 
5 68  LYS n 
5 69  LYS n 
5 70  GLN n 
5 71  ALA n 
5 72  GLN n 
5 73  ASP n 
5 74  ILE n 
5 75  VAL n 
5 76  ARG n 
5 77  MET n 
5 78  GLU n 
5 79  ALA n 
5 80  GLU n 
5 81  ARG n 
5 82  ALA n 
5 83  GLY n 
5 84  MET n 
5 85  PRO n 
5 86  TYR n 
5 87  VAL n 
5 88  ASN n 
5 89  GLN n 
5 90  ARG n 
5 91  TRP n 
5 92  LEU n 
5 93  GLY n 
5 94  GLY n 
5 95  MET n 
5 96  LEU n 
5 97  THR n 
5 98  ASN n 
5 99  PHE n 
5 100 LYS n 
5 101 THR n 
5 102 ILE n 
5 103 GLN n 
5 104 ARG n 
5 105 VAL n 
5 106 HIS n 
5 107 ARG n 
5 108 LEU n 
5 109 GLU n 
5 110 GLU n 
5 111 LEU n 
5 112 GLU n 
5 113 ALA n 
5 114 LEU n 
5 115 PHE n 
5 116 ALA n 
5 117 SER n 
5 118 PRO n 
5 119 GLU n 
5 120 ILE n 
5 121 GLU n 
5 122 GLU n 
5 123 ARG n 
5 124 PRO n 
5 125 LYS n 
5 126 LYS n 
5 127 GLU n 
5 128 GLN n 
5 129 ARG n 
5 130 LEU n 
5 131 HIS n 
5 132 GLU n 
5 133 LEU n 
5 134 GLU n 
5 135 ARG n 
5 136 LEU n 
5 137 GLN n 
5 138 LYS n 
5 139 TYR n 
5 140 LEU n 
5 141 SER n 
5 142 GLY n 
5 143 PHE n 
5 144 ARG n 
5 145 LEU n 
5 146 LEU n 
5 147 LYS n 
5 148 ARG n 
5 149 LEU n 
5 150 PRO n 
5 151 ASP n 
5 152 ALA n 
5 153 ILE n 
5 154 PHE n 
5 155 VAL n 
5 156 VAL n 
5 157 ASP n 
5 158 PRO n 
5 159 THR n 
5 160 LYS n 
5 161 GLU n 
5 162 ALA n 
5 163 ILE n 
5 164 ALA n 
5 165 VAL n 
5 166 ARG n 
5 167 GLU n 
5 168 ALA n 
5 169 ARG n 
5 170 LYS n 
5 171 LEU n 
5 172 PHE n 
5 173 ILE n 
5 174 PRO n 
5 175 VAL n 
5 176 ILE n 
5 177 ALA n 
5 178 LEU n 
5 179 ALA n 
5 180 ASP n 
5 181 THR n 
5 182 ASP n 
5 183 SER n 
5 184 ASP n 
5 185 PRO n 
5 186 ASP n 
5 187 LEU n 
5 188 VAL n 
5 189 ASP n 
5 190 TYR n 
5 191 ILE n 
5 192 ILE n 
5 193 PRO n 
5 194 GLY n 
5 195 ASN n 
5 196 ASP n 
5 197 ASP n 
5 198 ALA n 
5 199 ILE n 
5 200 ARG n 
5 201 SER n 
5 202 ILE n 
5 203 GLN n 
5 204 LEU n 
5 205 ILE n 
5 206 LEU n 
5 207 SER n 
5 208 ARG n 
5 209 ALA n 
5 210 VAL n 
5 211 ASP n 
5 212 LEU n 
5 213 ILE n 
5 214 ILE n 
5 215 GLN n 
5 216 ALA n 
5 217 ARG n 
5 218 GLY n 
5 219 GLY n 
5 220 VAL n 
5 221 VAL n 
5 222 GLU n 
5 223 PRO n 
5 224 SER n 
5 225 PRO n 
5 226 SER n 
5 227 TYR n 
5 228 ALA n 
5 229 LEU n 
5 230 VAL n 
5 231 GLN n 
6 1   ALA n 
6 2   ARG n 
6 3   ARG n 
6 4   ARG n 
6 5   ARG n 
6 6   ALA n 
6 7   GLU n 
6 8   VAL n 
6 9   ARG n 
6 10  GLN n 
6 11  LEU n 
6 12  GLN n 
6 13  PRO n 
6 14  ASP n 
6 15  LEU n 
6 16  VAL n 
6 17  TYR n 
6 18  GLY n 
6 19  ASP n 
6 20  VAL n 
6 21  LEU n 
6 22  VAL n 
6 23  THR n 
6 24  ALA n 
6 25  PHE n 
6 26  ILE n 
6 27  ASN n 
6 28  LYS n 
6 29  ILE n 
6 30  MET n 
6 31  ARG n 
6 32  ASP n 
6 33  GLY n 
6 34  LYS n 
6 35  LYS n 
6 36  ASN n 
6 37  LEU n 
6 38  ALA n 
6 39  ALA n 
6 40  ARG n 
6 41  ILE n 
6 42  PHE n 
6 43  TYR n 
6 44  ASP n 
6 45  ALA n 
6 46  CYS n 
6 47  LYS n 
6 48  ILE n 
6 49  ILE n 
6 50  GLN n 
6 51  GLU n 
6 52  LYS n 
6 53  THR n 
6 54  GLY n 
6 55  GLN n 
6 56  GLU n 
6 57  PRO n 
6 58  LEU n 
6 59  LYS n 
6 60  VAL n 
6 61  PHE n 
6 62  LYS n 
6 63  GLN n 
6 64  ALA n 
6 65  VAL n 
6 66  GLU n 
6 67  ASN n 
6 68  VAL n 
6 69  LYS n 
6 70  PRO n 
6 71  ARG n 
6 72  MET n 
6 73  GLU n 
6 74  VAL n 
6 75  ARG n 
6 76  SER n 
6 77  ARG n 
6 78  ARG n 
6 79  VAL n 
6 80  GLY n 
6 81  GLY n 
6 82  ALA n 
6 83  ASN n 
6 84  TYR n 
6 85  GLN n 
6 86  VAL n 
6 87  PRO n 
6 88  MET n 
6 89  GLU n 
6 90  VAL n 
6 91  SER n 
6 92  ARG n 
6 93  ARG n 
6 94  GLN n 
6 95  GLN n 
6 96  SER n 
6 97  LEU n 
6 98  ALA n 
6 99  LEU n 
6 100 ARG n 
6 101 TRP n 
6 102 LEU n 
6 103 VAL n 
6 104 GLN n 
6 105 ALA n 
6 106 ALA n 
6 107 ASN n 
6 108 GLN n 
6 109 ARG n 
6 110 PRO n 
6 111 GLU n 
6 112 ARG n 
6 113 ARG n 
6 114 ALA n 
6 115 ALA n 
6 116 VAL n 
6 117 ARG n 
6 118 ILE n 
6 119 ALA n 
6 120 HIS n 
6 121 GLU n 
6 122 LEU n 
6 123 MET n 
6 124 ASP n 
6 125 ALA n 
6 126 ALA n 
6 127 GLU n 
6 128 GLY n 
6 129 LYS n 
6 130 GLY n 
6 131 GLY n 
6 132 ALA n 
6 133 VAL n 
6 134 LYS n 
6 135 LYS n 
6 136 LYS n 
6 137 GLU n 
6 138 ASP n 
6 139 VAL n 
6 140 GLU n 
6 141 ARG n 
6 142 MET n 
6 143 ALA n 
6 144 GLU n 
6 145 ALA n 
6 146 ASN n 
6 147 ARG n 
6 148 ALA n 
6 149 TYR n 
6 150 ALA n 
6 151 HIS n 
6 152 TYR n 
6 153 ARG n 
6 154 TRP n 
7 1   LYS n 
7 2   ARG n 
7 3   GLN n 
7 4   VAL n 
7 5   ALA n 
7 6   SER n 
7 7   GLY n 
7 8   ARG n 
7 9   ALA n 
7 10  TYR n 
7 11  ILE n 
7 12  HIS n 
7 13  ALA n 
7 14  SER n 
7 15  TYR n 
7 16  ASN n 
7 17  ASN n 
7 18  THR n 
7 19  ILE n 
7 20  VAL n 
7 21  THR n 
7 22  ILE n 
7 23  THR n 
7 24  ASP n 
7 25  PRO n 
7 26  ASP n 
7 27  GLY n 
7 28  ASN n 
7 29  PRO n 
7 30  ILE n 
7 31  THR n 
7 32  TRP n 
7 33  SER n 
7 34  SER n 
7 35  GLY n 
7 36  GLY n 
7 37  VAL n 
7 38  ILE n 
7 39  GLY n 
7 40  TYR n 
7 41  LYS n 
7 42  GLY n 
7 43  SER n 
7 44  ARG n 
7 45  LYS n 
7 46  GLY n 
7 47  THR n 
7 48  PRO n 
7 49  TYR n 
7 50  ALA n 
7 51  ALA n 
7 52  GLN n 
7 53  LEU n 
7 54  ALA n 
7 55  ALA n 
7 56  LEU n 
7 57  ASP n 
7 58  ALA n 
7 59  ALA n 
7 60  LYS n 
7 61  LYS n 
7 62  ALA n 
7 63  MET n 
7 64  ALA n 
7 65  TYR n 
7 66  GLY n 
7 67  MET n 
7 68  GLN n 
7 69  SER n 
7 70  VAL n 
7 71  ASP n 
7 72  VAL n 
7 73  ILE n 
7 74  VAL n 
7 75  ARG n 
7 76  GLY n 
7 77  THR n 
7 78  GLY n 
7 79  ALA n 
7 80  GLY n 
7 81  ARG n 
7 82  GLU n 
7 83  GLN n 
7 84  ALA n 
7 85  ILE n 
7 86  ARG n 
7 87  ALA n 
7 88  LEU n 
7 89  GLN n 
7 90  ALA n 
7 91  SER n 
7 92  GLY n 
7 93  LEU n 
7 94  GLN n 
7 95  VAL n 
7 96  LYS n 
7 97  SER n 
7 98  ILE n 
7 99  VAL n 
7 100 ASP n 
7 101 ASP n 
7 102 THR n 
7 103 PRO n 
7 104 VAL n 
7 105 PRO n 
7 106 HIS n 
7 107 ASN n 
7 108 GLY n 
7 109 CYS n 
7 110 ARG n 
7 111 PRO n 
7 112 LYS n 
7 113 LYS n 
7 114 LYS n 
7 115 PHE n 
7 116 ARG n 
7 117 LYS n 
7 118 ALA n 
7 119 SER n 
8 1   PRO n 
8 2   SER n 
8 3   ARG n 
8 4   LYS n 
8 5   ALA n 
8 6   LYS n 
8 7   VAL n 
8 8   LYS n 
8 9   ALA n 
8 10  THR n 
8 11  LEU n 
8 12  GLY n 
8 13  GLU n 
8 14  PHE n 
8 15  ASP n 
8 16  LEU n 
8 17  ARG n 
8 18  ASP n 
8 19  TYR n 
8 20  ARG n 
8 21  ASN n 
8 22  VAL n 
8 23  GLU n 
8 24  VAL n 
8 25  LEU n 
8 26  LYS n 
8 27  ARG n 
8 28  PHE n 
8 29  LEU n 
8 30  SER n 
8 31  GLU n 
8 32  THR n 
8 33  GLY n 
8 34  LYS n 
8 35  ILE n 
8 36  LEU n 
8 37  PRO n 
8 38  ARG n 
8 39  ARG n 
8 40  ARG n 
8 41  THR n 
8 42  GLY n 
8 43  LEU n 
8 44  SER n 
8 45  GLY n 
8 46  LYS n 
8 47  GLU n 
8 48  GLN n 
8 49  ARG n 
8 50  ILE n 
8 51  LEU n 
8 52  ALA n 
8 53  LYS n 
8 54  THR n 
8 55  ILE n 
8 56  LYS n 
8 57  ARG n 
8 58  ALA n 
8 59  ARG n 
8 60  ILE n 
8 61  LEU n 
8 62  GLY n 
8 63  LEU n 
8 64  LEU n 
8 65  PRO n 
8 66  PHE n 
8 67  THR n 
8 68  GLU n 
8 69  LYS n 
8 70  LEU n 
8 71  VAL n 
8 72  ARG n 
8 73  LYS n 
9 1   ASP n 
9 2   LYS n 
9 3   SER n 
9 4   TYR n 
9 5   CYS n 
9 6   GLY n 
9 7   PHE n 
9 8   ILE n 
9 9   ALA n 
9 10  ILE n 
9 11  VAL n 
9 12  GLY n 
9 13  ARG n 
9 14  PRO n 
9 15  ASN n 
9 16  VAL n 
9 17  GLY n 
9 18  LYS n 
9 19  SER n 
9 20  THR n 
9 21  LEU n 
9 22  LEU n 
9 23  ASN n 
9 24  LYS n 
9 25  LEU n 
9 26  LEU n 
9 27  GLY n 
9 28  GLN n 
9 29  LYS n 
9 30  ILE n 
9 31  SER n 
9 32  ILE n 
9 33  THR n 
9 34  SER n 
9 35  ARG n 
9 36  LYS n 
9 37  ALA n 
9 38  GLN n 
9 39  THR n 
9 40  THR n 
9 41  ARG n 
9 42  HIS n 
9 43  ARG n 
9 44  ILE n 
9 45  VAL n 
9 46  GLY n 
9 47  ILE n 
9 48  HIS n 
9 49  THR n 
9 50  GLU n 
9 51  GLY n 
9 52  ALA n 
9 53  TYR n 
9 54  GLN n 
9 55  ALA n 
9 56  ILE n 
9 57  TYR n 
9 58  VAL n 
9 59  ASP n 
9 60  THR n 
9 61  PRO n 
9 62  GLY n 
9 63  LEU n 
9 64  HIS n 
9 65  MET n 
9 66  GLU n 
9 67  GLU n 
9 68  LYS n 
9 69  ARG n 
9 70  ALA n 
9 71  ILE n 
9 72  ASN n 
9 73  ARG n 
9 74  LEU n 
9 75  MET n 
9 76  ASN n 
9 77  LYS n 
9 78  ALA n 
9 79  ALA n 
9 80  SER n 
9 81  SER n 
9 82  SER n 
9 83  ILE n 
9 84  GLY n 
9 85  ASP n 
9 86  VAL n 
9 87  GLU n 
9 88  LEU n 
9 89  VAL n 
9 90  ILE n 
9 91  PHE n 
9 92  VAL n 
9 93  VAL n 
9 94  GLU n 
9 95  GLY n 
9 96  THR n 
9 97  ARG n 
9 98  TRP n 
9 99  THR n 
9 100 PRO n 
9 101 ASP n 
9 102 ASP n 
9 103 GLU n 
9 104 MET n 
9 105 VAL n 
9 106 LEU n 
9 107 ASN n 
9 108 LYS n 
9 109 LEU n 
9 110 ARG n 
9 111 GLU n 
9 112 GLY n 
9 113 LYS n 
9 114 ALA n 
9 115 PRO n 
9 116 VAL n 
9 117 ILE n 
9 118 LEU n 
9 119 ALA n 
9 120 VAL n 
9 121 ASN n 
9 122 LYS n 
9 123 VAL n 
9 124 ASP n 
9 125 ASN n 
9 126 VAL n 
9 127 GLN n 
9 128 GLU n 
9 129 LYS n 
9 130 ALA n 
9 131 ASP n 
9 132 LEU n 
9 133 LEU n 
9 134 PRO n 
9 135 HIS n 
9 136 LEU n 
9 137 GLN n 
9 138 PHE n 
9 139 LEU n 
9 140 ALA n 
9 141 SER n 
9 142 GLN n 
9 143 MET n 
9 144 ASN n 
9 145 PHE n 
9 146 LEU n 
9 147 ASP n 
9 148 ILE n 
9 149 VAL n 
9 150 PRO n 
9 151 ILE n 
9 152 SER n 
9 153 ALA n 
9 154 GLU n 
9 155 THR n 
9 156 GLY n 
9 157 LEU n 
9 158 ASN n 
9 159 VAL n 
9 160 ASP n 
9 161 THR n 
9 162 ILE n 
9 163 ALA n 
9 164 ALA n 
9 165 ILE n 
9 166 VAL n 
9 167 ARG n 
9 168 LYS n 
9 169 HIS n 
9 170 LEU n 
9 171 PRO n 
9 172 GLU n 
9 173 ALA n 
9 174 THR n 
9 175 HIS n 
9 176 HIS n 
9 177 PHE n 
9 178 PRO n 
9 179 GLU n 
9 180 ASP n 
9 181 TYR n 
9 182 ILE n 
9 183 THR n 
9 184 ASP n 
9 185 ARG n 
9 186 SER n 
9 187 GLN n 
9 188 ARG n 
9 189 PHE n 
9 190 MET n 
9 191 ALA n 
9 192 SER n 
9 193 GLU n 
9 194 ILE n 
9 195 ILE n 
9 196 ARG n 
9 197 GLU n 
9 198 LYS n 
9 199 LEU n 
9 200 MET n 
9 201 ARG n 
9 202 PHE n 
9 203 LEU n 
9 204 GLY n 
9 205 ALA n 
9 206 GLU n 
9 207 LEU n 
9 208 PRO n 
9 209 TYR n 
9 210 SER n 
9 211 VAL n 
9 212 THR n 
9 213 VAL n 
9 214 GLU n 
9 215 ILE n 
9 216 GLU n 
9 217 ARG n 
9 218 PHE n 
9 219 VAL n 
9 220 SER n 
9 221 ASN n 
9 222 GLU n 
9 223 ARG n 
9 224 GLY n 
9 225 GLY n 
9 226 TYR n 
9 227 ASP n 
9 228 ILE n 
9 229 ASN n 
9 230 GLY n 
9 231 LEU n 
9 232 ILE n 
9 233 LEU n 
9 234 VAL n 
9 235 GLU n 
9 236 ARG n 
9 237 GLU n 
9 238 GLY n 
9 239 GLN n 
9 240 LYS n 
9 241 LYS n 
9 242 MET n 
9 243 VAL n 
9 244 ILE n 
9 245 GLY n 
9 246 ASN n 
9 247 LYS n 
9 248 GLY n 
9 249 ALA n 
9 250 LYS n 
9 251 ILE n 
9 252 LYS n 
9 253 THR n 
9 254 ILE n 
9 255 GLY n 
9 256 ILE n 
9 257 GLU n 
9 258 ALA n 
9 259 ARG n 
9 260 LYS n 
9 261 ASP n 
9 262 MET n 
9 263 GLN n 
9 264 GLU n 
9 265 MET n 
9 266 PHE n 
9 267 GLU n 
9 268 ALA n 
9 269 PRO n 
9 270 VAL n 
9 271 HIS n 
9 272 LEU n 
9 273 GLU n 
9 274 LEU n 
9 275 TRP n 
9 276 VAL n 
9 277 LYS n 
9 278 VAL n 
9 279 LYS n 
9 280 SER n 
9 281 GLY n 
9 282 TRP n 
9 283 ALA n 
9 284 ASP n 
9 285 ASP n 
9 286 GLU n 
9 287 ARG n 
9 288 ALA n 
9 289 LEU n 
9 290 ARG n 
9 291 SER n 
9 292 LEU n 
# 
_entity_src_gen.entity_id                          9 
_entity_src_gen.pdbx_src_id                        1 
_entity_src_gen.pdbx_alt_source_flag               sample 
_entity_src_gen.pdbx_seq_type                      ? 
_entity_src_gen.pdbx_beg_seq_num                   ? 
_entity_src_gen.pdbx_end_seq_num                   ? 
_entity_src_gen.gene_src_common_name               ? 
_entity_src_gen.gene_src_genus                     ? 
_entity_src_gen.pdbx_gene_src_gene                 ? 
_entity_src_gen.gene_src_species                   ? 
_entity_src_gen.gene_src_strain                    ? 
_entity_src_gen.gene_src_tissue                    ? 
_entity_src_gen.gene_src_tissue_fraction           ? 
_entity_src_gen.gene_src_details                   ? 
_entity_src_gen.pdbx_gene_src_fragment             ? 
_entity_src_gen.pdbx_gene_src_scientific_name      'Thermus thermophilus' 
_entity_src_gen.pdbx_gene_src_ncbi_taxonomy_id     274 
_entity_src_gen.pdbx_gene_src_variant              ? 
_entity_src_gen.pdbx_gene_src_cell_line            ? 
_entity_src_gen.pdbx_gene_src_atcc                 ? 
_entity_src_gen.pdbx_gene_src_organ                ? 
_entity_src_gen.pdbx_gene_src_organelle            ? 
_entity_src_gen.pdbx_gene_src_cell                 ? 
_entity_src_gen.pdbx_gene_src_cellular_location    ? 
_entity_src_gen.host_org_common_name               ? 
_entity_src_gen.pdbx_host_org_scientific_name      'Escherichia coli' 
_entity_src_gen.pdbx_host_org_ncbi_taxonomy_id     469008 
_entity_src_gen.host_org_genus                     ? 
_entity_src_gen.pdbx_host_org_gene                 ? 
_entity_src_gen.pdbx_host_org_organ                ? 
_entity_src_gen.host_org_species                   ? 
_entity_src_gen.pdbx_host_org_tissue               ? 
_entity_src_gen.pdbx_host_org_tissue_fraction      ? 
_entity_src_gen.pdbx_host_org_strain               'BL21(DE3)' 
_entity_src_gen.pdbx_host_org_variant              ? 
_entity_src_gen.pdbx_host_org_cell_line            ? 
_entity_src_gen.pdbx_host_org_atcc                 ? 
_entity_src_gen.pdbx_host_org_culture_collection   ? 
_entity_src_gen.pdbx_host_org_cell                 ? 
_entity_src_gen.pdbx_host_org_organelle            ? 
_entity_src_gen.pdbx_host_org_cellular_location    ? 
_entity_src_gen.pdbx_host_org_vector_type          plasmid 
_entity_src_gen.pdbx_host_org_vector               ? 
_entity_src_gen.host_org_details                   ? 
_entity_src_gen.expression_system_id               ? 
_entity_src_gen.plasmid_name                       pET11b 
_entity_src_gen.plasmid_details                    ? 
_entity_src_gen.pdbx_description                   ? 
# 
loop_
_entity_src_nat.entity_id 
_entity_src_nat.pdbx_src_id 
_entity_src_nat.pdbx_alt_source_flag 
_entity_src_nat.pdbx_beg_seq_num 
_entity_src_nat.pdbx_end_seq_num 
_entity_src_nat.common_name 
_entity_src_nat.pdbx_organism_scientific 
_entity_src_nat.pdbx_ncbi_taxonomy_id 
_entity_src_nat.genus 
_entity_src_nat.species 
_entity_src_nat.strain 
_entity_src_nat.tissue 
_entity_src_nat.tissue_fraction 
_entity_src_nat.pdbx_secretion 
_entity_src_nat.pdbx_fragment 
_entity_src_nat.pdbx_variant 
_entity_src_nat.pdbx_cell_line 
_entity_src_nat.pdbx_atcc 
_entity_src_nat.pdbx_cellular_location 
_entity_src_nat.pdbx_organ 
_entity_src_nat.pdbx_organelle 
_entity_src_nat.pdbx_cell 
_entity_src_nat.pdbx_plasmid_name 
_entity_src_nat.pdbx_plasmid_details 
_entity_src_nat.details 
1 1 sample ? ? ? 'Thermus thermophilus' 274 Thermus ? ? ? ? ? ? ? ? ? ? ? ? ? ? ? ? 
2 1 sample ? ? ? 'Thermus thermophilus' 274 Thermus ? ? ? ? ? ? ? ? ? ? ? ? ? ? ? ? 
3 1 sample ? ? ? 'Thermus thermophilus' 274 Thermus ? ? ? ? ? ? ? ? ? ? ? ? ? ? ? ? 
4 1 sample ? ? ? 'Thermus thermophilus' 274 Thermus ? ? ? ? ? ? ? ? ? ? ? ? ? ? ? ? 
5 1 sample ? ? ? 'Thermus thermophilus' 274 Thermus ? ? ? ? ? ? ? ? ? ? ? ? ? ? ? ? 
6 1 sample ? ? ? 'Thermus thermophilus' 274 Thermus ? ? ? ? ? ? ? ? ? ? ? ? ? ? ? ? 
7 1 sample ? ? ? 'Thermus thermophilus' 274 Thermus ? ? ? ? ? ? ? ? ? ? ? ? ? ? ? ? 
8 1 sample ? ? ? 'Thermus thermophilus' 274 Thermus ? ? ? ? ? ? ? ? ? ? ? ? ? ? ? ? 
# 
loop_
_chem_comp.id 
_chem_comp.type 
_chem_comp.mon_nstd_flag 
_chem_comp.name 
_chem_comp.pdbx_synonyms 
_chem_comp.formula 
_chem_comp.formula_weight 
A   'RNA linking'       y "ADENOSINE-5'-MONOPHOSPHATE" ? 'C10 H14 N5 O7 P' 347.221 
ALA 'L-peptide linking' y ALANINE                      ? 'C3 H7 N O2'      89.093  
ARG 'L-peptide linking' y ARGININE                     ? 'C6 H15 N4 O2 1'  175.209 
ASN 'L-peptide linking' y ASPARAGINE                   ? 'C4 H8 N2 O3'     132.118 
ASP 'L-peptide linking' y 'ASPARTIC ACID'              ? 'C4 H7 N O4'      133.103 
C   'RNA linking'       y "CYTIDINE-5'-MONOPHOSPHATE"  ? 'C9 H14 N3 O8 P'  323.197 
CYS 'L-peptide linking' y CYSTEINE                     ? 'C3 H7 N O2 S'    121.158 
G   'RNA linking'       y "GUANOSINE-5'-MONOPHOSPHATE" ? 'C10 H14 N5 O8 P' 363.221 
GLN 'L-peptide linking' y GLUTAMINE                    ? 'C5 H10 N2 O3'    146.144 
GLU 'L-peptide linking' y 'GLUTAMIC ACID'              ? 'C5 H9 N O4'      147.129 
GLY 'peptide linking'   y GLYCINE                      ? 'C2 H5 N O2'      75.067  
HIS 'L-peptide linking' y HISTIDINE                    ? 'C6 H10 N3 O2 1'  156.162 
ILE 'L-peptide linking' y ISOLEUCINE                   ? 'C6 H13 N O2'     131.173 
LEU 'L-peptide linking' y LEUCINE                      ? 'C6 H13 N O2'     131.173 
LYS 'L-peptide linking' y LYSINE                       ? 'C6 H15 N2 O2 1'  147.195 
MET 'L-peptide linking' y METHIONINE                   ? 'C5 H11 N O2 S'   149.211 
PHE 'L-peptide linking' y PHENYLALANINE                ? 'C9 H11 N O2'     165.189 
PRO 'L-peptide linking' y PROLINE                      ? 'C5 H9 N O2'      115.130 
SER 'L-peptide linking' y SERINE                       ? 'C3 H7 N O3'      105.093 
THR 'L-peptide linking' y THREONINE                    ? 'C4 H9 N O3'      119.119 
TRP 'L-peptide linking' y TRYPTOPHAN                   ? 'C11 H12 N2 O2'   204.225 
TYR 'L-peptide linking' y TYROSINE                     ? 'C9 H11 N O3'     181.189 
U   'RNA linking'       y "URIDINE-5'-MONOPHOSPHATE"   ? 'C9 H13 N2 O9 P'  324.181 
VAL 'L-peptide linking' y VALINE                       ? 'C5 H11 N O2'     117.146 
# 
loop_
_pdbx_poly_seq_scheme.asym_id 
_pdbx_poly_seq_scheme.entity_id 
_pdbx_poly_seq_scheme.seq_id 
_pdbx_poly_seq_scheme.mon_id 
_pdbx_poly_seq_scheme.ndb_seq_num 
_pdbx_poly_seq_scheme.pdb_seq_num 
_pdbx_poly_seq_scheme.auth_seq_num 
_pdbx_poly_seq_scheme.pdb_mon_id 
_pdbx_poly_seq_scheme.auth_mon_id 
_pdbx_poly_seq_scheme.pdb_strand_id 
_pdbx_poly_seq_scheme.pdb_ins_code 
_pdbx_poly_seq_scheme.hetero 
A 1 1   C   1   720 720 C   C   A . n 
A 1 2   G   2   721 721 G   G   A . n 
A 1 3   A   3   722 722 A   A   A . n 
A 1 4   U   4   723 723 U   U   A . n 
A 1 5   G   5   724 724 G   G   A . n 
A 1 6   G   6   725 725 G   G   A . n 
A 1 7   C   7   726 726 C   C   A . n 
A 1 8   G   8   727 727 G   G   A . n 
A 1 9   A   9   728 728 A   A   A . n 
A 1 10  A   10  729 729 A   A   A . n 
A 1 11  G   11  730 730 G   G   A . n 
B 2 1   C   1   826 826 C   C   B . n 
B 2 2   U   2   827 827 U   U   B . n 
B 2 3   A   3   828 828 A   A   B . n 
B 2 4   G   4   829 829 G   G   B . n 
B 2 5   G   5   830 830 G   G   B . n 
B 2 6   U   6   831 831 U   U   B . n 
B 2 7   C   7   832 832 C   C   B . n 
B 2 8   U   8   833 833 U   U   B . n 
B 2 9   C   9   834 834 C   C   B . n 
B 2 10  U   10  835 835 U   U   B . n 
B 2 11  G   11  836 836 G   G   B . n 
B 2 12  G   12  837 837 G   G   B . n 
B 2 13  G   13  838 838 G   G   B . n 
B 2 14  U   14  839 839 U   U   B . n 
B 2 15  C   15  840 840 C   C   B . n 
B 2 16  U   16  841 841 U   U   B . n 
B 2 17  C   17  848 848 C   C   B . n 
B 2 18  C   18  849 849 C   C   B . n 
B 2 19  U   19  850 850 U   U   B . n 
B 2 20  G   20  851 851 G   G   B . n 
B 2 21  G   21  852 852 G   G   B . n 
B 2 22  G   22  853 853 G   G   B . n 
B 2 23  G   23  854 854 G   G   B . n 
B 2 24  G   24  855 855 G   G   B . n 
B 2 25  C   25  856 856 C   C   B . n 
B 2 26  C   26  857 857 C   C   B . n 
B 2 27  G   27  858 858 G   G   B . n 
B 2 28  A   28  859 859 A   A   B . n 
B 2 29  A   29  860 860 A   A   B . n 
B 2 30  G   30  861 861 G   G   B . n 
B 2 31  C   31  862 862 C   C   B . n 
C 3 1   U   1   380 380 U   U   C . n 
C 3 2   U   2   381 381 U   U   C . n 
C 3 3   C   3   382 382 C   C   C . n 
C 3 4   C   4   383 383 C   C   C . n 
C 3 5   C   5   384 384 C   C   C . n 
C 3 6   G   6   385 385 G   G   C . n 
C 3 7   G   7   386 386 G   G   C . n 
C 3 8   G   8   387 387 G   G   C . n 
C 3 9   C   9   388 388 C   C   C . n 
C 3 10  C   10  389 389 C   C   C . n 
C 3 11  U   11  390 390 U   U   C . n 
C 3 12  G   12  926 926 G   G   C . n 
C 3 13  G   13  927 927 G   G   C . n 
C 3 14  G   14  928 928 G   G   C . n 
C 3 15  G   15  929 929 G   G   C . n 
C 3 16  C   16  930 930 C   C   C . n 
C 3 17  C   17  931 931 C   C   C . n 
C 3 18  C   18  932 932 C   C   C . n 
C 3 19  G   19  933 933 G   G   C . n 
C 3 20  C   20  934 934 C   C   C . n 
D 4 1   U   1   83  83  U   U   D . n 
D 4 2   G   2   84  84  G   G   D . n 
D 4 3   U   3   85  85  U   U   D . n 
D 4 4   U   4   86  86  U   U   D . n 
D 4 5   G   5   87  87  G   G   D . n 
D 4 6   G   6   88  88  G   G   D . n 
D 4 7   G   7   89  89  G   G   D . n 
D 4 8   U   8   90  90  U   U   D . n 
D 4 9   U   9   91  91  U   U   D . n 
D 4 10  A   10  92  92  A   A   D . n 
D 4 11  A   11  93  93  A   A   D . n 
D 4 12  G   12  94  94  G   G   D . n 
D 4 13  U   13  95  95  U   U   D . n 
D 4 14  C   14  96  96  C   C   D . n 
D 4 15  C   15  97  97  C   C   D . n 
D 4 16  C   16  98  98  C   C   D . n 
D 4 17  G   17  99  99  G   G   D . n 
D 4 18  C   18  100 100 C   C   D . n 
D 4 19  A   19  101 101 A   A   D . n 
D 4 20  A   20  102 102 A   A   D . n 
D 4 21  C   21  103 103 C   C   D . n 
D 4 22  G   22  104 104 G   G   D . n 
D 4 23  A   23  105 105 A   A   D . n 
D 4 24  G   24  106 106 G   G   D . n 
E 5 1   VAL 1   7   7   VAL VAL E . n 
E 5 2   LYS 2   8   8   LYS LYS E . n 
E 5 3   GLU 3   9   9   GLU GLU E . n 
E 5 4   LEU 4   10  10  LEU LEU E . n 
E 5 5   LEU 5   11  11  LEU LEU E . n 
E 5 6   GLU 6   12  12  GLU GLU E . n 
E 5 7   ALA 7   13  13  ALA ALA E . n 
E 5 8   GLY 8   14  14  GLY GLY E . n 
E 5 9   VAL 9   15  15  VAL VAL E . n 
E 5 10  HIS 10  16  16  HIS HIS E . n 
E 5 11  PHE 11  17  17  PHE PHE E . n 
E 5 12  GLY 12  18  18  GLY GLY E . n 
E 5 13  HIS 13  19  19  HIS HIS E . n 
E 5 14  GLU 14  20  20  GLU GLU E . n 
E 5 15  ARG 15  21  21  ARG ARG E . n 
E 5 16  LYS 16  22  22  LYS LYS E . n 
E 5 17  ARG 17  23  23  ARG ARG E . n 
E 5 18  TRP 18  24  24  TRP TRP E . n 
E 5 19  ASN 19  25  25  ASN ASN E . n 
E 5 20  PRO 20  26  26  PRO PRO E . n 
E 5 21  LYS 21  27  27  LYS LYS E . n 
E 5 22  PHE 22  28  28  PHE PHE E . n 
E 5 23  ALA 23  29  29  ALA ALA E . n 
E 5 24  ARG 24  30  30  ARG ARG E . n 
E 5 25  TYR 25  31  31  TYR TYR E . n 
E 5 26  ILE 26  32  32  ILE ILE E . n 
E 5 27  TYR 27  33  33  TYR TYR E . n 
E 5 28  ALA 28  34  34  ALA ALA E . n 
E 5 29  GLU 29  35  35  GLU GLU E . n 
E 5 30  ARG 30  36  36  ARG ARG E . n 
E 5 31  ASN 31  37  37  ASN ASN E . n 
E 5 32  GLY 32  38  38  GLY GLY E . n 
E 5 33  ILE 33  39  39  ILE ILE E . n 
E 5 34  HIS 34  40  40  HIS HIS E . n 
E 5 35  ILE 35  41  41  ILE ILE E . n 
E 5 36  ILE 36  42  42  ILE ILE E . n 
E 5 37  ASP 37  43  43  ASP ASP E . n 
E 5 38  LEU 38  44  44  LEU LEU E . n 
E 5 39  GLN 39  45  45  GLN GLN E . n 
E 5 40  LYS 40  46  46  LYS LYS E . n 
E 5 41  THR 41  47  47  THR THR E . n 
E 5 42  MET 42  48  48  MET MET E . n 
E 5 43  GLU 43  49  49  GLU GLU E . n 
E 5 44  GLU 44  50  50  GLU GLU E . n 
E 5 45  LEU 45  51  51  LEU LEU E . n 
E 5 46  GLU 46  52  52  GLU GLU E . n 
E 5 47  ARG 47  53  53  ARG ARG E . n 
E 5 48  THR 48  54  54  THR THR E . n 
E 5 49  PHE 49  55  55  PHE PHE E . n 
E 5 50  ARG 50  56  56  ARG ARG E . n 
E 5 51  PHE 51  57  57  PHE PHE E . n 
E 5 52  ILE 52  58  58  ILE ILE E . n 
E 5 53  GLU 53  59  59  GLU GLU E . n 
E 5 54  ASP 54  60  60  ASP ASP E . n 
E 5 55  LEU 55  61  61  LEU LEU E . n 
E 5 56  ALA 56  62  62  ALA ALA E . n 
E 5 57  MET 57  63  63  MET MET E . n 
E 5 58  ARG 58  64  64  ARG ARG E . n 
E 5 59  GLY 59  65  65  GLY GLY E . n 
E 5 60  GLY 60  66  66  GLY GLY E . n 
E 5 61  THR 61  67  67  THR THR E . n 
E 5 62  ILE 62  68  68  ILE ILE E . n 
E 5 63  LEU 63  69  69  LEU LEU E . n 
E 5 64  PHE 64  70  70  PHE PHE E . n 
E 5 65  VAL 65  71  71  VAL VAL E . n 
E 5 66  GLY 66  72  72  GLY GLY E . n 
E 5 67  THR 67  73  73  THR THR E . n 
E 5 68  LYS 68  74  74  LYS LYS E . n 
E 5 69  LYS 69  75  75  LYS LYS E . n 
E 5 70  GLN 70  76  76  GLN GLN E . n 
E 5 71  ALA 71  77  77  ALA ALA E . n 
E 5 72  GLN 72  78  78  GLN GLN E . n 
E 5 73  ASP 73  79  79  ASP ASP E . n 
E 5 74  ILE 74  80  80  ILE ILE E . n 
E 5 75  VAL 75  81  81  VAL VAL E . n 
E 5 76  ARG 76  82  82  ARG ARG E . n 
E 5 77  MET 77  83  83  MET MET E . n 
E 5 78  GLU 78  84  84  GLU GLU E . n 
E 5 79  ALA 79  85  85  ALA ALA E . n 
E 5 80  GLU 80  86  86  GLU GLU E . n 
E 5 81  ARG 81  87  87  ARG ARG E . n 
E 5 82  ALA 82  88  88  ALA ALA E . n 
E 5 83  GLY 83  89  89  GLY GLY E . n 
E 5 84  MET 84  90  90  MET MET E . n 
E 5 85  PRO 85  91  91  PRO PRO E . n 
E 5 86  TYR 86  92  92  TYR TYR E . n 
E 5 87  VAL 87  93  93  VAL VAL E . n 
E 5 88  ASN 88  94  94  ASN ASN E . n 
E 5 89  GLN 89  95  95  GLN GLN E . n 
E 5 90  ARG 90  96  96  ARG ARG E . n 
E 5 91  TRP 91  97  97  TRP TRP E . n 
E 5 92  LEU 92  98  98  LEU LEU E . n 
E 5 93  GLY 93  99  99  GLY GLY E . n 
E 5 94  GLY 94  100 100 GLY GLY E . n 
E 5 95  MET 95  101 101 MET MET E . n 
E 5 96  LEU 96  102 102 LEU LEU E . n 
E 5 97  THR 97  103 103 THR THR E . n 
E 5 98  ASN 98  104 104 ASN ASN E . n 
E 5 99  PHE 99  105 105 PHE PHE E . n 
E 5 100 LYS 100 106 106 LYS LYS E . n 
E 5 101 THR 101 107 107 THR THR E . n 
E 5 102 ILE 102 109 109 ILE ILE E . n 
E 5 103 GLN 103 110 110 GLN GLN E . n 
E 5 104 ARG 104 111 111 ARG ARG E . n 
E 5 105 VAL 105 112 112 VAL VAL E . n 
E 5 106 HIS 106 113 113 HIS HIS E . n 
E 5 107 ARG 107 114 114 ARG ARG E . n 
E 5 108 LEU 108 115 115 LEU LEU E . n 
E 5 109 GLU 109 116 116 GLU GLU E . n 
E 5 110 GLU 110 117 117 GLU GLU E . n 
E 5 111 LEU 111 118 118 LEU LEU E . n 
E 5 112 GLU 112 119 119 GLU GLU E . n 
E 5 113 ALA 113 120 120 ALA ALA E . n 
E 5 114 LEU 114 121 121 LEU LEU E . n 
E 5 115 PHE 115 122 122 PHE PHE E . n 
E 5 116 ALA 116 123 123 ALA ALA E . n 
E 5 117 SER 117 124 124 SER SER E . n 
E 5 118 PRO 118 125 125 PRO PRO E . n 
E 5 119 GLU 119 126 126 GLU GLU E . n 
E 5 120 ILE 120 127 127 ILE ILE E . n 
E 5 121 GLU 121 128 128 GLU GLU E . n 
E 5 122 GLU 122 129 129 GLU GLU E . n 
E 5 123 ARG 123 130 130 ARG ARG E . n 
E 5 124 PRO 124 131 131 PRO PRO E . n 
E 5 125 LYS 125 132 132 LYS LYS E . n 
E 5 126 LYS 126 133 133 LYS LYS E . n 
E 5 127 GLU 127 134 134 GLU GLU E . n 
E 5 128 GLN 128 136 136 GLN GLN E . n 
E 5 129 ARG 129 137 137 ARG ARG E . n 
E 5 130 LEU 130 139 139 LEU LEU E . n 
E 5 131 HIS 131 140 140 HIS HIS E . n 
E 5 132 GLU 132 141 141 GLU GLU E . n 
E 5 133 LEU 133 142 142 LEU LEU E . n 
E 5 134 GLU 134 143 143 GLU GLU E . n 
E 5 135 ARG 135 144 144 ARG ARG E . n 
E 5 136 LEU 136 145 145 LEU LEU E . n 
E 5 137 GLN 137 146 146 GLN GLN E . n 
E 5 138 LYS 138 147 147 LYS LYS E . n 
E 5 139 TYR 139 148 148 TYR TYR E . n 
E 5 140 LEU 140 149 149 LEU LEU E . n 
E 5 141 SER 141 150 150 SER SER E . n 
E 5 142 GLY 142 151 151 GLY GLY E . n 
E 5 143 PHE 143 152 152 PHE PHE E . n 
E 5 144 ARG 144 153 153 ARG ARG E . n 
E 5 145 LEU 145 154 154 LEU LEU E . n 
E 5 146 LEU 146 155 155 LEU LEU E . n 
E 5 147 LYS 147 156 156 LYS LYS E . n 
E 5 148 ARG 148 157 157 ARG ARG E . n 
E 5 149 LEU 149 158 158 LEU LEU E . n 
E 5 150 PRO 150 159 159 PRO PRO E . n 
E 5 151 ASP 151 160 160 ASP ASP E . n 
E 5 152 ALA 152 161 161 ALA ALA E . n 
E 5 153 ILE 153 162 162 ILE ILE E . n 
E 5 154 PHE 154 163 163 PHE PHE E . n 
E 5 155 VAL 155 164 164 VAL VAL E . n 
E 5 156 VAL 156 165 165 VAL VAL E . n 
E 5 157 ASP 157 166 166 ASP ASP E . n 
E 5 158 PRO 158 167 167 PRO PRO E . n 
E 5 159 THR 159 168 168 THR THR E . n 
E 5 160 LYS 160 169 169 LYS LYS E . n 
E 5 161 GLU 161 170 170 GLU GLU E . n 
E 5 162 ALA 162 171 171 ALA ALA E . n 
E 5 163 ILE 163 172 172 ILE ILE E . n 
E 5 164 ALA 164 173 173 ALA ALA E . n 
E 5 165 VAL 165 174 174 VAL VAL E . n 
E 5 166 ARG 166 175 175 ARG ARG E . n 
E 5 167 GLU 167 176 176 GLU GLU E . n 
E 5 168 ALA 168 177 177 ALA ALA E . n 
E 5 169 ARG 169 178 178 ARG ARG E . n 
E 5 170 LYS 170 179 179 LYS LYS E . n 
E 5 171 LEU 171 180 180 LEU LEU E . n 
E 5 172 PHE 172 181 181 PHE PHE E . n 
E 5 173 ILE 173 182 182 ILE ILE E . n 
E 5 174 PRO 174 183 183 PRO PRO E . n 
E 5 175 VAL 175 184 183 VAL PRO E . n 
E 5 176 ILE 176 185 185 ILE ILE E . n 
E 5 177 ALA 177 186 186 ALA ALA E . n 
E 5 178 LEU 178 187 187 LEU LEU E . n 
E 5 179 ALA 179 188 188 ALA ALA E . n 
E 5 180 ASP 180 189 189 ASP ASP E . n 
E 5 181 THR 181 190 190 THR THR E . n 
E 5 182 ASP 182 191 191 ASP ASP E . n 
E 5 183 SER 183 192 192 SER SER E . n 
E 5 184 ASP 184 193 193 ASP ASP E . n 
E 5 185 PRO 185 194 194 PRO PRO E . n 
E 5 186 ASP 186 195 195 ASP ASP E . n 
E 5 187 LEU 187 196 196 LEU LEU E . n 
E 5 188 VAL 188 197 197 VAL VAL E . n 
E 5 189 ASP 189 198 198 ASP ASP E . n 
E 5 190 TYR 190 199 199 TYR TYR E . n 
E 5 191 ILE 191 200 200 ILE ILE E . n 
E 5 192 ILE 192 201 201 ILE ILE E . n 
E 5 193 PRO 193 202 202 PRO PRO E . n 
E 5 194 GLY 194 203 203 GLY GLY E . n 
E 5 195 ASN 195 204 204 ASN ASN E . n 
E 5 196 ASP 196 205 205 ASP ASP E . n 
E 5 197 ASP 197 206 206 ASP ASP E . n 
E 5 198 ALA 198 207 207 ALA ALA E . n 
E 5 199 ILE 199 208 208 ILE ILE E . n 
E 5 200 ARG 200 209 209 ARG ARG E . n 
E 5 201 SER 201 210 210 SER SER E . n 
E 5 202 ILE 202 211 211 ILE ILE E . n 
E 5 203 GLN 203 212 212 GLN GLN E . n 
E 5 204 LEU 204 213 213 LEU LEU E . n 
E 5 205 ILE 205 214 214 ILE ILE E . n 
E 5 206 LEU 206 215 215 LEU LEU E . n 
E 5 207 SER 207 216 216 SER SER E . n 
E 5 208 ARG 208 217 217 ARG ARG E . n 
E 5 209 ALA 209 218 218 ALA ALA E . n 
E 5 210 VAL 210 219 219 VAL VAL E . n 
E 5 211 ASP 211 220 220 ASP ASP E . n 
E 5 212 LEU 212 221 221 LEU LEU E . n 
E 5 213 ILE 213 222 222 ILE ILE E . n 
E 5 214 ILE 214 223 223 ILE ILE E . n 
E 5 215 GLN 215 224 224 GLN GLN E . n 
E 5 216 ALA 216 225 225 ALA ALA E . n 
E 5 217 ARG 217 226 226 ARG ARG E . n 
E 5 218 GLY 218 227 227 GLY GLY E . n 
E 5 219 GLY 219 228 228 GLY GLY E . n 
E 5 220 VAL 220 229 229 VAL VAL E . n 
E 5 221 VAL 221 230 230 VAL VAL E . n 
E 5 222 GLU 222 231 231 GLU GLU E . n 
E 5 223 PRO 223 232 232 PRO PRO E . n 
E 5 224 SER 224 233 233 SER SER E . n 
E 5 225 PRO 225 234 234 PRO PRO E . n 
E 5 226 SER 226 235 235 SER SER E . n 
E 5 227 TYR 227 236 236 TYR TYR E . n 
E 5 228 ALA 228 237 237 ALA ALA E . n 
E 5 229 LEU 229 238 238 LEU LEU E . n 
E 5 230 VAL 230 239 239 VAL VAL E . n 
E 5 231 GLN 231 240 240 GLN GLN E . n 
F 6 1   ALA 1   2   2   ALA ALA F . n 
F 6 2   ARG 2   3   3   ARG ARG F . n 
F 6 3   ARG 3   4   4   ARG ARG F . n 
F 6 4   ARG 4   5   5   ARG ARG F . n 
F 6 5   ARG 5   6   6   ARG ARG F . n 
F 6 6   ALA 6   7   7   ALA ALA F . n 
F 6 7   GLU 7   8   8   GLU GLU F . n 
F 6 8   VAL 8   9   9   VAL VAL F . n 
F 6 9   ARG 9   10  10  ARG ARG F . n 
F 6 10  GLN 10  11  11  GLN GLN F . n 
F 6 11  LEU 11  12  12  LEU LEU F . n 
F 6 12  GLN 12  13  13  GLN GLN F . n 
F 6 13  PRO 13  14  14  PRO PRO F . n 
F 6 14  ASP 14  15  15  ASP ASP F . n 
F 6 15  LEU 15  16  16  LEU LEU F . n 
F 6 16  VAL 16  17  17  VAL VAL F . n 
F 6 17  TYR 17  18  18  TYR TYR F . n 
F 6 18  GLY 18  19  19  GLY GLY F . n 
F 6 19  ASP 19  20  20  ASP ASP F . n 
F 6 20  VAL 20  21  21  VAL VAL F . n 
F 6 21  LEU 21  22  22  LEU LEU F . n 
F 6 22  VAL 22  23  23  VAL VAL F . n 
F 6 23  THR 23  24  24  THR THR F . n 
F 6 24  ALA 24  25  25  ALA ALA F . n 
F 6 25  PHE 25  26  26  PHE PHE F . n 
F 6 26  ILE 26  27  27  ILE ILE F . n 
F 6 27  ASN 27  28  28  ASN ASN F . n 
F 6 28  LYS 28  29  29  LYS LYS F . n 
F 6 29  ILE 29  30  30  ILE ILE F . n 
F 6 30  MET 30  31  31  MET MET F . n 
F 6 31  ARG 31  32  32  ARG ARG F . n 
F 6 32  ASP 32  33  33  ASP ASP F . n 
F 6 33  GLY 33  34  34  GLY GLY F . n 
F 6 34  LYS 34  35  35  LYS LYS F . n 
F 6 35  LYS 35  36  36  LYS LYS F . n 
F 6 36  ASN 36  37  37  ASN ASN F . n 
F 6 37  LEU 37  38  38  LEU LEU F . n 
F 6 38  ALA 38  39  39  ALA ALA F . n 
F 6 39  ALA 39  40  40  ALA ALA F . n 
F 6 40  ARG 40  41  41  ARG ARG F . n 
F 6 41  ILE 41  42  42  ILE ILE F . n 
F 6 42  PHE 42  43  43  PHE PHE F . n 
F 6 43  TYR 43  44  44  TYR TYR F . n 
F 6 44  ASP 44  45  45  ASP ASP F . n 
F 6 45  ALA 45  46  46  ALA ALA F . n 
F 6 46  CYS 46  47  47  CYS CYS F . n 
F 6 47  LYS 47  48  48  LYS LYS F . n 
F 6 48  ILE 48  49  49  ILE ILE F . n 
F 6 49  ILE 49  50  50  ILE ILE F . n 
F 6 50  GLN 50  51  51  GLN GLN F . n 
F 6 51  GLU 51  52  52  GLU GLU F . n 
F 6 52  LYS 52  53  53  LYS LYS F . n 
F 6 53  THR 53  54  54  THR THR F . n 
F 6 54  GLY 54  55  55  GLY GLY F . n 
F 6 55  GLN 55  56  56  GLN GLN F . n 
F 6 56  GLU 56  57  57  GLU GLU F . n 
F 6 57  PRO 57  58  58  PRO PRO F . n 
F 6 58  LEU 58  59  59  LEU LEU F . n 
F 6 59  LYS 59  60  60  LYS LYS F . n 
F 6 60  VAL 60  61  61  VAL VAL F . n 
F 6 61  PHE 61  62  62  PHE PHE F . n 
F 6 62  LYS 62  63  63  LYS LYS F . n 
F 6 63  GLN 63  64  64  GLN GLN F . n 
F 6 64  ALA 64  65  65  ALA ALA F . n 
F 6 65  VAL 65  66  66  VAL VAL F . n 
F 6 66  GLU 66  67  67  GLU GLU F . n 
F 6 67  ASN 67  68  68  ASN ASN F . n 
F 6 68  VAL 68  69  69  VAL VAL F . n 
F 6 69  LYS 69  70  70  LYS LYS F . n 
F 6 70  PRO 70  71  71  PRO PRO F . n 
F 6 71  ARG 71  72  72  ARG ARG F . n 
F 6 72  MET 72  73  73  MET MET F . n 
F 6 73  GLU 73  74  74  GLU GLU F . n 
F 6 74  VAL 74  75  75  VAL VAL F . n 
F 6 75  ARG 75  76  76  ARG ARG F . n 
F 6 76  SER 76  77  77  SER SER F . n 
F 6 77  ARG 77  78  78  ARG ARG F . n 
F 6 78  ARG 78  79  79  ARG ARG F . n 
F 6 79  VAL 79  80  80  VAL VAL F . n 
F 6 80  GLY 80  81  81  GLY GLY F . n 
F 6 81  GLY 81  82  82  GLY GLY F . n 
F 6 82  ALA 82  83  83  ALA ALA F . n 
F 6 83  ASN 83  84  84  ASN ASN F . n 
F 6 84  TYR 84  85  85  TYR TYR F . n 
F 6 85  GLN 85  86  86  GLN GLN F . n 
F 6 86  VAL 86  87  87  VAL VAL F . n 
F 6 87  PRO 87  88  88  PRO PRO F . n 
F 6 88  MET 88  89  89  MET MET F . n 
F 6 89  GLU 89  90  90  GLU GLU F . n 
F 6 90  VAL 90  91  91  VAL VAL F . n 
F 6 91  SER 91  92  93  SER SER F . n 
F 6 92  ARG 92  94  94  ARG ARG F . n 
F 6 93  ARG 93  95  95  ARG ARG F . n 
F 6 94  GLN 94  96  96  GLN GLN F . n 
F 6 95  GLN 95  97  97  GLN GLN F . n 
F 6 96  SER 96  98  98  SER SER F . n 
F 6 97  LEU 97  99  99  LEU LEU F . n 
F 6 98  ALA 98  100 100 ALA ALA F . n 
F 6 99  LEU 99  101 101 LEU LEU F . n 
F 6 100 ARG 100 102 102 ARG ARG F . n 
F 6 101 TRP 101 103 103 TRP TRP F . n 
F 6 102 LEU 102 104 104 LEU LEU F . n 
F 6 103 VAL 103 105 105 VAL VAL F . n 
F 6 104 GLN 104 106 106 GLN GLN F . n 
F 6 105 ALA 105 107 107 ALA ALA F . n 
F 6 106 ALA 106 108 108 ALA ALA F . n 
F 6 107 ASN 107 109 109 ASN ASN F . n 
F 6 108 GLN 108 110 110 GLN GLN F . n 
F 6 109 ARG 109 111 111 ARG ARG F . n 
F 6 110 PRO 110 112 112 PRO PRO F . n 
F 6 111 GLU 111 113 113 GLU GLU F . n 
F 6 112 ARG 112 114 114 ARG ARG F . n 
F 6 113 ARG 113 115 115 ARG ARG F . n 
F 6 114 ALA 114 116 116 ALA ALA F . n 
F 6 115 ALA 115 117 117 ALA ALA F . n 
F 6 116 VAL 116 118 118 VAL VAL F . n 
F 6 117 ARG 117 119 119 ARG ARG F . n 
F 6 118 ILE 118 120 120 ILE ILE F . n 
F 6 119 ALA 119 121 121 ALA ALA F . n 
F 6 120 HIS 120 122 122 HIS HIS F . n 
F 6 121 GLU 121 123 123 GLU GLU F . n 
F 6 122 LEU 122 124 124 LEU LEU F . n 
F 6 123 MET 123 125 125 MET MET F . n 
F 6 124 ASP 124 126 126 ASP ASP F . n 
F 6 125 ALA 125 127 127 ALA ALA F . n 
F 6 126 ALA 126 128 128 ALA ALA F . n 
F 6 127 GLU 127 129 129 GLU GLU F . n 
F 6 128 GLY 128 130 130 GLY GLY F . n 
F 6 129 LYS 129 131 131 LYS LYS F . n 
F 6 130 GLY 130 132 132 GLY GLY F . n 
F 6 131 GLY 131 133 133 GLY GLY F . n 
F 6 132 ALA 132 134 134 ALA ALA F . n 
F 6 133 VAL 133 135 135 VAL VAL F . n 
F 6 134 LYS 134 136 136 LYS LYS F . n 
F 6 135 LYS 135 137 137 LYS LYS F . n 
F 6 136 LYS 136 138 138 LYS LYS F . n 
F 6 137 GLU 137 139 139 GLU GLU F . n 
F 6 138 ASP 138 140 140 ASP ASP F . n 
F 6 139 VAL 139 141 141 VAL VAL F . n 
F 6 140 GLU 140 142 142 GLU GLU F . n 
F 6 141 ARG 141 143 143 ARG ARG F . n 
F 6 142 MET 142 144 144 MET MET F . n 
F 6 143 ALA 143 145 145 ALA ALA F . n 
F 6 144 GLU 144 146 146 GLU GLU F . n 
F 6 145 ALA 145 147 147 ALA ALA F . n 
F 6 146 ASN 146 148 148 ASN ASN F . n 
F 6 147 ARG 147 149 149 ARG ARG F . n 
F 6 148 ALA 148 150 150 ALA ALA F . n 
F 6 149 TYR 149 151 151 TYR TYR F . n 
F 6 150 ALA 150 152 152 ALA ALA F . n 
F 6 151 HIS 151 153 153 HIS HIS F . n 
F 6 152 TYR 152 154 154 TYR TYR F . n 
F 6 153 ARG 153 155 155 ARG ARG F . n 
F 6 154 TRP 154 156 156 TRP TRP F . n 
G 7 1   LYS 1   11  11  LYS LYS G . n 
G 7 2   ARG 2   12  12  ARG ARG G . n 
G 7 3   GLN 3   13  13  GLN GLN G . n 
G 7 4   VAL 4   14  14  VAL VAL G . n 
G 7 5   ALA 5   15  15  ALA ALA G . n 
G 7 6   SER 6   16  16  SER SER G . n 
G 7 7   GLY 7   17  17  GLY GLY G . n 
G 7 8   ARG 8   18  18  ARG ARG G . n 
G 7 9   ALA 9   19  19  ALA ALA G . n 
G 7 10  TYR 10  20  20  TYR TYR G . n 
G 7 11  ILE 11  21  21  ILE ILE G . n 
G 7 12  HIS 12  22  22  HIS HIS G . n 
G 7 13  ALA 13  23  23  ALA ALA G . n 
G 7 14  SER 14  24  24  SER SER G . n 
G 7 15  TYR 15  25  25  TYR TYR G . n 
G 7 16  ASN 16  26  26  ASN ASN G . n 
G 7 17  ASN 17  27  27  ASN ASN G . n 
G 7 18  THR 18  28  28  THR THR G . n 
G 7 19  ILE 19  29  29  ILE ILE G . n 
G 7 20  VAL 20  30  30  VAL VAL G . n 
G 7 21  THR 21  31  31  THR THR G . n 
G 7 22  ILE 22  32  32  ILE ILE G . n 
G 7 23  THR 23  33  33  THR THR G . n 
G 7 24  ASP 24  34  34  ASP ASP G . n 
G 7 25  PRO 25  35  35  PRO PRO G . n 
G 7 26  ASP 26  36  36  ASP ASP G . n 
G 7 27  GLY 27  37  37  GLY GLY G . n 
G 7 28  ASN 28  38  38  ASN ASN G . n 
G 7 29  PRO 29  39  39  PRO PRO G . n 
G 7 30  ILE 30  40  40  ILE ILE G . n 
G 7 31  THR 31  41  41  THR THR G . n 
G 7 32  TRP 32  42  42  TRP TRP G . n 
G 7 33  SER 33  43  43  SER SER G . n 
G 7 34  SER 34  44  44  SER SER G . n 
G 7 35  GLY 35  45  45  GLY GLY G . n 
G 7 36  GLY 36  46  46  GLY GLY G . n 
G 7 37  VAL 37  47  47  VAL VAL G . n 
G 7 38  ILE 38  48  48  ILE ILE G . n 
G 7 39  GLY 39  49  49  GLY GLY G . n 
G 7 40  TYR 40  50  50  TYR TYR G . n 
G 7 41  LYS 41  51  51  LYS LYS G . n 
G 7 42  GLY 42  52  52  GLY GLY G . n 
G 7 43  SER 43  53  53  SER SER G . n 
G 7 44  ARG 44  54  54  ARG ARG G . n 
G 7 45  LYS 45  55  55  LYS LYS G . n 
G 7 46  GLY 46  56  56  GLY GLY G . n 
G 7 47  THR 47  57  57  THR THR G . n 
G 7 48  PRO 48  58  58  PRO PRO G . n 
G 7 49  TYR 49  59  59  TYR TYR G . n 
G 7 50  ALA 50  60  60  ALA ALA G . n 
G 7 51  ALA 51  61  61  ALA ALA G . n 
G 7 52  GLN 52  62  62  GLN GLN G . n 
G 7 53  LEU 53  63  63  LEU LEU G . n 
G 7 54  ALA 54  64  64  ALA ALA G . n 
G 7 55  ALA 55  65  65  ALA ALA G . n 
G 7 56  LEU 56  66  66  LEU LEU G . n 
G 7 57  ASP 57  67  67  ASP ASP G . n 
G 7 58  ALA 58  68  68  ALA ALA G . n 
G 7 59  ALA 59  69  69  ALA ALA G . n 
G 7 60  LYS 60  70  70  LYS LYS G . n 
G 7 61  LYS 61  71  71  LYS LYS G . n 
G 7 62  ALA 62  72  72  ALA ALA G . n 
G 7 63  MET 63  73  73  MET MET G . n 
G 7 64  ALA 64  74  74  ALA ALA G . n 
G 7 65  TYR 65  75  75  TYR TYR G . n 
G 7 66  GLY 66  76  76  GLY GLY G . n 
G 7 67  MET 67  77  77  MET MET G . n 
G 7 68  GLN 68  78  78  GLN GLN G . n 
G 7 69  SER 69  79  79  SER SER G . n 
G 7 70  VAL 70  80  80  VAL VAL G . n 
G 7 71  ASP 71  81  81  ASP ASP G . n 
G 7 72  VAL 72  82  82  VAL VAL G . n 
G 7 73  ILE 73  83  83  ILE ILE G . n 
G 7 74  VAL 74  84  84  VAL VAL G . n 
G 7 75  ARG 75  85  85  ARG ARG G . n 
G 7 76  GLY 76  86  86  GLY GLY G . n 
G 7 77  THR 77  87  87  THR THR G . n 
G 7 78  GLY 78  88  88  GLY GLY G . n 
G 7 79  ALA 79  89  89  ALA ALA G . n 
G 7 80  GLY 80  90  90  GLY GLY G . n 
G 7 81  ARG 81  91  91  ARG ARG G . n 
G 7 82  GLU 82  92  92  GLU GLU G . n 
G 7 83  GLN 83  93  93  GLN GLN G . n 
G 7 84  ALA 84  94  94  ALA ALA G . n 
G 7 85  ILE 85  95  95  ILE ILE G . n 
G 7 86  ARG 86  96  96  ARG ARG G . n 
G 7 87  ALA 87  97  97  ALA ALA G . n 
G 7 88  LEU 88  98  98  LEU LEU G . n 
G 7 89  GLN 89  99  99  GLN GLN G . n 
G 7 90  ALA 90  100 100 ALA ALA G . n 
G 7 91  SER 91  101 101 SER SER G . n 
G 7 92  GLY 92  102 102 GLY GLY G . n 
G 7 93  LEU 93  103 103 LEU LEU G . n 
G 7 94  GLN 94  104 104 GLN GLN G . n 
G 7 95  VAL 95  105 105 VAL VAL G . n 
G 7 96  LYS 96  106 106 LYS LYS G . n 
G 7 97  SER 97  107 107 SER SER G . n 
G 7 98  ILE 98  108 108 ILE ILE G . n 
G 7 99  VAL 99  109 109 VAL VAL G . n 
G 7 100 ASP 100 110 110 ASP ASP G . n 
G 7 101 ASP 101 111 111 ASP ASP G . n 
G 7 102 THR 102 112 112 THR THR G . n 
G 7 103 PRO 103 113 113 PRO PRO G . n 
G 7 104 VAL 104 114 114 VAL VAL G . n 
G 7 105 PRO 105 115 115 PRO PRO G . n 
G 7 106 HIS 106 116 116 HIS HIS G . n 
G 7 107 ASN 107 117 117 ASN ASN G . n 
G 7 108 GLY 108 118 118 GLY GLY G . n 
G 7 109 CYS 109 119 119 CYS CYS G . n 
G 7 110 ARG 110 120 120 ARG ARG G . n 
G 7 111 PRO 111 121 121 PRO PRO G . n 
G 7 112 LYS 112 122 122 LYS LYS G . n 
G 7 113 LYS 113 123 123 LYS LYS G . n 
G 7 114 LYS 114 124 124 LYS LYS G . n 
G 7 115 PHE 115 125 125 PHE PHE G . n 
G 7 116 ARG 116 126 126 ARG ARG G . n 
G 7 117 LYS 117 127 127 LYS LYS G . n 
G 7 118 ALA 118 128 128 ALA ALA G . n 
G 7 119 SER 119 129 129 SER SER G . n 
H 8 1   PRO 1   16  16  PRO PRO H . n 
H 8 2   SER 2   17  17  SER SER H . n 
H 8 3   ARG 3   18  18  ARG ARG H . n 
H 8 4   LYS 4   19  19  LYS LYS H . n 
H 8 5   ALA 5   20  20  ALA ALA H . n 
H 8 6   LYS 6   21  21  LYS LYS H . n 
H 8 7   VAL 7   22  22  VAL VAL H . n 
H 8 8   LYS 8   23  23  LYS LYS H . n 
H 8 9   ALA 9   24  24  ALA ALA H . n 
H 8 10  THR 10  25  25  THR THR H . n 
H 8 11  LEU 11  26  26  LEU LEU H . n 
H 8 12  GLY 12  27  27  GLY GLY H . n 
H 8 13  GLU 13  28  28  GLU GLU H . n 
H 8 14  PHE 14  29  29  PHE PHE H . n 
H 8 15  ASP 15  30  30  ASP ASP H . n 
H 8 16  LEU 16  31  31  LEU LEU H . n 
H 8 17  ARG 17  32  32  ARG ARG H . n 
H 8 18  ASP 18  33  33  ASP ASP H . n 
H 8 19  TYR 19  34  34  TYR TYR H . n 
H 8 20  ARG 20  35  35  ARG ARG H . n 
H 8 21  ASN 21  36  36  ASN ASN H . n 
H 8 22  VAL 22  37  37  VAL VAL H . n 
H 8 23  GLU 23  38  38  GLU GLU H . n 
H 8 24  VAL 24  39  39  VAL VAL H . n 
H 8 25  LEU 25  40  40  LEU LEU H . n 
H 8 26  LYS 26  41  41  LYS LYS H . n 
H 8 27  ARG 27  42  42  ARG ARG H . n 
H 8 28  PHE 28  43  43  PHE PHE H . n 
H 8 29  LEU 29  44  44  LEU LEU H . n 
H 8 30  SER 30  45  45  SER SER H . n 
H 8 31  GLU 31  46  46  GLU GLU H . n 
H 8 32  THR 32  47  47  THR THR H . n 
H 8 33  GLY 33  48  48  GLY GLY H . n 
H 8 34  LYS 34  49  49  LYS LYS H . n 
H 8 35  ILE 35  50  50  ILE ILE H . n 
H 8 36  LEU 36  51  51  LEU LEU H . n 
H 8 37  PRO 37  52  52  PRO PRO H . n 
H 8 38  ARG 38  53  53  ARG ARG H . n 
H 8 39  ARG 39  54  54  ARG ARG H . n 
H 8 40  ARG 40  55  55  ARG ARG H . n 
H 8 41  THR 41  56  56  THR THR H . n 
H 8 42  GLY 42  57  57  GLY GLY H . n 
H 8 43  LEU 43  58  58  LEU LEU H . n 
H 8 44  SER 44  59  59  SER SER H . n 
H 8 45  GLY 45  60  60  GLY GLY H . n 
H 8 46  LYS 46  61  61  LYS LYS H . n 
H 8 47  GLU 47  62  62  GLU GLU H . n 
H 8 48  GLN 48  63  63  GLN GLN H . n 
H 8 49  ARG 49  64  64  ARG ARG H . n 
H 8 50  ILE 50  65  65  ILE ILE H . n 
H 8 51  LEU 51  66  66  LEU LEU H . n 
H 8 52  ALA 52  67  67  ALA ALA H . n 
H 8 53  LYS 53  68  68  LYS LYS H . n 
H 8 54  THR 54  69  69  THR THR H . n 
H 8 55  ILE 55  70  70  ILE ILE H . n 
H 8 56  LYS 56  71  71  LYS LYS H . n 
H 8 57  ARG 57  72  72  ARG ARG H . n 
H 8 58  ALA 58  73  73  ALA ALA H . n 
H 8 59  ARG 59  74  74  ARG ARG H . n 
H 8 60  ILE 60  75  75  ILE ILE H . n 
H 8 61  LEU 61  76  76  LEU LEU H . n 
H 8 62  GLY 62  77  77  GLY GLY H . n 
H 8 63  LEU 63  78  78  LEU LEU H . n 
H 8 64  LEU 64  79  79  LEU LEU H . n 
H 8 65  PRO 65  80  80  PRO PRO H . n 
H 8 66  PHE 66  81  81  PHE PHE H . n 
H 8 67  THR 67  82  82  THR THR H . n 
H 8 68  GLU 68  83  83  GLU GLU H . n 
H 8 69  LYS 69  84  84  LYS LYS H . n 
H 8 70  LEU 70  85  85  LEU LEU H . n 
H 8 71  VAL 71  86  86  VAL VAL H . n 
H 8 72  ARG 72  87  87  ARG ARG H . n 
H 8 73  LYS 73  88  88  LYS LYS H . n 
I 9 1   ASP 1   4   4   ASP ASP X . n 
I 9 2   LYS 2   5   5   LYS LYS X . n 
I 9 3   SER 3   6   6   SER SER X . n 
I 9 4   TYR 4   7   7   TYR TYR X . n 
I 9 5   CYS 5   8   8   CYS CYS X . n 
I 9 6   GLY 6   9   9   GLY GLY X . n 
I 9 7   PHE 7   10  10  PHE PHE X . n 
I 9 8   ILE 8   11  11  ILE ILE X . n 
I 9 9   ALA 9   12  12  ALA ALA X . n 
I 9 10  ILE 10  13  13  ILE ILE X . n 
I 9 11  VAL 11  14  14  VAL VAL X . n 
I 9 12  GLY 12  15  15  GLY GLY X . n 
I 9 13  ARG 13  16  16  ARG ARG X . n 
I 9 14  PRO 14  17  17  PRO PRO X . n 
I 9 15  ASN 15  18  18  ASN ASN X . n 
I 9 16  VAL 16  19  19  VAL VAL X . n 
I 9 17  GLY 17  20  20  GLY GLY X . n 
I 9 18  LYS 18  21  21  LYS LYS X . n 
I 9 19  SER 19  22  22  SER SER X . n 
I 9 20  THR 20  23  23  THR THR X . n 
I 9 21  LEU 21  24  24  LEU LEU X . n 
I 9 22  LEU 22  25  25  LEU LEU X . n 
I 9 23  ASN 23  26  26  ASN ASN X . n 
I 9 24  LYS 24  27  27  LYS LYS X . n 
I 9 25  LEU 25  28  28  LEU LEU X . n 
I 9 26  LEU 26  29  29  LEU LEU X . n 
I 9 27  GLY 27  30  30  GLY GLY X . n 
I 9 28  GLN 28  31  31  GLN GLN X . n 
I 9 29  LYS 29  32  32  LYS LYS X . n 
I 9 30  ILE 30  33  33  ILE ILE X . n 
I 9 31  SER 31  34  34  SER SER X . n 
I 9 32  ILE 32  35  35  ILE ILE X . n 
I 9 33  THR 33  36  36  THR THR X . n 
I 9 34  SER 34  37  37  SER SER X . n 
I 9 35  ARG 35  38  38  ARG ARG X . n 
I 9 36  LYS 36  39  39  LYS LYS X . n 
I 9 37  ALA 37  40  40  ALA ALA X . n 
I 9 38  GLN 38  41  41  GLN GLN X . n 
I 9 39  THR 39  42  42  THR THR X . n 
I 9 40  THR 40  43  43  THR THR X . n 
I 9 41  ARG 41  44  44  ARG ARG X . n 
I 9 42  HIS 42  45  45  HIS HIS X . n 
I 9 43  ARG 43  46  46  ARG ARG X . n 
I 9 44  ILE 44  47  47  ILE ILE X . n 
I 9 45  VAL 45  48  48  VAL VAL X . n 
I 9 46  GLY 46  49  49  GLY GLY X . n 
I 9 47  ILE 47  50  50  ILE ILE X . n 
I 9 48  HIS 48  51  51  HIS HIS X . n 
I 9 49  THR 49  52  52  THR THR X . n 
I 9 50  GLU 50  53  53  GLU GLU X . n 
I 9 51  GLY 51  54  54  GLY GLY X . n 
I 9 52  ALA 52  55  55  ALA ALA X . n 
I 9 53  TYR 53  56  56  TYR TYR X . n 
I 9 54  GLN 54  57  57  GLN GLN X . n 
I 9 55  ALA 55  58  58  ALA ALA X . n 
I 9 56  ILE 56  59  59  ILE ILE X . n 
I 9 57  TYR 57  60  60  TYR TYR X . n 
I 9 58  VAL 58  61  61  VAL VAL X . n 
I 9 59  ASP 59  62  62  ASP ASP X . n 
I 9 60  THR 60  63  63  THR THR X . n 
I 9 61  PRO 61  64  64  PRO PRO X . n 
I 9 62  GLY 62  65  65  GLY GLY X . n 
I 9 63  LEU 63  66  66  LEU LEU X . n 
I 9 64  HIS 64  67  67  HIS HIS X . n 
I 9 65  MET 65  68  68  MET MET X . n 
I 9 66  GLU 66  69  69  GLU GLU X . n 
I 9 67  GLU 67  70  70  GLU GLU X . n 
I 9 68  LYS 68  71  71  LYS LYS X . n 
I 9 69  ARG 69  72  72  ARG ARG X . n 
I 9 70  ALA 70  73  73  ALA ALA X . n 
I 9 71  ILE 71  74  74  ILE ILE X . n 
I 9 72  ASN 72  75  75  ASN ASN X . n 
I 9 73  ARG 73  76  76  ARG ARG X . n 
I 9 74  LEU 74  77  77  LEU LEU X . n 
I 9 75  MET 75  78  78  MET MET X . n 
I 9 76  ASN 76  79  79  ASN ASN X . n 
I 9 77  LYS 77  80  80  LYS LYS X . n 
I 9 78  ALA 78  81  81  ALA ALA X . n 
I 9 79  ALA 79  82  82  ALA ALA X . n 
I 9 80  SER 80  83  83  SER SER X . n 
I 9 81  SER 81  84  84  SER SER X . n 
I 9 82  SER 82  85  85  SER SER X . n 
I 9 83  ILE 83  86  86  ILE ILE X . n 
I 9 84  GLY 84  87  87  GLY GLY X . n 
I 9 85  ASP 85  88  88  ASP ASP X . n 
I 9 86  VAL 86  89  89  VAL VAL X . n 
I 9 87  GLU 87  90  90  GLU GLU X . n 
I 9 88  LEU 88  91  91  LEU LEU X . n 
I 9 89  VAL 89  92  92  VAL VAL X . n 
I 9 90  ILE 90  93  93  ILE ILE X . n 
I 9 91  PHE 91  94  94  PHE PHE X . n 
I 9 92  VAL 92  95  95  VAL VAL X . n 
I 9 93  VAL 93  96  96  VAL VAL X . n 
I 9 94  GLU 94  97  97  GLU GLU X . n 
I 9 95  GLY 95  98  98  GLY GLY X . n 
I 9 96  THR 96  99  99  THR THR X . n 
I 9 97  ARG 97  100 100 ARG ARG X . n 
I 9 98  TRP 98  101 101 TRP TRP X . n 
I 9 99  THR 99  102 102 THR THR X . n 
I 9 100 PRO 100 103 103 PRO PRO X . n 
I 9 101 ASP 101 104 104 ASP ASP X . n 
I 9 102 ASP 102 105 105 ASP ASP X . n 
I 9 103 GLU 103 106 106 GLU GLU X . n 
I 9 104 MET 104 107 107 MET MET X . n 
I 9 105 VAL 105 108 108 VAL VAL X . n 
I 9 106 LEU 106 109 109 LEU LEU X . n 
I 9 107 ASN 107 110 110 ASN ASN X . n 
I 9 108 LYS 108 111 111 LYS LYS X . n 
I 9 109 LEU 109 112 112 LEU LEU X . n 
I 9 110 ARG 110 113 113 ARG ARG X . n 
I 9 111 GLU 111 114 114 GLU GLU X . n 
I 9 112 GLY 112 115 115 GLY GLY X . n 
I 9 113 LYS 113 116 116 LYS LYS X . n 
I 9 114 ALA 114 117 117 ALA ALA X . n 
I 9 115 PRO 115 118 118 PRO PRO X . n 
I 9 116 VAL 116 119 119 VAL VAL X . n 
I 9 117 ILE 117 120 120 ILE ILE X . n 
I 9 118 LEU 118 121 121 LEU LEU X . n 
I 9 119 ALA 119 122 122 ALA ALA X . n 
I 9 120 VAL 120 123 123 VAL VAL X . n 
I 9 121 ASN 121 124 124 ASN ASN X . n 
I 9 122 LYS 122 125 125 LYS LYS X . n 
I 9 123 VAL 123 126 126 VAL VAL X . n 
I 9 124 ASP 124 127 127 ASP ASP X . n 
I 9 125 ASN 125 128 128 ASN ASN X . n 
I 9 126 VAL 126 129 129 VAL VAL X . n 
I 9 127 GLN 127 130 130 GLN GLN X . n 
I 9 128 GLU 128 131 131 GLU GLU X . n 
I 9 129 LYS 129 132 132 LYS LYS X . n 
I 9 130 ALA 130 133 133 ALA ALA X . n 
I 9 131 ASP 131 134 134 ASP ASP X . n 
I 9 132 LEU 132 135 135 LEU LEU X . n 
I 9 133 LEU 133 136 136 LEU LEU X . n 
I 9 134 PRO 134 137 137 PRO PRO X . n 
I 9 135 HIS 135 138 138 HIS HIS X . n 
I 9 136 LEU 136 139 139 LEU LEU X . n 
I 9 137 GLN 137 140 140 GLN GLN X . n 
I 9 138 PHE 138 141 141 PHE PHE X . n 
I 9 139 LEU 139 142 142 LEU LEU X . n 
I 9 140 ALA 140 143 143 ALA ALA X . n 
I 9 141 SER 141 144 144 SER SER X . n 
I 9 142 GLN 142 145 145 GLN GLN X . n 
I 9 143 MET 143 146 146 MET MET X . n 
I 9 144 ASN 144 147 147 ASN ASN X . n 
I 9 145 PHE 145 148 148 PHE PHE X . n 
I 9 146 LEU 146 149 149 LEU LEU X . n 
I 9 147 ASP 147 150 150 ASP ASP X . n 
I 9 148 ILE 148 151 151 ILE ILE X . n 
I 9 149 VAL 149 152 152 VAL VAL X . n 
I 9 150 PRO 150 153 153 PRO PRO X . n 
I 9 151 ILE 151 154 154 ILE ILE X . n 
I 9 152 SER 152 155 155 SER SER X . n 
I 9 153 ALA 153 156 156 ALA ALA X . n 
I 9 154 GLU 154 157 157 GLU GLU X . n 
I 9 155 THR 155 158 158 THR THR X . n 
I 9 156 GLY 156 159 159 GLY GLY X . n 
I 9 157 LEU 157 160 160 LEU LEU X . n 
I 9 158 ASN 158 161 161 ASN ASN X . n 
I 9 159 VAL 159 162 162 VAL VAL X . n 
I 9 160 ASP 160 163 163 ASP ASP X . n 
I 9 161 THR 161 164 164 THR THR X . n 
I 9 162 ILE 162 165 165 ILE ILE X . n 
I 9 163 ALA 163 166 166 ALA ALA X . n 
I 9 164 ALA 164 167 167 ALA ALA X . n 
I 9 165 ILE 165 168 168 ILE ILE X . n 
I 9 166 VAL 166 169 169 VAL VAL X . n 
I 9 167 ARG 167 170 170 ARG ARG X . n 
I 9 168 LYS 168 171 171 LYS LYS X . n 
I 9 169 HIS 169 172 172 HIS HIS X . n 
I 9 170 LEU 170 173 173 LEU LEU X . n 
I 9 171 PRO 171 174 174 PRO PRO X . n 
I 9 172 GLU 172 175 175 GLU GLU X . n 
I 9 173 ALA 173 176 176 ALA ALA X . n 
I 9 174 THR 174 177 177 THR THR X . n 
I 9 175 HIS 175 178 178 HIS HIS X . n 
I 9 176 HIS 176 179 179 HIS HIS X . n 
I 9 177 PHE 177 180 180 PHE PHE X . n 
I 9 178 PRO 178 181 181 PRO PRO X . n 
I 9 179 GLU 179 182 182 GLU GLU X . n 
I 9 180 ASP 180 183 183 ASP ASP X . n 
I 9 181 TYR 181 184 184 TYR TYR X . n 
I 9 182 ILE 182 185 185 ILE ILE X . n 
I 9 183 THR 183 186 186 THR THR X . n 
I 9 184 ASP 184 187 187 ASP ASP X . n 
I 9 185 ARG 185 188 188 ARG ARG X . n 
I 9 186 SER 186 189 189 SER SER X . n 
I 9 187 GLN 187 190 190 GLN GLN X . n 
I 9 188 ARG 188 191 191 ARG ARG X . n 
I 9 189 PHE 189 192 192 PHE PHE X . n 
I 9 190 MET 190 193 193 MET MET X . n 
I 9 191 ALA 191 194 194 ALA ALA X . n 
I 9 192 SER 192 195 195 SER SER X . n 
I 9 193 GLU 193 196 196 GLU GLU X . n 
I 9 194 ILE 194 197 197 ILE ILE X . n 
I 9 195 ILE 195 198 198 ILE ILE X . n 
I 9 196 ARG 196 199 199 ARG ARG X . n 
I 9 197 GLU 197 200 200 GLU GLU X . n 
I 9 198 LYS 198 201 201 LYS LYS X . n 
I 9 199 LEU 199 202 202 LEU LEU X . n 
I 9 200 MET 200 203 203 MET MET X . n 
I 9 201 ARG 201 204 204 ARG ARG X . n 
I 9 202 PHE 202 205 205 PHE PHE X . n 
I 9 203 LEU 203 206 206 LEU LEU X . n 
I 9 204 GLY 204 207 207 GLY GLY X . n 
I 9 205 ALA 205 208 208 ALA ALA X . n 
I 9 206 GLU 206 209 209 GLU GLU X . n 
I 9 207 LEU 207 210 210 LEU LEU X . n 
I 9 208 PRO 208 211 211 PRO PRO X . n 
I 9 209 TYR 209 212 212 TYR TYR X . n 
I 9 210 SER 210 213 213 SER SER X . n 
I 9 211 VAL 211 214 214 VAL VAL X . n 
I 9 212 THR 212 215 215 THR THR X . n 
I 9 213 VAL 213 216 216 VAL VAL X . n 
I 9 214 GLU 214 217 217 GLU GLU X . n 
I 9 215 ILE 215 218 218 ILE ILE X . n 
I 9 216 GLU 216 219 219 GLU GLU X . n 
I 9 217 ARG 217 220 220 ARG ARG X . n 
I 9 218 PHE 218 221 221 PHE PHE X . n 
I 9 219 VAL 219 222 222 VAL VAL X . n 
I 9 220 SER 220 223 223 SER SER X . n 
I 9 221 ASN 221 224 224 ASN ASN X . n 
I 9 222 GLU 222 225 225 GLU GLU X . n 
I 9 223 ARG 223 226 226 ARG ARG X . n 
I 9 224 GLY 224 227 227 GLY GLY X . n 
I 9 225 GLY 225 228 228 GLY GLY X . n 
I 9 226 TYR 226 229 229 TYR TYR X . n 
I 9 227 ASP 227 230 230 ASP ASP X . n 
I 9 228 ILE 228 231 231 ILE ILE X . n 
I 9 229 ASN 229 232 232 ASN ASN X . n 
I 9 230 GLY 230 233 233 GLY GLY X . n 
I 9 231 LEU 231 234 234 LEU LEU X . n 
I 9 232 ILE 232 235 235 ILE ILE X . n 
I 9 233 LEU 233 236 236 LEU LEU X . n 
I 9 234 VAL 234 237 237 VAL VAL X . n 
I 9 235 GLU 235 238 238 GLU GLU X . n 
I 9 236 ARG 236 239 239 ARG ARG X . n 
I 9 237 GLU 237 240 240 GLU GLU X . n 
I 9 238 GLY 238 241 241 GLY GLY X . n 
I 9 239 GLN 239 242 242 GLN GLN X . n 
I 9 240 LYS 240 243 243 LYS LYS X . n 
I 9 241 LYS 241 244 244 LYS LYS X . n 
I 9 242 MET 242 245 245 MET MET X . n 
I 9 243 VAL 243 246 246 VAL VAL X . n 
I 9 244 ILE 244 247 247 ILE ILE X . n 
I 9 245 GLY 245 248 248 GLY GLY X . n 
I 9 246 ASN 246 249 249 ASN ASN X . n 
I 9 247 LYS 247 250 250 LYS LYS X . n 
I 9 248 GLY 248 251 251 GLY GLY X . n 
I 9 249 ALA 249 252 252 ALA ALA X . n 
I 9 250 LYS 250 253 253 LYS LYS X . n 
I 9 251 ILE 251 254 254 ILE ILE X . n 
I 9 252 LYS 252 255 255 LYS LYS X . n 
I 9 253 THR 253 256 256 THR THR X . n 
I 9 254 ILE 254 257 257 ILE ILE X . n 
I 9 255 GLY 255 258 258 GLY GLY X . n 
I 9 256 ILE 256 259 259 ILE ILE X . n 
I 9 257 GLU 257 260 260 GLU GLU X . n 
I 9 258 ALA 258 261 261 ALA ALA X . n 
I 9 259 ARG 259 262 262 ARG ARG X . n 
I 9 260 LYS 260 263 263 LYS LYS X . n 
I 9 261 ASP 261 264 264 ASP ASP X . n 
I 9 262 MET 262 265 265 MET MET X . n 
I 9 263 GLN 263 266 266 GLN GLN X . n 
I 9 264 GLU 264 267 267 GLU GLU X . n 
I 9 265 MET 265 268 268 MET MET X . n 
I 9 266 PHE 266 269 269 PHE PHE X . n 
I 9 267 GLU 267 270 270 GLU GLU X . n 
I 9 268 ALA 268 271 271 ALA ALA X . n 
I 9 269 PRO 269 272 272 PRO PRO X . n 
I 9 270 VAL 270 273 273 VAL VAL X . n 
I 9 271 HIS 271 274 274 HIS HIS X . n 
I 9 272 LEU 272 275 275 LEU LEU X . n 
I 9 273 GLU 273 276 276 GLU GLU X . n 
I 9 274 LEU 274 277 277 LEU LEU X . n 
I 9 275 TRP 275 278 278 TRP TRP X . n 
I 9 276 VAL 276 279 279 VAL VAL X . n 
I 9 277 LYS 277 280 280 LYS LYS X . n 
I 9 278 VAL 278 281 281 VAL VAL X . n 
I 9 279 LYS 279 282 282 LYS LYS X . n 
I 9 280 SER 280 283 283 SER SER X . n 
I 9 281 GLY 281 284 284 GLY GLY X . n 
I 9 282 TRP 282 285 285 TRP TRP X . n 
I 9 283 ALA 283 286 286 ALA ALA X . n 
I 9 284 ASP 284 287 287 ASP ASP X . n 
I 9 285 ASP 285 288 288 ASP ASP X . n 
I 9 286 GLU 286 289 289 GLU GLU X . n 
I 9 287 ARG 287 290 290 ARG ARG X . n 
I 9 288 ALA 288 291 291 ALA ALA X . n 
I 9 289 LEU 289 292 292 LEU LEU X . n 
I 9 290 ARG 290 293 293 ARG ARG X . n 
I 9 291 SER 291 294 294 SER SER X . n 
I 9 292 LEU 292 295 295 LEU LEU X . n 
# 
_cell.entry_id           1X18 
_cell.length_a           1.000 
_cell.length_b           1.000 
_cell.length_c           1.000 
_cell.angle_alpha        90.00 
_cell.angle_beta         90.00 
_cell.angle_gamma        90.00 
_cell.Z_PDB              1 
_cell.pdbx_unique_axis   ? 
_cell.length_a_esd       ? 
_cell.length_b_esd       ? 
_cell.length_c_esd       ? 
_cell.angle_alpha_esd    ? 
_cell.angle_beta_esd     ? 
_cell.angle_gamma_esd    ? 
# 
_symmetry.entry_id                         1X18 
_symmetry.space_group_name_H-M             'P 1' 
_symmetry.pdbx_full_space_group_name_H-M   ? 
_symmetry.cell_setting                     ? 
_symmetry.Int_Tables_number                1 
# 
_exptl.entry_id          1X18 
_exptl.method            'ELECTRON MICROSCOPY' 
_exptl.crystals_number   ? 
# 
_refine_hist.pdbx_refine_id                   'ELECTRON MICROSCOPY' 
_refine_hist.cycle_id                         LAST 
_refine_hist.pdbx_number_atoms_protein        869 
_refine_hist.pdbx_number_atoms_nucleic_acid   86 
_refine_hist.pdbx_number_atoms_ligand         0 
_refine_hist.number_atoms_solvent             0 
_refine_hist.number_atoms_total               955 
_refine_hist.d_res_high                       . 
_refine_hist.d_res_low                        . 
# 
_struct.entry_id                  1X18 
_struct.title                     'Contact sites of ERA GTPase on the THERMUS THERMOPHILUS 30S SUBUNIT' 
_struct.pdbx_model_details        ? 
_struct.pdbx_CASP_flag            ? 
_struct.pdbx_model_type_details   ? 
# 
_struct_keywords.entry_id        1X18 
_struct_keywords.pdbx_keywords   'STRUCTURAL PROTEIN/RNA' 
_struct_keywords.text            'Contact sites of Era protein on the 30S ribosomal subunit, STRUCTURAL PROTEIN-RNA COMPLEX' 
# 
loop_
_struct_asym.id 
_struct_asym.pdbx_blank_PDB_chainid_flag 
_struct_asym.pdbx_modified 
_struct_asym.entity_id 
_struct_asym.details 
A N N 1 ? 
B N N 2 ? 
C N N 3 ? 
D N N 4 ? 
E N N 5 ? 
F N N 6 ? 
G N N 7 ? 
H N N 8 ? 
I N N 9 ? 
# 
loop_
_struct_ref.id 
_struct_ref.db_name 
_struct_ref.db_code 
_struct_ref.pdbx_db_accession 
_struct_ref.entity_id 
_struct_ref.pdbx_seq_one_letter_code 
_struct_ref.pdbx_align_begin 
_struct_ref.pdbx_db_isoform 
1 UNP RS2_THET8  P80371 5 
;VKELLEAGVHFGHERKRWNPKFARYIYAERNGIHIIDLQKTMEELERTFRFIEDLAMRGGTILFVGTKKQAQDIVRMEAE
RAGMPYVNQRWLGGMLTNFKTISQRVHRLEELEALFASPEIEERPKKEQVRLKHELERLQKYLSGFRLLKRLPDAIFVVD
PTKEAIAVREARKLFIPVIALADTDSDPDLVDYIIPGNDDAIRSIQLILSRAVDLIIQARGGVVEPSPSYALVQ
;
6  ? 
2 UNP RS7_THET8  P17291 6 
;ARRRRAEVRQLQPDLVYGDVLVTAFINKIMRDGKKNLAARIFYDACKIIQEKTGQEPLKVFKQAVENVKPRMEVRSRRVG
GANYQVPMEVSPRRQQSLALRWLVQAANQRPERRAAVRIAHELMDAAEGKGGAVKKKEDVERMAEANRAYAHYRW
;
1  ? 
3 UNP RS11_THET8 P80376 7 
;KRQVASGRAYIHASYNNTIVTITDPDGNPITWSSGGVIGYKGSRKGTPYAAQLAALDAAKKAMAYGMQSVDVIVRGTGAG
REQAIRALQASGLQVKSIVDDTPVPHNGCRPKKKFRKAS
;
10 ? 
4 UNP RS18_THETH P80382 8 PSRKAKVKATLGEFDLRDYRNVEVLKRFLSETGKILPRRRTGLSGKEQRILAKTIKRARILGLLPFTEKLVRK 15 ? 
5 PDB 1X18       1X18   9 
;DKSYCGFIAIVGRPNVGKSTLLNKLLGQKISITSRKAQTTRHRIVGIHTEGAYQAIYVDTPGLHMEEKRAINRLMNKAAS
SSIGDVELVIFVVEGTRWTPDDEMVLNKLREGKAPVILAVNKVDNVQEKADLLPHLQFLASQMNFLDIVPISAETGLNVD
TIAAIVRKHLPEATHHFPEDYITDRSQRFMASEIIREKLMRFLGAELPYSVTVEIERFVSNERGGYDINGLILVEREGQK
KMVIGNKGAKIKTIGIEARKDMQEMFEAPVHLELWVKVKSGWADDERALRSL
;
4  ? 
6 PDB 1X18       1X18   1 ? ?  ? 
7 PDB 1X18       1X18   2 ? ?  ? 
8 PDB 1X18       1X18   3 ? ?  ? 
9 PDB 1X18       1X18   4 ? ?  ? 
# 
loop_
_struct_ref_seq.align_id 
_struct_ref_seq.ref_id 
_struct_ref_seq.pdbx_PDB_id_code 
_struct_ref_seq.pdbx_strand_id 
_struct_ref_seq.seq_align_beg 
_struct_ref_seq.pdbx_seq_align_beg_ins_code 
_struct_ref_seq.seq_align_end 
_struct_ref_seq.pdbx_seq_align_end_ins_code 
_struct_ref_seq.pdbx_db_accession 
_struct_ref_seq.db_align_beg 
_struct_ref_seq.pdbx_db_align_beg_ins_code 
_struct_ref_seq.db_align_end 
_struct_ref_seq.pdbx_db_align_end_ins_code 
_struct_ref_seq.pdbx_auth_seq_align_beg 
_struct_ref_seq.pdbx_auth_seq_align_end 
1 1 1X18 E 1 ? 231 ? P80371 6   ? 239 ? 7   240 
2 2 1X18 F 1 ? 154 ? P17291 1   ? 155 ? 2   156 
3 3 1X18 G 1 ? 119 ? P80376 10  ? 128 ? 11  129 
4 4 1X18 H 1 ? 73  ? P80382 15  ? 87  ? 16  88  
5 5 1X18 X 1 ? 292 ? 1X18   4   ? 295 ? 4   295 
6 6 1X18 A 1 ? 11  ? 1X18   720 ? 730 ? 720 730 
7 7 1X18 B 1 ? 31  ? 1X18   826 ? 862 ? 826 862 
8 8 1X18 C 1 ? 20  ? 1X18   380 ? 934 ? 380 934 
9 9 1X18 D 1 ? 24  ? 1X18   83  ? 106 ? 83  106 
# 
_pdbx_struct_assembly.id                   1 
_pdbx_struct_assembly.details              author_defined_assembly 
_pdbx_struct_assembly.method_details       ? 
_pdbx_struct_assembly.oligomeric_details   nonameric 
_pdbx_struct_assembly.oligomeric_count     9 
# 
_pdbx_struct_assembly_gen.assembly_id       1 
_pdbx_struct_assembly_gen.oper_expression   1 
_pdbx_struct_assembly_gen.asym_id_list      A,B,C,D,E,F,G,H,I 
# 
_pdbx_struct_oper_list.id                   1 
_pdbx_struct_oper_list.type                 'identity operation' 
_pdbx_struct_oper_list.name                 1_555 
_pdbx_struct_oper_list.symmetry_operation   x,y,z 
_pdbx_struct_oper_list.matrix[1][1]         1.0000000000 
_pdbx_struct_oper_list.matrix[1][2]         0.0000000000 
_pdbx_struct_oper_list.matrix[1][3]         0.0000000000 
_pdbx_struct_oper_list.vector[1]            0.0000000000 
_pdbx_struct_oper_list.matrix[2][1]         0.0000000000 
_pdbx_struct_oper_list.matrix[2][2]         1.0000000000 
_pdbx_struct_oper_list.matrix[2][3]         0.0000000000 
_pdbx_struct_oper_list.vector[2]            0.0000000000 
_pdbx_struct_oper_list.matrix[3][1]         0.0000000000 
_pdbx_struct_oper_list.matrix[3][2]         0.0000000000 
_pdbx_struct_oper_list.matrix[3][3]         1.0000000000 
_pdbx_struct_oper_list.vector[3]            0.0000000000 
# 
loop_
_pdbx_validate_close_contact.id 
_pdbx_validate_close_contact.PDB_model_num 
_pdbx_validate_close_contact.auth_atom_id_1 
_pdbx_validate_close_contact.auth_asym_id_1 
_pdbx_validate_close_contact.auth_comp_id_1 
_pdbx_validate_close_contact.auth_seq_id_1 
_pdbx_validate_close_contact.PDB_ins_code_1 
_pdbx_validate_close_contact.label_alt_id_1 
_pdbx_validate_close_contact.auth_atom_id_2 
_pdbx_validate_close_contact.auth_asym_id_2 
_pdbx_validate_close_contact.auth_comp_id_2 
_pdbx_validate_close_contact.auth_seq_id_2 
_pdbx_validate_close_contact.PDB_ins_code_2 
_pdbx_validate_close_contact.label_alt_id_2 
_pdbx_validate_close_contact.dist 
1 1 CA E PRO 183 ? ? CA E VAL 184 ? ? 0.00 
2 1 CA H ARG 18  ? ? CA X ASP 183 ? ? 1.27 
3 1 CA H ALA 20  ? ? CA X PRO 181 ? ? 1.89 
# 
_pdbx_entry_details.entry_id                 1X18 
_pdbx_entry_details.nonpolymer_details       ? 
_pdbx_entry_details.sequence_details         
;The EM map on chain X, protein ERA, was obtained from Thermus thermophilus, but the coordinates were modeled based on Escherichia coli sequence.
;
_pdbx_entry_details.compound_details         ? 
_pdbx_entry_details.source_details           ? 
_pdbx_entry_details.has_ligand_of_interest   ? 
# 
_em_3d_fitting.id                1 
_em_3d_fitting.entry_id          1X18 
_em_3d_fitting.ref_protocol      'RIGID BODY FIT' 
_em_3d_fitting.ref_space         REAL 
_em_3d_fitting.overall_b_value   ? 
_em_3d_fitting.target_criteria   
;X-ray coordinates of the 30S ribosomal subunit and era were fitted into the 
13.5 angstroms resolution CRYO-EM map of the T. Thermophilus 30S subunit-era 
complex. The atomic structure of era was fitted as 3 rigid bodies, N-terminal 
domain, C-terminal domain and C-terminal helix within the C-terminal domain. 
the resultant era structure was then energy minimized. The X-ray coordinates of 
T. Thermophilus 30S subunit was fitted as 4 rigid bodies, head, body, platform 
and 16S rRNA 3' minor domains. Only the proteins and segments of RNA helices of 
the 30S subunit that contact era in the era-30S complex are included here.
;
_em_3d_fitting.details           
;METHOD--Cross-correlation coefficient based manual fitting in O REFINEMENT 
PROTOCOL--MULTIPLE RIGID BODY
;
_em_3d_fitting.method            ? 
# 
loop_
_em_3d_fitting_list.3d_fitting_id 
_em_3d_fitting_list.id 
_em_3d_fitting_list.pdb_entry_id 
_em_3d_fitting_list.pdb_chain_id 
_em_3d_fitting_list.details 
_em_3d_fitting_list.initial_refinement_model_id 
_em_3d_fitting_list.chain_id 
_em_3d_fitting_list.chain_residue_range 
_em_3d_fitting_list.pdb_chain_residue_range 
_em_3d_fitting_list.source_name 
_em_3d_fitting_list.type 
_em_3d_fitting_list.accession_code 
1 1 1FJF ? ? 1 ? ? ? PDB 'experimental model' 1FJF 
1 2 1EGA ? ? 2 ? ? ? PDB 'experimental model' 1EGA 
# 
_em_3d_reconstruction.entry_id                    1X18 
_em_3d_reconstruction.id                          1 
_em_3d_reconstruction.symmetry_type               POINT 
_em_3d_reconstruction.image_processing_id         1 
_em_3d_reconstruction.method                      'reference based alignment' 
_em_3d_reconstruction.nominal_pixel_size          ? 
_em_3d_reconstruction.actual_pixel_size           2.820 
_em_3d_reconstruction.resolution                  13.5 
_em_3d_reconstruction.magnification_calibration   TMV 
_em_3d_reconstruction.details                     
;projection matching using spider package.  The coordinates for only the alpha carbons in protein and phosphoruses in nucleic acid are present in the structure. The number of missing atoms was so much that remark 470 for the missing atoms list were removed.
;
_em_3d_reconstruction.resolution_method           ? 
_em_3d_reconstruction.num_class_averages          ? 
_em_3d_reconstruction.num_particles               ? 
_em_3d_reconstruction.algorithm                   ? 
# 
_em_buffer.id            1 
_em_buffer.specimen_id   1 
_em_buffer.name          Hepes-KOH 
_em_buffer.pH            7.5 
_em_buffer.details       Hepes-KOH 
# 
_em_entity_assembly.id                   1 
_em_entity_assembly.name                 'THERMUS THERMOPHILUS 30S ribosomal subunit complexed with Era' 
_em_entity_assembly.type                 RIBOSOME 
_em_entity_assembly.parent_id            0 
_em_entity_assembly.synonym              ? 
_em_entity_assembly.details              'Era was bound to a S1-depleted 30S subunit' 
_em_entity_assembly.oligomeric_details   ? 
# 
_em_imaging.entry_id                        1X18 
_em_imaging.id                              1 
_em_imaging.microscope_model                'FEI TECNAI F20' 
_em_imaging.electron_source                 'FIELD EMISSION GUN' 
_em_imaging.specimen_id                     1 
_em_imaging.date                            2003-03-25 
_em_imaging.temperature                     93 
_em_imaging.nominal_defocus_min             1180 
_em_imaging.nominal_defocus_max             3940 
_em_imaging.tilt_angle_min                  0 
_em_imaging.tilt_angle_max                  0 
_em_imaging.nominal_cs                      2.0 
_em_imaging.mode                            'BRIGHT FIELD' 
_em_imaging.illumination_mode               'FLOOD BEAM' 
_em_imaging.nominal_magnification           50000 
_em_imaging.calibrated_magnification        49696 
_em_imaging.accelerating_voltage            200 
_em_imaging.details                         ? 
_em_imaging.specimen_holder_type            ? 
_em_imaging.specimen_holder_model           ? 
_em_imaging.citation_id                     ? 
_em_imaging.detector_distance               ? 
_em_imaging.recording_temperature_maximum   ? 
_em_imaging.recording_temperature_minimum   ? 
_em_imaging.astigmatism                     ? 
_em_imaging.electron_beam_tilt_params       ? 
# 
_em_sample_support.id               1 
_em_sample_support.specimen_id      1 
_em_sample_support.details          'Quantifoil holley-carbon film grids' 
_em_sample_support.film_material    ? 
_em_sample_support.grid_material    ? 
_em_sample_support.grid_mesh_size   ? 
_em_sample_support.grid_type        ? 
_em_sample_support.method           ? 
# 
_em_vitrification.entry_id              1X18 
_em_vitrification.id                    1 
_em_vitrification.details               'Rapid-freezing in liquid ethane' 
_em_vitrification.citation_id           ? 
_em_vitrification.cryogen_name          ETHANE 
_em_vitrification.humidity              ? 
_em_vitrification.instrument            ? 
_em_vitrification.method                ? 
_em_vitrification.specimen_id           1 
_em_vitrification.temp                  ? 
_em_vitrification.time_resolved_state   ? 
_em_vitrification.chamber_temperature   ? 
# 
_em_experiment.entry_id                1X18 
_em_experiment.id                      1 
_em_experiment.reconstruction_method   'SINGLE PARTICLE' 
_em_experiment.aggregation_state       PARTICLE 
_em_experiment.entity_assembly_id      1 
# 
_em_single_particle_entity.entry_id              1X18 
_em_single_particle_entity.id                    1 
_em_single_particle_entity.point_symmetry        C1 
_em_single_particle_entity.image_processing_id   1 
# 
loop_
_chem_comp_atom.comp_id 
_chem_comp_atom.atom_id 
_chem_comp_atom.type_symbol 
_chem_comp_atom.pdbx_aromatic_flag 
_chem_comp_atom.pdbx_stereo_config 
_chem_comp_atom.pdbx_ordinal 
A   OP3    O N N 1   
A   P      P N N 2   
A   OP1    O N N 3   
A   OP2    O N N 4   
A   "O5'"  O N N 5   
A   "C5'"  C N N 6   
A   "C4'"  C N R 7   
A   "O4'"  O N N 8   
A   "C3'"  C N S 9   
A   "O3'"  O N N 10  
A   "C2'"  C N R 11  
A   "O2'"  O N N 12  
A   "C1'"  C N R 13  
A   N9     N Y N 14  
A   C8     C Y N 15  
A   N7     N Y N 16  
A   C5     C Y N 17  
A   C6     C Y N 18  
A   N6     N N N 19  
A   N1     N Y N 20  
A   C2     C Y N 21  
A   N3     N Y N 22  
A   C4     C Y N 23  
A   HOP3   H N N 24  
A   HOP2   H N N 25  
A   "H5'"  H N N 26  
A   "H5''" H N N 27  
A   "H4'"  H N N 28  
A   "H3'"  H N N 29  
A   "HO3'" H N N 30  
A   "H2'"  H N N 31  
A   "HO2'" H N N 32  
A   "H1'"  H N N 33  
A   H8     H N N 34  
A   H61    H N N 35  
A   H62    H N N 36  
A   H2     H N N 37  
ALA N      N N N 38  
ALA CA     C N S 39  
ALA C      C N N 40  
ALA O      O N N 41  
ALA CB     C N N 42  
ALA OXT    O N N 43  
ALA H      H N N 44  
ALA H2     H N N 45  
ALA HA     H N N 46  
ALA HB1    H N N 47  
ALA HB2    H N N 48  
ALA HB3    H N N 49  
ALA HXT    H N N 50  
ARG N      N N N 51  
ARG CA     C N S 52  
ARG C      C N N 53  
ARG O      O N N 54  
ARG CB     C N N 55  
ARG CG     C N N 56  
ARG CD     C N N 57  
ARG NE     N N N 58  
ARG CZ     C N N 59  
ARG NH1    N N N 60  
ARG NH2    N N N 61  
ARG OXT    O N N 62  
ARG H      H N N 63  
ARG H2     H N N 64  
ARG HA     H N N 65  
ARG HB2    H N N 66  
ARG HB3    H N N 67  
ARG HG2    H N N 68  
ARG HG3    H N N 69  
ARG HD2    H N N 70  
ARG HD3    H N N 71  
ARG HE     H N N 72  
ARG HH11   H N N 73  
ARG HH12   H N N 74  
ARG HH21   H N N 75  
ARG HH22   H N N 76  
ARG HXT    H N N 77  
ASN N      N N N 78  
ASN CA     C N S 79  
ASN C      C N N 80  
ASN O      O N N 81  
ASN CB     C N N 82  
ASN CG     C N N 83  
ASN OD1    O N N 84  
ASN ND2    N N N 85  
ASN OXT    O N N 86  
ASN H      H N N 87  
ASN H2     H N N 88  
ASN HA     H N N 89  
ASN HB2    H N N 90  
ASN HB3    H N N 91  
ASN HD21   H N N 92  
ASN HD22   H N N 93  
ASN HXT    H N N 94  
ASP N      N N N 95  
ASP CA     C N S 96  
ASP C      C N N 97  
ASP O      O N N 98  
ASP CB     C N N 99  
ASP CG     C N N 100 
ASP OD1    O N N 101 
ASP OD2    O N N 102 
ASP OXT    O N N 103 
ASP H      H N N 104 
ASP H2     H N N 105 
ASP HA     H N N 106 
ASP HB2    H N N 107 
ASP HB3    H N N 108 
ASP HD2    H N N 109 
ASP HXT    H N N 110 
C   OP3    O N N 111 
C   P      P N N 112 
C   OP1    O N N 113 
C   OP2    O N N 114 
C   "O5'"  O N N 115 
C   "C5'"  C N N 116 
C   "C4'"  C N R 117 
C   "O4'"  O N N 118 
C   "C3'"  C N S 119 
C   "O3'"  O N N 120 
C   "C2'"  C N R 121 
C   "O2'"  O N N 122 
C   "C1'"  C N R 123 
C   N1     N N N 124 
C   C2     C N N 125 
C   O2     O N N 126 
C   N3     N N N 127 
C   C4     C N N 128 
C   N4     N N N 129 
C   C5     C N N 130 
C   C6     C N N 131 
C   HOP3   H N N 132 
C   HOP2   H N N 133 
C   "H5'"  H N N 134 
C   "H5''" H N N 135 
C   "H4'"  H N N 136 
C   "H3'"  H N N 137 
C   "HO3'" H N N 138 
C   "H2'"  H N N 139 
C   "HO2'" H N N 140 
C   "H1'"  H N N 141 
C   H41    H N N 142 
C   H42    H N N 143 
C   H5     H N N 144 
C   H6     H N N 145 
CYS N      N N N 146 
CYS CA     C N R 147 
CYS C      C N N 148 
CYS O      O N N 149 
CYS CB     C N N 150 
CYS SG     S N N 151 
CYS OXT    O N N 152 
CYS H      H N N 153 
CYS H2     H N N 154 
CYS HA     H N N 155 
CYS HB2    H N N 156 
CYS HB3    H N N 157 
CYS HG     H N N 158 
CYS HXT    H N N 159 
G   OP3    O N N 160 
G   P      P N N 161 
G   OP1    O N N 162 
G   OP2    O N N 163 
G   "O5'"  O N N 164 
G   "C5'"  C N N 165 
G   "C4'"  C N R 166 
G   "O4'"  O N N 167 
G   "C3'"  C N S 168 
G   "O3'"  O N N 169 
G   "C2'"  C N R 170 
G   "O2'"  O N N 171 
G   "C1'"  C N R 172 
G   N9     N Y N 173 
G   C8     C Y N 174 
G   N7     N Y N 175 
G   C5     C Y N 176 
G   C6     C N N 177 
G   O6     O N N 178 
G   N1     N N N 179 
G   C2     C N N 180 
G   N2     N N N 181 
G   N3     N N N 182 
G   C4     C Y N 183 
G   HOP3   H N N 184 
G   HOP2   H N N 185 
G   "H5'"  H N N 186 
G   "H5''" H N N 187 
G   "H4'"  H N N 188 
G   "H3'"  H N N 189 
G   "HO3'" H N N 190 
G   "H2'"  H N N 191 
G   "HO2'" H N N 192 
G   "H1'"  H N N 193 
G   H8     H N N 194 
G   H1     H N N 195 
G   H21    H N N 196 
G   H22    H N N 197 
GLN N      N N N 198 
GLN CA     C N S 199 
GLN C      C N N 200 
GLN O      O N N 201 
GLN CB     C N N 202 
GLN CG     C N N 203 
GLN CD     C N N 204 
GLN OE1    O N N 205 
GLN NE2    N N N 206 
GLN OXT    O N N 207 
GLN H      H N N 208 
GLN H2     H N N 209 
GLN HA     H N N 210 
GLN HB2    H N N 211 
GLN HB3    H N N 212 
GLN HG2    H N N 213 
GLN HG3    H N N 214 
GLN HE21   H N N 215 
GLN HE22   H N N 216 
GLN HXT    H N N 217 
GLU N      N N N 218 
GLU CA     C N S 219 
GLU C      C N N 220 
GLU O      O N N 221 
GLU CB     C N N 222 
GLU CG     C N N 223 
GLU CD     C N N 224 
GLU OE1    O N N 225 
GLU OE2    O N N 226 
GLU OXT    O N N 227 
GLU H      H N N 228 
GLU H2     H N N 229 
GLU HA     H N N 230 
GLU HB2    H N N 231 
GLU HB3    H N N 232 
GLU HG2    H N N 233 
GLU HG3    H N N 234 
GLU HE2    H N N 235 
GLU HXT    H N N 236 
GLY N      N N N 237 
GLY CA     C N N 238 
GLY C      C N N 239 
GLY O      O N N 240 
GLY OXT    O N N 241 
GLY H      H N N 242 
GLY H2     H N N 243 
GLY HA2    H N N 244 
GLY HA3    H N N 245 
GLY HXT    H N N 246 
HIS N      N N N 247 
HIS CA     C N S 248 
HIS C      C N N 249 
HIS O      O N N 250 
HIS CB     C N N 251 
HIS CG     C Y N 252 
HIS ND1    N Y N 253 
HIS CD2    C Y N 254 
HIS CE1    C Y N 255 
HIS NE2    N Y N 256 
HIS OXT    O N N 257 
HIS H      H N N 258 
HIS H2     H N N 259 
HIS HA     H N N 260 
HIS HB2    H N N 261 
HIS HB3    H N N 262 
HIS HD1    H N N 263 
HIS HD2    H N N 264 
HIS HE1    H N N 265 
HIS HE2    H N N 266 
HIS HXT    H N N 267 
ILE N      N N N 268 
ILE CA     C N S 269 
ILE C      C N N 270 
ILE O      O N N 271 
ILE CB     C N S 272 
ILE CG1    C N N 273 
ILE CG2    C N N 274 
ILE CD1    C N N 275 
ILE OXT    O N N 276 
ILE H      H N N 277 
ILE H2     H N N 278 
ILE HA     H N N 279 
ILE HB     H N N 280 
ILE HG12   H N N 281 
ILE HG13   H N N 282 
ILE HG21   H N N 283 
ILE HG22   H N N 284 
ILE HG23   H N N 285 
ILE HD11   H N N 286 
ILE HD12   H N N 287 
ILE HD13   H N N 288 
ILE HXT    H N N 289 
LEU N      N N N 290 
LEU CA     C N S 291 
LEU C      C N N 292 
LEU O      O N N 293 
LEU CB     C N N 294 
LEU CG     C N N 295 
LEU CD1    C N N 296 
LEU CD2    C N N 297 
LEU OXT    O N N 298 
LEU H      H N N 299 
LEU H2     H N N 300 
LEU HA     H N N 301 
LEU HB2    H N N 302 
LEU HB3    H N N 303 
LEU HG     H N N 304 
LEU HD11   H N N 305 
LEU HD12   H N N 306 
LEU HD13   H N N 307 
LEU HD21   H N N 308 
LEU HD22   H N N 309 
LEU HD23   H N N 310 
LEU HXT    H N N 311 
LYS N      N N N 312 
LYS CA     C N S 313 
LYS C      C N N 314 
LYS O      O N N 315 
LYS CB     C N N 316 
LYS CG     C N N 317 
LYS CD     C N N 318 
LYS CE     C N N 319 
LYS NZ     N N N 320 
LYS OXT    O N N 321 
LYS H      H N N 322 
LYS H2     H N N 323 
LYS HA     H N N 324 
LYS HB2    H N N 325 
LYS HB3    H N N 326 
LYS HG2    H N N 327 
LYS HG3    H N N 328 
LYS HD2    H N N 329 
LYS HD3    H N N 330 
LYS HE2    H N N 331 
LYS HE3    H N N 332 
LYS HZ1    H N N 333 
LYS HZ2    H N N 334 
LYS HZ3    H N N 335 
LYS HXT    H N N 336 
MET N      N N N 337 
MET CA     C N S 338 
MET C      C N N 339 
MET O      O N N 340 
MET CB     C N N 341 
MET CG     C N N 342 
MET SD     S N N 343 
MET CE     C N N 344 
MET OXT    O N N 345 
MET H      H N N 346 
MET H2     H N N 347 
MET HA     H N N 348 
MET HB2    H N N 349 
MET HB3    H N N 350 
MET HG2    H N N 351 
MET HG3    H N N 352 
MET HE1    H N N 353 
MET HE2    H N N 354 
MET HE3    H N N 355 
MET HXT    H N N 356 
PHE N      N N N 357 
PHE CA     C N S 358 
PHE C      C N N 359 
PHE O      O N N 360 
PHE CB     C N N 361 
PHE CG     C Y N 362 
PHE CD1    C Y N 363 
PHE CD2    C Y N 364 
PHE CE1    C Y N 365 
PHE CE2    C Y N 366 
PHE CZ     C Y N 367 
PHE OXT    O N N 368 
PHE H      H N N 369 
PHE H2     H N N 370 
PHE HA     H N N 371 
PHE HB2    H N N 372 
PHE HB3    H N N 373 
PHE HD1    H N N 374 
PHE HD2    H N N 375 
PHE HE1    H N N 376 
PHE HE2    H N N 377 
PHE HZ     H N N 378 
PHE HXT    H N N 379 
PRO N      N N N 380 
PRO CA     C N S 381 
PRO C      C N N 382 
PRO O      O N N 383 
PRO CB     C N N 384 
PRO CG     C N N 385 
PRO CD     C N N 386 
PRO OXT    O N N 387 
PRO H      H N N 388 
PRO HA     H N N 389 
PRO HB2    H N N 390 
PRO HB3    H N N 391 
PRO HG2    H N N 392 
PRO HG3    H N N 393 
PRO HD2    H N N 394 
PRO HD3    H N N 395 
PRO HXT    H N N 396 
SER N      N N N 397 
SER CA     C N S 398 
SER C      C N N 399 
SER O      O N N 400 
SER CB     C N N 401 
SER OG     O N N 402 
SER OXT    O N N 403 
SER H      H N N 404 
SER H2     H N N 405 
SER HA     H N N 406 
SER HB2    H N N 407 
SER HB3    H N N 408 
SER HG     H N N 409 
SER HXT    H N N 410 
THR N      N N N 411 
THR CA     C N S 412 
THR C      C N N 413 
THR O      O N N 414 
THR CB     C N R 415 
THR OG1    O N N 416 
THR CG2    C N N 417 
THR OXT    O N N 418 
THR H      H N N 419 
THR H2     H N N 420 
THR HA     H N N 421 
THR HB     H N N 422 
THR HG1    H N N 423 
THR HG21   H N N 424 
THR HG22   H N N 425 
THR HG23   H N N 426 
THR HXT    H N N 427 
TRP N      N N N 428 
TRP CA     C N S 429 
TRP C      C N N 430 
TRP O      O N N 431 
TRP CB     C N N 432 
TRP CG     C Y N 433 
TRP CD1    C Y N 434 
TRP CD2    C Y N 435 
TRP NE1    N Y N 436 
TRP CE2    C Y N 437 
TRP CE3    C Y N 438 
TRP CZ2    C Y N 439 
TRP CZ3    C Y N 440 
TRP CH2    C Y N 441 
TRP OXT    O N N 442 
TRP H      H N N 443 
TRP H2     H N N 444 
TRP HA     H N N 445 
TRP HB2    H N N 446 
TRP HB3    H N N 447 
TRP HD1    H N N 448 
TRP HE1    H N N 449 
TRP HE3    H N N 450 
TRP HZ2    H N N 451 
TRP HZ3    H N N 452 
TRP HH2    H N N 453 
TRP HXT    H N N 454 
TYR N      N N N 455 
TYR CA     C N S 456 
TYR C      C N N 457 
TYR O      O N N 458 
TYR CB     C N N 459 
TYR CG     C Y N 460 
TYR CD1    C Y N 461 
TYR CD2    C Y N 462 
TYR CE1    C Y N 463 
TYR CE2    C Y N 464 
TYR CZ     C Y N 465 
TYR OH     O N N 466 
TYR OXT    O N N 467 
TYR H      H N N 468 
TYR H2     H N N 469 
TYR HA     H N N 470 
TYR HB2    H N N 471 
TYR HB3    H N N 472 
TYR HD1    H N N 473 
TYR HD2    H N N 474 
TYR HE1    H N N 475 
TYR HE2    H N N 476 
TYR HH     H N N 477 
TYR HXT    H N N 478 
U   OP3    O N N 479 
U   P      P N N 480 
U   OP1    O N N 481 
U   OP2    O N N 482 
U   "O5'"  O N N 483 
U   "C5'"  C N N 484 
U   "C4'"  C N R 485 
U   "O4'"  O N N 486 
U   "C3'"  C N S 487 
U   "O3'"  O N N 488 
U   "C2'"  C N R 489 
U   "O2'"  O N N 490 
U   "C1'"  C N R 491 
U   N1     N N N 492 
U   C2     C N N 493 
U   O2     O N N 494 
U   N3     N N N 495 
U   C4     C N N 496 
U   O4     O N N 497 
U   C5     C N N 498 
U   C6     C N N 499 
U   HOP3   H N N 500 
U   HOP2   H N N 501 
U   "H5'"  H N N 502 
U   "H5''" H N N 503 
U   "H4'"  H N N 504 
U   "H3'"  H N N 505 
U   "HO3'" H N N 506 
U   "H2'"  H N N 507 
U   "HO2'" H N N 508 
U   "H1'"  H N N 509 
U   H3     H N N 510 
U   H5     H N N 511 
U   H6     H N N 512 
VAL N      N N N 513 
VAL CA     C N S 514 
VAL C      C N N 515 
VAL O      O N N 516 
VAL CB     C N N 517 
VAL CG1    C N N 518 
VAL CG2    C N N 519 
VAL OXT    O N N 520 
VAL H      H N N 521 
VAL H2     H N N 522 
VAL HA     H N N 523 
VAL HB     H N N 524 
VAL HG11   H N N 525 
VAL HG12   H N N 526 
VAL HG13   H N N 527 
VAL HG21   H N N 528 
VAL HG22   H N N 529 
VAL HG23   H N N 530 
VAL HXT    H N N 531 
# 
loop_
_chem_comp_bond.comp_id 
_chem_comp_bond.atom_id_1 
_chem_comp_bond.atom_id_2 
_chem_comp_bond.value_order 
_chem_comp_bond.pdbx_aromatic_flag 
_chem_comp_bond.pdbx_stereo_config 
_chem_comp_bond.pdbx_ordinal 
A   OP3   P      sing N N 1   
A   OP3   HOP3   sing N N 2   
A   P     OP1    doub N N 3   
A   P     OP2    sing N N 4   
A   P     "O5'"  sing N N 5   
A   OP2   HOP2   sing N N 6   
A   "O5'" "C5'"  sing N N 7   
A   "C5'" "C4'"  sing N N 8   
A   "C5'" "H5'"  sing N N 9   
A   "C5'" "H5''" sing N N 10  
A   "C4'" "O4'"  sing N N 11  
A   "C4'" "C3'"  sing N N 12  
A   "C4'" "H4'"  sing N N 13  
A   "O4'" "C1'"  sing N N 14  
A   "C3'" "O3'"  sing N N 15  
A   "C3'" "C2'"  sing N N 16  
A   "C3'" "H3'"  sing N N 17  
A   "O3'" "HO3'" sing N N 18  
A   "C2'" "O2'"  sing N N 19  
A   "C2'" "C1'"  sing N N 20  
A   "C2'" "H2'"  sing N N 21  
A   "O2'" "HO2'" sing N N 22  
A   "C1'" N9     sing N N 23  
A   "C1'" "H1'"  sing N N 24  
A   N9    C8     sing Y N 25  
A   N9    C4     sing Y N 26  
A   C8    N7     doub Y N 27  
A   C8    H8     sing N N 28  
A   N7    C5     sing Y N 29  
A   C5    C6     sing Y N 30  
A   C5    C4     doub Y N 31  
A   C6    N6     sing N N 32  
A   C6    N1     doub Y N 33  
A   N6    H61    sing N N 34  
A   N6    H62    sing N N 35  
A   N1    C2     sing Y N 36  
A   C2    N3     doub Y N 37  
A   C2    H2     sing N N 38  
A   N3    C4     sing Y N 39  
ALA N     CA     sing N N 40  
ALA N     H      sing N N 41  
ALA N     H2     sing N N 42  
ALA CA    C      sing N N 43  
ALA CA    CB     sing N N 44  
ALA CA    HA     sing N N 45  
ALA C     O      doub N N 46  
ALA C     OXT    sing N N 47  
ALA CB    HB1    sing N N 48  
ALA CB    HB2    sing N N 49  
ALA CB    HB3    sing N N 50  
ALA OXT   HXT    sing N N 51  
ARG N     CA     sing N N 52  
ARG N     H      sing N N 53  
ARG N     H2     sing N N 54  
ARG CA    C      sing N N 55  
ARG CA    CB     sing N N 56  
ARG CA    HA     sing N N 57  
ARG C     O      doub N N 58  
ARG C     OXT    sing N N 59  
ARG CB    CG     sing N N 60  
ARG CB    HB2    sing N N 61  
ARG CB    HB3    sing N N 62  
ARG CG    CD     sing N N 63  
ARG CG    HG2    sing N N 64  
ARG CG    HG3    sing N N 65  
ARG CD    NE     sing N N 66  
ARG CD    HD2    sing N N 67  
ARG CD    HD3    sing N N 68  
ARG NE    CZ     sing N N 69  
ARG NE    HE     sing N N 70  
ARG CZ    NH1    sing N N 71  
ARG CZ    NH2    doub N N 72  
ARG NH1   HH11   sing N N 73  
ARG NH1   HH12   sing N N 74  
ARG NH2   HH21   sing N N 75  
ARG NH2   HH22   sing N N 76  
ARG OXT   HXT    sing N N 77  
ASN N     CA     sing N N 78  
ASN N     H      sing N N 79  
ASN N     H2     sing N N 80  
ASN CA    C      sing N N 81  
ASN CA    CB     sing N N 82  
ASN CA    HA     sing N N 83  
ASN C     O      doub N N 84  
ASN C     OXT    sing N N 85  
ASN CB    CG     sing N N 86  
ASN CB    HB2    sing N N 87  
ASN CB    HB3    sing N N 88  
ASN CG    OD1    doub N N 89  
ASN CG    ND2    sing N N 90  
ASN ND2   HD21   sing N N 91  
ASN ND2   HD22   sing N N 92  
ASN OXT   HXT    sing N N 93  
ASP N     CA     sing N N 94  
ASP N     H      sing N N 95  
ASP N     H2     sing N N 96  
ASP CA    C      sing N N 97  
ASP CA    CB     sing N N 98  
ASP CA    HA     sing N N 99  
ASP C     O      doub N N 100 
ASP C     OXT    sing N N 101 
ASP CB    CG     sing N N 102 
ASP CB    HB2    sing N N 103 
ASP CB    HB3    sing N N 104 
ASP CG    OD1    doub N N 105 
ASP CG    OD2    sing N N 106 
ASP OD2   HD2    sing N N 107 
ASP OXT   HXT    sing N N 108 
C   OP3   P      sing N N 109 
C   OP3   HOP3   sing N N 110 
C   P     OP1    doub N N 111 
C   P     OP2    sing N N 112 
C   P     "O5'"  sing N N 113 
C   OP2   HOP2   sing N N 114 
C   "O5'" "C5'"  sing N N 115 
C   "C5'" "C4'"  sing N N 116 
C   "C5'" "H5'"  sing N N 117 
C   "C5'" "H5''" sing N N 118 
C   "C4'" "O4'"  sing N N 119 
C   "C4'" "C3'"  sing N N 120 
C   "C4'" "H4'"  sing N N 121 
C   "O4'" "C1'"  sing N N 122 
C   "C3'" "O3'"  sing N N 123 
C   "C3'" "C2'"  sing N N 124 
C   "C3'" "H3'"  sing N N 125 
C   "O3'" "HO3'" sing N N 126 
C   "C2'" "O2'"  sing N N 127 
C   "C2'" "C1'"  sing N N 128 
C   "C2'" "H2'"  sing N N 129 
C   "O2'" "HO2'" sing N N 130 
C   "C1'" N1     sing N N 131 
C   "C1'" "H1'"  sing N N 132 
C   N1    C2     sing N N 133 
C   N1    C6     sing N N 134 
C   C2    O2     doub N N 135 
C   C2    N3     sing N N 136 
C   N3    C4     doub N N 137 
C   C4    N4     sing N N 138 
C   C4    C5     sing N N 139 
C   N4    H41    sing N N 140 
C   N4    H42    sing N N 141 
C   C5    C6     doub N N 142 
C   C5    H5     sing N N 143 
C   C6    H6     sing N N 144 
CYS N     CA     sing N N 145 
CYS N     H      sing N N 146 
CYS N     H2     sing N N 147 
CYS CA    C      sing N N 148 
CYS CA    CB     sing N N 149 
CYS CA    HA     sing N N 150 
CYS C     O      doub N N 151 
CYS C     OXT    sing N N 152 
CYS CB    SG     sing N N 153 
CYS CB    HB2    sing N N 154 
CYS CB    HB3    sing N N 155 
CYS SG    HG     sing N N 156 
CYS OXT   HXT    sing N N 157 
G   OP3   P      sing N N 158 
G   OP3   HOP3   sing N N 159 
G   P     OP1    doub N N 160 
G   P     OP2    sing N N 161 
G   P     "O5'"  sing N N 162 
G   OP2   HOP2   sing N N 163 
G   "O5'" "C5'"  sing N N 164 
G   "C5'" "C4'"  sing N N 165 
G   "C5'" "H5'"  sing N N 166 
G   "C5'" "H5''" sing N N 167 
G   "C4'" "O4'"  sing N N 168 
G   "C4'" "C3'"  sing N N 169 
G   "C4'" "H4'"  sing N N 170 
G   "O4'" "C1'"  sing N N 171 
G   "C3'" "O3'"  sing N N 172 
G   "C3'" "C2'"  sing N N 173 
G   "C3'" "H3'"  sing N N 174 
G   "O3'" "HO3'" sing N N 175 
G   "C2'" "O2'"  sing N N 176 
G   "C2'" "C1'"  sing N N 177 
G   "C2'" "H2'"  sing N N 178 
G   "O2'" "HO2'" sing N N 179 
G   "C1'" N9     sing N N 180 
G   "C1'" "H1'"  sing N N 181 
G   N9    C8     sing Y N 182 
G   N9    C4     sing Y N 183 
G   C8    N7     doub Y N 184 
G   C8    H8     sing N N 185 
G   N7    C5     sing Y N 186 
G   C5    C6     sing N N 187 
G   C5    C4     doub Y N 188 
G   C6    O6     doub N N 189 
G   C6    N1     sing N N 190 
G   N1    C2     sing N N 191 
G   N1    H1     sing N N 192 
G   C2    N2     sing N N 193 
G   C2    N3     doub N N 194 
G   N2    H21    sing N N 195 
G   N2    H22    sing N N 196 
G   N3    C4     sing N N 197 
GLN N     CA     sing N N 198 
GLN N     H      sing N N 199 
GLN N     H2     sing N N 200 
GLN CA    C      sing N N 201 
GLN CA    CB     sing N N 202 
GLN CA    HA     sing N N 203 
GLN C     O      doub N N 204 
GLN C     OXT    sing N N 205 
GLN CB    CG     sing N N 206 
GLN CB    HB2    sing N N 207 
GLN CB    HB3    sing N N 208 
GLN CG    CD     sing N N 209 
GLN CG    HG2    sing N N 210 
GLN CG    HG3    sing N N 211 
GLN CD    OE1    doub N N 212 
GLN CD    NE2    sing N N 213 
GLN NE2   HE21   sing N N 214 
GLN NE2   HE22   sing N N 215 
GLN OXT   HXT    sing N N 216 
GLU N     CA     sing N N 217 
GLU N     H      sing N N 218 
GLU N     H2     sing N N 219 
GLU CA    C      sing N N 220 
GLU CA    CB     sing N N 221 
GLU CA    HA     sing N N 222 
GLU C     O      doub N N 223 
GLU C     OXT    sing N N 224 
GLU CB    CG     sing N N 225 
GLU CB    HB2    sing N N 226 
GLU CB    HB3    sing N N 227 
GLU CG    CD     sing N N 228 
GLU CG    HG2    sing N N 229 
GLU CG    HG3    sing N N 230 
GLU CD    OE1    doub N N 231 
GLU CD    OE2    sing N N 232 
GLU OE2   HE2    sing N N 233 
GLU OXT   HXT    sing N N 234 
GLY N     CA     sing N N 235 
GLY N     H      sing N N 236 
GLY N     H2     sing N N 237 
GLY CA    C      sing N N 238 
GLY CA    HA2    sing N N 239 
GLY CA    HA3    sing N N 240 
GLY C     O      doub N N 241 
GLY C     OXT    sing N N 242 
GLY OXT   HXT    sing N N 243 
HIS N     CA     sing N N 244 
HIS N     H      sing N N 245 
HIS N     H2     sing N N 246 
HIS CA    C      sing N N 247 
HIS CA    CB     sing N N 248 
HIS CA    HA     sing N N 249 
HIS C     O      doub N N 250 
HIS C     OXT    sing N N 251 
HIS CB    CG     sing N N 252 
HIS CB    HB2    sing N N 253 
HIS CB    HB3    sing N N 254 
HIS CG    ND1    sing Y N 255 
HIS CG    CD2    doub Y N 256 
HIS ND1   CE1    doub Y N 257 
HIS ND1   HD1    sing N N 258 
HIS CD2   NE2    sing Y N 259 
HIS CD2   HD2    sing N N 260 
HIS CE1   NE2    sing Y N 261 
HIS CE1   HE1    sing N N 262 
HIS NE2   HE2    sing N N 263 
HIS OXT   HXT    sing N N 264 
ILE N     CA     sing N N 265 
ILE N     H      sing N N 266 
ILE N     H2     sing N N 267 
ILE CA    C      sing N N 268 
ILE CA    CB     sing N N 269 
ILE CA    HA     sing N N 270 
ILE C     O      doub N N 271 
ILE C     OXT    sing N N 272 
ILE CB    CG1    sing N N 273 
ILE CB    CG2    sing N N 274 
ILE CB    HB     sing N N 275 
ILE CG1   CD1    sing N N 276 
ILE CG1   HG12   sing N N 277 
ILE CG1   HG13   sing N N 278 
ILE CG2   HG21   sing N N 279 
ILE CG2   HG22   sing N N 280 
ILE CG2   HG23   sing N N 281 
ILE CD1   HD11   sing N N 282 
ILE CD1   HD12   sing N N 283 
ILE CD1   HD13   sing N N 284 
ILE OXT   HXT    sing N N 285 
LEU N     CA     sing N N 286 
LEU N     H      sing N N 287 
LEU N     H2     sing N N 288 
LEU CA    C      sing N N 289 
LEU CA    CB     sing N N 290 
LEU CA    HA     sing N N 291 
LEU C     O      doub N N 292 
LEU C     OXT    sing N N 293 
LEU CB    CG     sing N N 294 
LEU CB    HB2    sing N N 295 
LEU CB    HB3    sing N N 296 
LEU CG    CD1    sing N N 297 
LEU CG    CD2    sing N N 298 
LEU CG    HG     sing N N 299 
LEU CD1   HD11   sing N N 300 
LEU CD1   HD12   sing N N 301 
LEU CD1   HD13   sing N N 302 
LEU CD2   HD21   sing N N 303 
LEU CD2   HD22   sing N N 304 
LEU CD2   HD23   sing N N 305 
LEU OXT   HXT    sing N N 306 
LYS N     CA     sing N N 307 
LYS N     H      sing N N 308 
LYS N     H2     sing N N 309 
LYS CA    C      sing N N 310 
LYS CA    CB     sing N N 311 
LYS CA    HA     sing N N 312 
LYS C     O      doub N N 313 
LYS C     OXT    sing N N 314 
LYS CB    CG     sing N N 315 
LYS CB    HB2    sing N N 316 
LYS CB    HB3    sing N N 317 
LYS CG    CD     sing N N 318 
LYS CG    HG2    sing N N 319 
LYS CG    HG3    sing N N 320 
LYS CD    CE     sing N N 321 
LYS CD    HD2    sing N N 322 
LYS CD    HD3    sing N N 323 
LYS CE    NZ     sing N N 324 
LYS CE    HE2    sing N N 325 
LYS CE    HE3    sing N N 326 
LYS NZ    HZ1    sing N N 327 
LYS NZ    HZ2    sing N N 328 
LYS NZ    HZ3    sing N N 329 
LYS OXT   HXT    sing N N 330 
MET N     CA     sing N N 331 
MET N     H      sing N N 332 
MET N     H2     sing N N 333 
MET CA    C      sing N N 334 
MET CA    CB     sing N N 335 
MET CA    HA     sing N N 336 
MET C     O      doub N N 337 
MET C     OXT    sing N N 338 
MET CB    CG     sing N N 339 
MET CB    HB2    sing N N 340 
MET CB    HB3    sing N N 341 
MET CG    SD     sing N N 342 
MET CG    HG2    sing N N 343 
MET CG    HG3    sing N N 344 
MET SD    CE     sing N N 345 
MET CE    HE1    sing N N 346 
MET CE    HE2    sing N N 347 
MET CE    HE3    sing N N 348 
MET OXT   HXT    sing N N 349 
PHE N     CA     sing N N 350 
PHE N     H      sing N N 351 
PHE N     H2     sing N N 352 
PHE CA    C      sing N N 353 
PHE CA    CB     sing N N 354 
PHE CA    HA     sing N N 355 
PHE C     O      doub N N 356 
PHE C     OXT    sing N N 357 
PHE CB    CG     sing N N 358 
PHE CB    HB2    sing N N 359 
PHE CB    HB3    sing N N 360 
PHE CG    CD1    doub Y N 361 
PHE CG    CD2    sing Y N 362 
PHE CD1   CE1    sing Y N 363 
PHE CD1   HD1    sing N N 364 
PHE CD2   CE2    doub Y N 365 
PHE CD2   HD2    sing N N 366 
PHE CE1   CZ     doub Y N 367 
PHE CE1   HE1    sing N N 368 
PHE CE2   CZ     sing Y N 369 
PHE CE2   HE2    sing N N 370 
PHE CZ    HZ     sing N N 371 
PHE OXT   HXT    sing N N 372 
PRO N     CA     sing N N 373 
PRO N     CD     sing N N 374 
PRO N     H      sing N N 375 
PRO CA    C      sing N N 376 
PRO CA    CB     sing N N 377 
PRO CA    HA     sing N N 378 
PRO C     O      doub N N 379 
PRO C     OXT    sing N N 380 
PRO CB    CG     sing N N 381 
PRO CB    HB2    sing N N 382 
PRO CB    HB3    sing N N 383 
PRO CG    CD     sing N N 384 
PRO CG    HG2    sing N N 385 
PRO CG    HG3    sing N N 386 
PRO CD    HD2    sing N N 387 
PRO CD    HD3    sing N N 388 
PRO OXT   HXT    sing N N 389 
SER N     CA     sing N N 390 
SER N     H      sing N N 391 
SER N     H2     sing N N 392 
SER CA    C      sing N N 393 
SER CA    CB     sing N N 394 
SER CA    HA     sing N N 395 
SER C     O      doub N N 396 
SER C     OXT    sing N N 397 
SER CB    OG     sing N N 398 
SER CB    HB2    sing N N 399 
SER CB    HB3    sing N N 400 
SER OG    HG     sing N N 401 
SER OXT   HXT    sing N N 402 
THR N     CA     sing N N 403 
THR N     H      sing N N 404 
THR N     H2     sing N N 405 
THR CA    C      sing N N 406 
THR CA    CB     sing N N 407 
THR CA    HA     sing N N 408 
THR C     O      doub N N 409 
THR C     OXT    sing N N 410 
THR CB    OG1    sing N N 411 
THR CB    CG2    sing N N 412 
THR CB    HB     sing N N 413 
THR OG1   HG1    sing N N 414 
THR CG2   HG21   sing N N 415 
THR CG2   HG22   sing N N 416 
THR CG2   HG23   sing N N 417 
THR OXT   HXT    sing N N 418 
TRP N     CA     sing N N 419 
TRP N     H      sing N N 420 
TRP N     H2     sing N N 421 
TRP CA    C      sing N N 422 
TRP CA    CB     sing N N 423 
TRP CA    HA     sing N N 424 
TRP C     O      doub N N 425 
TRP C     OXT    sing N N 426 
TRP CB    CG     sing N N 427 
TRP CB    HB2    sing N N 428 
TRP CB    HB3    sing N N 429 
TRP CG    CD1    doub Y N 430 
TRP CG    CD2    sing Y N 431 
TRP CD1   NE1    sing Y N 432 
TRP CD1   HD1    sing N N 433 
TRP CD2   CE2    doub Y N 434 
TRP CD2   CE3    sing Y N 435 
TRP NE1   CE2    sing Y N 436 
TRP NE1   HE1    sing N N 437 
TRP CE2   CZ2    sing Y N 438 
TRP CE3   CZ3    doub Y N 439 
TRP CE3   HE3    sing N N 440 
TRP CZ2   CH2    doub Y N 441 
TRP CZ2   HZ2    sing N N 442 
TRP CZ3   CH2    sing Y N 443 
TRP CZ3   HZ3    sing N N 444 
TRP CH2   HH2    sing N N 445 
TRP OXT   HXT    sing N N 446 
TYR N     CA     sing N N 447 
TYR N     H      sing N N 448 
TYR N     H2     sing N N 449 
TYR CA    C      sing N N 450 
TYR CA    CB     sing N N 451 
TYR CA    HA     sing N N 452 
TYR C     O      doub N N 453 
TYR C     OXT    sing N N 454 
TYR CB    CG     sing N N 455 
TYR CB    HB2    sing N N 456 
TYR CB    HB3    sing N N 457 
TYR CG    CD1    doub Y N 458 
TYR CG    CD2    sing Y N 459 
TYR CD1   CE1    sing Y N 460 
TYR CD1   HD1    sing N N 461 
TYR CD2   CE2    doub Y N 462 
TYR CD2   HD2    sing N N 463 
TYR CE1   CZ     doub Y N 464 
TYR CE1   HE1    sing N N 465 
TYR CE2   CZ     sing Y N 466 
TYR CE2   HE2    sing N N 467 
TYR CZ    OH     sing N N 468 
TYR OH    HH     sing N N 469 
TYR OXT   HXT    sing N N 470 
U   OP3   P      sing N N 471 
U   OP3   HOP3   sing N N 472 
U   P     OP1    doub N N 473 
U   P     OP2    sing N N 474 
U   P     "O5'"  sing N N 475 
U   OP2   HOP2   sing N N 476 
U   "O5'" "C5'"  sing N N 477 
U   "C5'" "C4'"  sing N N 478 
U   "C5'" "H5'"  sing N N 479 
U   "C5'" "H5''" sing N N 480 
U   "C4'" "O4'"  sing N N 481 
U   "C4'" "C3'"  sing N N 482 
U   "C4'" "H4'"  sing N N 483 
U   "O4'" "C1'"  sing N N 484 
U   "C3'" "O3'"  sing N N 485 
U   "C3'" "C2'"  sing N N 486 
U   "C3'" "H3'"  sing N N 487 
U   "O3'" "HO3'" sing N N 488 
U   "C2'" "O2'"  sing N N 489 
U   "C2'" "C1'"  sing N N 490 
U   "C2'" "H2'"  sing N N 491 
U   "O2'" "HO2'" sing N N 492 
U   "C1'" N1     sing N N 493 
U   "C1'" "H1'"  sing N N 494 
U   N1    C2     sing N N 495 
U   N1    C6     sing N N 496 
U   C2    O2     doub N N 497 
U   C2    N3     sing N N 498 
U   N3    C4     sing N N 499 
U   N3    H3     sing N N 500 
U   C4    O4     doub N N 501 
U   C4    C5     sing N N 502 
U   C5    C6     doub N N 503 
U   C5    H5     sing N N 504 
U   C6    H6     sing N N 505 
VAL N     CA     sing N N 506 
VAL N     H      sing N N 507 
VAL N     H2     sing N N 508 
VAL CA    C      sing N N 509 
VAL CA    CB     sing N N 510 
VAL CA    HA     sing N N 511 
VAL C     O      doub N N 512 
VAL C     OXT    sing N N 513 
VAL CB    CG1    sing N N 514 
VAL CB    CG2    sing N N 515 
VAL CB    HB     sing N N 516 
VAL CG1   HG11   sing N N 517 
VAL CG1   HG12   sing N N 518 
VAL CG1   HG13   sing N N 519 
VAL CG2   HG21   sing N N 520 
VAL CG2   HG22   sing N N 521 
VAL CG2   HG23   sing N N 522 
VAL OXT   HXT    sing N N 523 
# 
_em_ctf_correction.id        1 
_em_ctf_correction.details   'CTF correction of 3D-MAPS by wiener filtration' 
_em_ctf_correction.type      . 
# 
_em_image_processing.id                   1 
_em_image_processing.image_recording_id   1 
_em_image_processing.details              ? 
# 
_em_image_recording.details                       ? 
_em_image_recording.id                            1 
_em_image_recording.avg_electron_dose_per_image   20 
_em_image_recording.film_or_detector_model        'KODAK SO-163 FILM' 
_em_image_recording.imaging_id                    1 
_em_image_recording.detector_mode                 ? 
_em_image_recording.average_exposure_time         ? 
_em_image_recording.num_diffraction_images        ? 
_em_image_recording.num_grids_imaged              ? 
_em_image_recording.num_real_images               ? 
# 
loop_
_em_software.id 
_em_software.name 
_em_software.version 
_em_software.category 
_em_software.details 
_em_software.image_processing_id 
1 O      ? 'MODEL FITTING' MANUAL ? 
2 SPIDER ? RECONSTRUCTION  ?      1 
# 
_em_specimen.experiment_id           1 
_em_specimen.id                      1 
_em_specimen.concentration           0.032 
_em_specimen.vitrification_applied   YES 
_em_specimen.staining_applied        NO 
_em_specimen.embedding_applied       NO 
_em_specimen.shadowing_applied       NO 
_em_specimen.details                 ? 
# 
loop_
_pdbx_coordinate_model.asym_id 
_pdbx_coordinate_model.type 
A 'P ATOMS ONLY'  
B 'P ATOMS ONLY'  
C 'P ATOMS ONLY'  
D 'P ATOMS ONLY'  
E 'CA ATOMS ONLY' 
F 'CA ATOMS ONLY' 
G 'CA ATOMS ONLY' 
H 'CA ATOMS ONLY' 
I 'CA ATOMS ONLY' 
# 
loop_
_pdbx_initial_refinement_model.id 
_pdbx_initial_refinement_model.type 
_pdbx_initial_refinement_model.source_name 
_pdbx_initial_refinement_model.accession_code 
1 'experimental model' PDB 1FJF 
2 'experimental model' PDB 1EGA 
# 
_atom_sites.entry_id                    1X18 
_atom_sites.fract_transf_matrix[1][1]   1.000000 
_atom_sites.fract_transf_matrix[1][2]   0.000000 
_atom_sites.fract_transf_matrix[1][3]   0.000000 
_atom_sites.fract_transf_matrix[2][1]   0.000000 
_atom_sites.fract_transf_matrix[2][2]   1.000000 
_atom_sites.fract_transf_matrix[2][3]   0.000000 
_atom_sites.fract_transf_matrix[3][1]   0.000000 
_atom_sites.fract_transf_matrix[3][2]   0.000000 
_atom_sites.fract_transf_matrix[3][3]   1.000000 
_atom_sites.fract_transf_vector[1]      0.00000 
_atom_sites.fract_transf_vector[2]      0.00000 
_atom_sites.fract_transf_vector[3]      0.00000 
# 
loop_
_atom_type.symbol 
C 
P 
# 
loop_
_atom_site.group_PDB 
_atom_site.id 
_atom_site.type_symbol 
_atom_site.label_atom_id 
_atom_site.label_alt_id 
_atom_site.label_comp_id 
_atom_site.label_asym_id 
_atom_site.label_entity_id 
_atom_site.label_seq_id 
_atom_site.pdbx_PDB_ins_code 
_atom_site.Cartn_x 
_atom_site.Cartn_y 
_atom_site.Cartn_z 
_atom_site.occupancy 
_atom_site.B_iso_or_equiv 
_atom_site.pdbx_formal_charge 
_atom_site.auth_seq_id 
_atom_site.auth_comp_id 
_atom_site.auth_asym_id 
_atom_site.auth_atom_id 
_atom_site.pdbx_PDB_model_num 
ATOM 1   P P  . C   A 1 1   ? 25.249  12.491  10.475  1.00 50.77  ? 720 C   A P  1 
ATOM 2   P P  . G   A 1 2   ? 23.215  17.032  13.532  1.00 54.87  ? 721 G   A P  1 
ATOM 3   P P  . A   A 1 3   ? 22.415  15.648  7.081   1.00 77.32  ? 722 A   A P  1 
ATOM 4   P P  . U   A 1 4   ? 19.878  20.207  3.882   1.00 23.28  ? 723 U   A P  1 
ATOM 5   P P  . G   A 1 5   ? 18.556  25.750  5.919   1.00 51.51  ? 724 G   A P  1 
ATOM 6   P P  . G   A 1 6   ? 20.235  29.162  9.724   1.00 47.77  ? 725 G   A P  1 
ATOM 7   P P  . C   A 1 7   ? 23.794  33.192  11.940  1.00 45.17  ? 726 C   A P  1 
ATOM 8   P P  . G   A 1 8   ? 27.212  37.324  11.206  1.00 42.06  ? 727 G   A P  1 
ATOM 9   P P  . A   A 1 9   ? 29.120  41.513  8.079   1.00 45.67  ? 728 A   A P  1 
ATOM 10  P P  . A   A 1 10  ? 27.779  39.069  3.137   1.00 36.43  ? 729 A   A P  1 
ATOM 11  P P  . G   A 1 11  ? 29.767  35.683  -1.394  1.00 37.44  ? 730 G   A P  1 
ATOM 12  P P  . C   B 2 1   ? 6.906   52.094  10.880  1.00 35.87  ? 826 C   B P  1 
ATOM 13  P P  . U   B 2 2   ? 1.480   50.175  9.353   1.00 38.50  ? 827 U   B P  1 
ATOM 14  P P  . A   B 2 3   ? -1.893  46.017  7.946   1.00 43.93  ? 828 A   B P  1 
ATOM 15  P P  . G   B 2 4   ? -0.998  41.156  10.832  1.00 44.06  ? 829 G   B P  1 
ATOM 16  P P  . G   B 2 5   ? -1.237  34.631  12.789  1.00 53.41  ? 830 G   B P  1 
ATOM 17  P P  . U   B 2 6   ? -0.056  29.181  12.938  1.00 50.98  ? 831 U   B P  1 
ATOM 18  P P  . C   B 2 7   ? 4.092   25.146  13.284  1.00 58.84  ? 832 C   B P  1 
ATOM 19  P P  . U   B 2 8   ? 9.695   23.574  14.358  1.00 50.73  ? 833 U   B P  1 
ATOM 20  P P  . C   B 2 9   ? 15.448  24.814  15.633  1.00 45.08  ? 834 C   B P  1 
ATOM 21  P P  . U   B 2 10  ? 19.761  27.046  18.365  1.00 42.16  ? 835 U   B P  1 
ATOM 22  P P  . G   B 2 11  ? 20.605  30.836  22.723  1.00 71.67  ? 836 G   B P  1 
ATOM 23  P P  . G   B 2 12  ? 18.218  34.112  27.508  1.00 65.41  ? 837 G   B P  1 
ATOM 24  P P  . G   B 2 13  ? 14.392  36.108  31.336  1.00 71.10  ? 838 G   B P  1 
ATOM 25  P P  . U   B 2 14  ? 9.441   36.438  34.137  1.00 15.50  ? 839 U   B P  1 
ATOM 26  P P  . C   B 2 15  ? 4.222   32.271  31.697  1.00 34.21  ? 840 C   B P  1 
ATOM 27  P P  . U   B 2 16  ? 3.596   28.061  29.160  1.00 0.93   ? 841 U   B P  1 
ATOM 28  P P  . C   B 2 17  ? 1.103   27.147  22.401  1.00 63.90  ? 848 C   B P  1 
ATOM 29  P P  . C   B 2 18  ? 1.298   33.514  20.464  1.00 23.95  ? 849 C   B P  1 
ATOM 30  P P  . U   B 2 19  ? 3.511   39.122  20.142  1.00 72.85  ? 850 U   B P  1 
ATOM 31  P P  . G   B 2 20  ? 8.036   42.544  18.885  1.00 72.63  ? 851 G   B P  1 
ATOM 32  P P  . G   B 2 21  ? 12.936  42.865  15.420  1.00 58.56  ? 852 G   B P  1 
ATOM 33  P P  . G   B 2 22  ? 16.682  41.224  11.457  1.00 45.01  ? 853 G   B P  1 
ATOM 34  P P  . G   B 2 23  ? 17.838  36.852  7.059   1.00 34.67  ? 854 G   B P  1 
ATOM 35  P P  . G   B 2 24  ? 17.269  32.266  3.366   1.00 41.95  ? 855 G   B P  1 
ATOM 36  P P  . C   B 2 25  ? 11.553  30.411  0.381   1.00 47.27  ? 856 C   B P  1 
ATOM 37  P P  . C   B 2 26  ? 6.424   28.392  -1.565  1.00 48.92  ? 857 C   B P  1 
ATOM 38  P P  . G   B 2 27  ? 0.689   30.184  -2.444  1.00 50.38  ? 858 G   B P  1 
ATOM 39  P P  . A   B 2 28  ? -3.405  35.835  -1.603  1.00 42.31  ? 859 A   B P  1 
ATOM 40  P P  . A   B 2 29  ? -6.215  39.858  -1.818  1.00 39.24  ? 860 A   B P  1 
ATOM 41  P P  . G   B 2 30  ? -6.120  44.806  -4.286  1.00 32.12  ? 861 G   B P  1 
ATOM 42  P P  . C   B 2 31  ? -2.202  47.478  -8.105  1.00 36.76  ? 862 C   B P  1 
ATOM 43  P P  . U   C 3 1   ? 0.271   -11.243 -18.550 1.00 81.19  ? 380 U   C P  1 
ATOM 44  P P  . U   C 3 2   ? 3.257   -6.015  -20.650 1.00 64.05  ? 381 U   C P  1 
ATOM 45  P P  . C   C 3 3   ? 6.913   -4.014  -24.233 1.00 50.59  ? 382 C   C P  1 
ATOM 46  P P  . C   C 3 4   ? 8.675   -2.990  -29.494 1.00 48.11  ? 383 C   C P  1 
ATOM 47  P P  . C   C 3 5   ? 6.585   -1.718  -34.405 1.00 58.38  ? 384 C   C P  1 
ATOM 48  P P  . G   C 3 6   ? 2.131   0.724   -36.632 1.00 54.72  ? 385 G   C P  1 
ATOM 49  P P  . G   C 3 7   ? -2.586  3.654   -35.321 1.00 63.01  ? 386 G   C P  1 
ATOM 50  P P  . G   C 3 8   ? -6.717  5.789   -31.296 1.00 56.29  ? 387 G   C P  1 
ATOM 51  P P  . C   C 3 9   ? -9.384  7.838   -26.830 1.00 40.01  ? 388 C   C P  1 
ATOM 52  P P  . C   C 3 10  ? -9.001  10.611  -21.946 1.00 53.16  ? 389 C   C P  1 
ATOM 53  P P  . U   C 3 11  ? -5.997  13.600  -18.255 1.00 51.46  ? 390 U   C P  1 
ATOM 54  P P  . G   C 3 12  ? 8.928   6.123   -28.463 1.00 60.26  ? 926 G   C P  1 
ATOM 55  P P  . G   C 3 13  ? 12.280  7.773   -24.336 1.00 55.11  ? 927 G   C P  1 
ATOM 56  P P  . G   C 3 14  ? 8.255   4.865   -20.945 1.00 57.17  ? 928 G   C P  1 
ATOM 57  P P  . G   C 3 15  ? 4.880   2.211   -17.117 1.00 65.85  ? 929 G   C P  1 
ATOM 58  P P  . C   C 3 16  ? 0.197   -0.525  -15.232 1.00 71.60  ? 930 C   C P  1 
ATOM 59  P P  . C   C 3 17  ? -4.421  -3.410  -16.868 1.00 64.71  ? 931 C   C P  1 
ATOM 60  P P  . C   C 3 18  ? -7.349  -6.306  -21.574 1.00 48.19  ? 932 C   C P  1 
ATOM 61  P P  . G   C 3 19  ? -9.086  -8.644  -27.217 1.00 48.07  ? 933 G   C P  1 
ATOM 62  P P  . C   C 3 20  ? -8.986  -11.336 -31.902 1.00 48.26  ? 934 C   C P  1 
ATOM 63  P P  . U   D 4 1   ? -12.968 18.932  -20.095 1.00 55.47  ? 83  U   D P  1 
ATOM 64  P P  . G   D 4 2   ? -15.938 16.235  -16.590 1.00 46.59  ? 84  G   D P  1 
ATOM 65  P P  . U   D 4 3   ? -20.742 12.553  -18.422 1.00 60.15  ? 85  U   D P  1 
ATOM 66  P P  . U   D 4 4   ? -14.903 10.122  -19.612 1.00 54.49  ? 86  U   D P  1 
ATOM 67  P P  . G   D 4 5   ? -10.774 8.989   -16.113 1.00 52.72  ? 87  G   D P  1 
ATOM 68  P P  . G   D 4 6   ? -9.792  5.994   -11.643 1.00 71.51  ? 88  G   D P  1 
ATOM 69  P P  . G   D 4 7   ? -11.139 0.776   -10.209 1.00 74.53  ? 89  G   D P  1 
ATOM 70  P P  . U   D 4 8   ? -13.587 -4.160  -11.753 1.00 71.28  ? 90  U   D P  1 
ATOM 71  P P  . U   D 4 9   ? -16.049 -7.174  -16.299 1.00 59.32  ? 91  U   D P  1 
ATOM 72  P P  . A   D 4 10  ? -17.178 -8.323  -21.837 1.00 52.84  ? 92  A   D P  1 
ATOM 73  P P  . A   D 4 11  ? -14.941 -3.506  -23.789 1.00 66.65  ? 93  A   D P  1 
ATOM 74  P P  . G   D 4 12  ? -16.137 1.930   -23.506 1.00 56.40  ? 94  G   D P  1 
ATOM 75  P P  . U   D 4 13  ? -21.652 3.376   -25.072 1.00 58.43  ? 95  U   D P  1 
ATOM 76  P P  . C   D 4 14  ? -25.553 2.475   -21.387 1.00 59.67  ? 96  C   D P  1 
ATOM 77  P P  . C   D 4 15  ? -27.113 2.700   -15.218 1.00 76.08  ? 97  C   D P  1 
ATOM 78  P P  . C   D 4 16  ? -26.651 3.687   -9.679  1.00 65.51  ? 98  C   D P  1 
ATOM 79  P P  . G   D 4 17  ? -24.210 7.848   -5.947  1.00 68.21  ? 99  G   D P  1 
ATOM 80  P P  . C   D 4 18  ? -21.586 12.791  -5.000  1.00 54.22  ? 100 C   D P  1 
ATOM 81  P P  . A   D 4 19  ? -20.666 18.381  -6.628  1.00 66.49  ? 101 A   D P  1 
ATOM 82  P P  . A   D 4 20  ? -19.143 18.544  -12.487 1.00 48.30  ? 102 A   D P  1 
ATOM 83  P P  . C   D 4 21  ? -25.437 15.215  -13.054 1.00 55.84  ? 103 C   D P  1 
ATOM 84  P P  . G   D 4 22  ? -30.374 13.881  -15.316 1.00 51.67  ? 104 G   D P  1 
ATOM 85  P P  . A   D 4 23  ? -31.744 11.740  -21.921 1.00 58.23  ? 105 A   D P  1 
ATOM 86  P P  . G   D 4 24  ? -31.653 11.518  -27.946 1.00 57.20  ? 106 G   D P  1 
ATOM 87  C CA . VAL E 5 1   ? -42.151 30.177  19.211  1.00 39.50  ? 7   VAL E CA 1 
ATOM 88  C CA . LYS E 5 2   ? -39.052 31.295  21.177  1.00 0.33   ? 8   LYS E CA 1 
ATOM 89  C CA . GLU E 5 3   ? -36.564 30.257  23.917  1.00 41.00  ? 9   GLU E CA 1 
ATOM 90  C CA . LEU E 5 4   ? -33.264 31.349  25.471  1.00 75.68  ? 10  LEU E CA 1 
ATOM 91  C CA . LEU E 5 5   ? -32.603 28.387  27.747  1.00 4.86   ? 11  LEU E CA 1 
ATOM 92  C CA . GLU E 5 6   ? -31.856 26.673  24.493  1.00 15.76  ? 12  GLU E CA 1 
ATOM 93  C CA . ALA E 5 7   ? -28.348 26.122  25.774  1.00 23.15  ? 13  ALA E CA 1 
ATOM 94  C CA . GLY E 5 8   ? -30.058 22.759  25.948  1.00 84.11  ? 14  GLY E CA 1 
ATOM 95  C CA . VAL E 5 9   ? -28.551 22.107  22.500  1.00 15.80  ? 15  VAL E CA 1 
ATOM 96  C CA . HIS E 5 10  ? -27.150 24.589  19.936  1.00 23.81  ? 16  HIS E CA 1 
ATOM 97  C CA . PHE E 5 11  ? -24.599 27.043  21.324  1.00 13.13  ? 17  PHE E CA 1 
ATOM 98  C CA . GLY E 5 12  ? -20.933 26.384  20.562  1.00 78.39  ? 18  GLY E CA 1 
ATOM 99  C CA . HIS E 5 13  ? -19.714 23.959  17.905  1.00 82.98  ? 19  HIS E CA 1 
ATOM 100 C CA . GLU E 5 14  ? -16.713 23.224  15.585  1.00 72.01  ? 20  GLU E CA 1 
ATOM 101 C CA . ARG E 5 15  ? -13.247 22.701  17.055  1.00 92.71  ? 21  ARG E CA 1 
ATOM 102 C CA . LYS E 5 16  ? -10.916 25.465  15.818  1.00 72.41  ? 22  LYS E CA 1 
ATOM 103 C CA . ARG E 5 17  ? -10.053 26.225  12.203  1.00 36.03  ? 23  ARG E CA 1 
ATOM 104 C CA . TRP E 5 18  ? -13.175 28.385  12.066  1.00 96.34  ? 24  TRP E CA 1 
ATOM 105 C CA . ASN E 5 19  ? -13.672 31.237  9.613   1.00 52.37  ? 25  ASN E CA 1 
ATOM 106 C CA . PRO E 5 20  ? -12.459 34.532  11.126  1.00 53.07  ? 26  PRO E CA 1 
ATOM 107 C CA . LYS E 5 21  ? -15.538 36.211  9.602   1.00 50.34  ? 27  LYS E CA 1 
ATOM 108 C CA . PHE E 5 22  ? -17.893 34.317  11.904  1.00 48.54  ? 28  PHE E CA 1 
ATOM 109 C CA . ALA E 5 23  ? -15.923 36.018  14.671  1.00 68.80  ? 29  ALA E CA 1 
ATOM 110 C CA . ARG E 5 24  ? -18.876 38.224  15.616  1.00 76.46  ? 30  ARG E CA 1 
ATOM 111 C CA . TYR E 5 25  ? -21.188 35.296  16.441  1.00 66.15  ? 31  TYR E CA 1 
ATOM 112 C CA . ILE E 5 26  ? -18.626 33.580  18.666  1.00 80.41  ? 32  ILE E CA 1 
ATOM 113 C CA . TYR E 5 27  ? -18.530 33.851  22.441  1.00 74.90  ? 33  TYR E CA 1 
ATOM 114 C CA . ALA E 5 28  ? -15.376 31.914  23.353  1.00 75.37  ? 34  ALA E CA 1 
ATOM 115 C CA . GLU E 5 29  ? -13.280 28.748  23.055  1.00 90.87  ? 35  GLU E CA 1 
ATOM 116 C CA . ARG E 5 30  ? -13.355 26.010  25.680  1.00 36.70  ? 36  ARG E CA 1 
ATOM 117 C CA . ASN E 5 31  ? -11.582 22.661  25.435  1.00 30.09  ? 37  ASN E CA 1 
ATOM 118 C CA . GLY E 5 32  ? -10.807 23.911  21.958  1.00 16.03  ? 38  GLY E CA 1 
ATOM 119 C CA . ILE E 5 33  ? -14.309 24.225  20.493  1.00 92.11  ? 39  ILE E CA 1 
ATOM 120 C CA . HIS E 5 34  ? -15.645 27.757  20.031  1.00 84.82  ? 40  HIS E CA 1 
ATOM 121 C CA . ILE E 5 35  ? -18.827 28.689  21.847  1.00 98.44  ? 41  ILE E CA 1 
ATOM 122 C CA . ILE E 5 36  ? -21.579 30.503  20.002  1.00 73.66  ? 42  ILE E CA 1 
ATOM 123 C CA . ASP E 5 37  ? -23.173 33.453  21.768  1.00 63.31  ? 43  ASP E CA 1 
ATOM 124 C CA . LEU E 5 38  ? -26.881 32.567  21.827  1.00 62.78  ? 44  LEU E CA 1 
ATOM 125 C CA . GLN E 5 39  ? -27.779 36.109  22.913  1.00 70.13  ? 45  GLN E CA 1 
ATOM 126 C CA . LYS E 5 40  ? -26.884 36.831  19.307  1.00 75.73  ? 46  LYS E CA 1 
ATOM 127 C CA . THR E 5 41  ? -28.401 33.590  18.031  1.00 70.93  ? 47  THR E CA 1 
ATOM 128 C CA . MET E 5 42  ? -31.524 35.149  19.488  1.00 92.49  ? 48  MET E CA 1 
ATOM 129 C CA . GLU E 5 43  ? -31.234 38.595  17.940  1.00 69.85  ? 49  GLU E CA 1 
ATOM 130 C CA . GLU E 5 44  ? -30.768 36.832  14.623  1.00 67.86  ? 50  GLU E CA 1 
ATOM 131 C CA . LEU E 5 45  ? -33.717 34.471  15.050  1.00 59.19  ? 51  LEU E CA 1 
ATOM 132 C CA . GLU E 5 46  ? -36.065 37.383  15.729  1.00 4.77   ? 52  GLU E CA 1 
ATOM 133 C CA . ARG E 5 47  ? -34.875 39.155  12.604  1.00 76.33  ? 53  ARG E CA 1 
ATOM 134 C CA . THR E 5 48  ? -34.792 35.946  10.563  1.00 58.68  ? 54  THR E CA 1 
ATOM 135 C CA . PHE E 5 49  ? -38.094 34.427  11.687  1.00 64.76  ? 55  PHE E CA 1 
ATOM 136 C CA . ARG E 5 50  ? -39.714 37.817  11.195  1.00 68.74  ? 56  ARG E CA 1 
ATOM 137 C CA . PHE E 5 51  ? -38.621 37.562  7.532   1.00 47.68  ? 57  PHE E CA 1 
ATOM 138 C CA . ILE E 5 52  ? -40.322 34.182  7.427   1.00 52.89  ? 58  ILE E CA 1 
ATOM 139 C CA . GLU E 5 53  ? -43.855 35.212  8.549   1.00 60.29  ? 59  GLU E CA 1 
ATOM 140 C CA . ASP E 5 54  ? -43.297 37.781  5.844   1.00 53.54  ? 60  ASP E CA 1 
ATOM 141 C CA . LEU E 5 55  ? -43.049 35.252  2.984   1.00 56.20  ? 61  LEU E CA 1 
ATOM 142 C CA . ALA E 5 56  ? -45.136 32.884  5.067   1.00 60.40  ? 62  ALA E CA 1 
ATOM 143 C CA . MET E 5 57  ? -48.530 34.602  5.241   1.00 99.59  ? 63  MET E CA 1 
ATOM 144 C CA . ARG E 5 58  ? -47.665 36.089  1.868   1.00 46.86  ? 64  ARG E CA 1 
ATOM 145 C CA . GLY E 5 59  ? -47.932 32.652  0.276   1.00 77.86  ? 65  GLY E CA 1 
ATOM 146 C CA . GLY E 5 60  ? -44.279 32.472  -0.630  1.00 74.07  ? 66  GLY E CA 1 
ATOM 147 C CA . THR E 5 61  ? -42.181 29.348  -1.036  1.00 69.37  ? 67  THR E CA 1 
ATOM 148 C CA . ILE E 5 62  ? -39.046 28.345  0.884   1.00 54.61  ? 68  ILE E CA 1 
ATOM 149 C CA . LEU E 5 63  ? -36.878 25.639  -0.641  1.00 61.09  ? 69  LEU E CA 1 
ATOM 150 C CA . PHE E 5 64  ? -35.196 23.830  2.258   1.00 67.44  ? 70  PHE E CA 1 
ATOM 151 C CA . VAL E 5 65  ? -31.752 22.414  1.536   1.00 71.24  ? 71  VAL E CA 1 
ATOM 152 C CA . GLY E 5 66  ? -30.061 19.827  3.736   1.00 59.47  ? 72  GLY E CA 1 
ATOM 153 C CA . THR E 5 67  ? -27.658 17.343  2.143   1.00 56.86  ? 73  THR E CA 1 
ATOM 154 C CA . LYS E 5 68  ? -25.559 17.039  5.326   1.00 58.31  ? 74  LYS E CA 1 
ATOM 155 C CA . LYS E 5 69  ? -26.242 13.607  6.860   1.00 85.56  ? 75  LYS E CA 1 
ATOM 156 C CA . GLN E 5 70  ? -26.975 14.728  10.423  1.00 89.05  ? 76  GLN E CA 1 
ATOM 157 C CA . ALA E 5 71  ? -29.931 16.683  8.998   1.00 76.77  ? 77  ALA E CA 1 
ATOM 158 C CA . GLN E 5 72  ? -30.862 14.664  5.926   1.00 56.66  ? 78  GLN E CA 1 
ATOM 159 C CA . ASP E 5 73  ? -33.955 13.046  7.459   1.00 2.64   ? 79  ASP E CA 1 
ATOM 160 C CA . ILE E 5 74  ? -35.148 16.148  9.294   1.00 69.03  ? 80  ILE E CA 1 
ATOM 161 C CA . VAL E 5 75  ? -35.086 18.365  6.197   1.00 77.39  ? 81  VAL E CA 1 
ATOM 162 C CA . ARG E 5 76  ? -37.715 15.987  4.804   1.00 69.48  ? 82  ARG E CA 1 
ATOM 163 C CA . MET E 5 77  ? -40.035 15.875  7.812   1.00 80.47  ? 83  MET E CA 1 
ATOM 164 C CA . GLU E 5 78  ? -40.093 19.600  8.510   1.00 53.18  ? 84  GLU E CA 1 
ATOM 165 C CA . ALA E 5 79  ? -40.233 20.262  4.771   1.00 73.77  ? 85  ALA E CA 1 
ATOM 166 C CA . GLU E 5 80  ? -43.246 18.023  4.097   1.00 81.36  ? 86  GLU E CA 1 
ATOM 167 C CA . ARG E 5 81  ? -44.720 19.360  7.321   1.00 61.22  ? 87  ARG E CA 1 
ATOM 168 C CA . ALA E 5 82  ? -45.275 22.514  5.242   1.00 62.28  ? 88  ALA E CA 1 
ATOM 169 C CA . GLY E 5 83  ? -46.209 22.766  1.572   1.00 81.64  ? 89  GLY E CA 1 
ATOM 170 C CA . MET E 5 84  ? -42.507 23.500  1.106   1.00 62.17  ? 90  MET E CA 1 
ATOM 171 C CA . PRO E 5 85  ? -40.066 21.682  -1.246  1.00 77.54  ? 91  PRO E CA 1 
ATOM 172 C CA . TYR E 5 86  ? -36.663 20.348  -0.221  1.00 45.66  ? 92  TYR E CA 1 
ATOM 173 C CA . VAL E 5 87  ? -33.391 18.948  -1.556  1.00 52.02  ? 93  VAL E CA 1 
ATOM 174 C CA . ASN E 5 88  ? -32.374 16.053  0.687   1.00 55.43  ? 94  ASN E CA 1 
ATOM 175 C CA . GLN E 5 89  ? -30.051 13.748  -1.219  1.00 84.19  ? 95  GLN E CA 1 
ATOM 176 C CA . ARG E 5 90  ? -27.707 15.632  -3.535  1.00 76.44  ? 96  ARG E CA 1 
ATOM 177 C CA . TRP E 5 91  ? -28.236 19.178  -4.703  1.00 37.78  ? 97  TRP E CA 1 
ATOM 178 C CA . LEU E 5 92  ? -27.838 18.892  -8.499  1.00 38.64  ? 98  LEU E CA 1 
ATOM 179 C CA . GLY E 5 93  ? -25.828 21.738  -10.010 1.00 45.61  ? 99  GLY E CA 1 
ATOM 180 C CA . GLY E 5 94  ? -28.110 24.310  -11.567 1.00 52.71  ? 100 GLY E CA 1 
ATOM 181 C CA . MET E 5 95  ? -31.340 23.429  -9.772  1.00 57.25  ? 101 MET E CA 1 
ATOM 182 C CA . LEU E 5 96  ? -31.918 27.165  -9.370  1.00 39.78  ? 102 LEU E CA 1 
ATOM 183 C CA . THR E 5 97  ? -29.563 28.611  -11.925 1.00 38.96  ? 103 THR E CA 1 
ATOM 184 C CA . ASN E 5 98  ? -30.642 26.045  -14.507 1.00 54.74  ? 104 ASN E CA 1 
ATOM 185 C CA . PHE E 5 99  ? -34.194 25.579  -13.225 1.00 66.81  ? 105 PHE E CA 1 
ATOM 186 C CA . LYS E 5 100 ? -36.060 25.287  -16.505 1.00 64.26  ? 106 LYS E CA 1 
ATOM 187 C CA . THR E 5 101 ? -33.918 22.285  -17.405 1.00 63.06  ? 107 THR E CA 1 
ATOM 188 C CA . ILE E 5 102 ? -37.610 21.020  -14.323 1.00 3.51   ? 109 ILE E CA 1 
ATOM 189 C CA . GLN E 5 103 ? -37.809 18.801  -17.380 1.00 63.82  ? 110 GLN E CA 1 
ATOM 190 C CA . ARG E 5 104 ? -36.453 16.136  -15.086 1.00 78.94  ? 111 ARG E CA 1 
ATOM 191 C CA . VAL E 5 105 ? -39.608 16.478  -12.984 1.00 66.27  ? 112 VAL E CA 1 
ATOM 192 C CA . HIS E 5 106 ? -41.861 16.458  -16.049 1.00 67.02  ? 113 HIS E CA 1 
ATOM 193 C CA . ARG E 5 107 ? -40.215 13.137  -16.743 1.00 90.29  ? 114 ARG E CA 1 
ATOM 194 C CA . LEU E 5 108 ? -40.856 11.866  -13.227 1.00 76.29  ? 115 LEU E CA 1 
ATOM 195 C CA . GLU E 5 109 ? -44.544 12.654  -13.640 1.00 76.46  ? 116 GLU E CA 1 
ATOM 196 C CA . GLU E 5 110 ? -44.664 11.186  -17.121 1.00 74.21  ? 117 GLU E CA 1 
ATOM 197 C CA . LEU E 5 111 ? -43.053 7.932   -15.982 1.00 116.25 ? 118 LEU E CA 1 
ATOM 198 C CA . GLU E 5 112 ? -45.239 7.410   -12.911 1.00 63.04  ? 119 GLU E CA 1 
ATOM 199 C CA . ALA E 5 113 ? -48.130 7.494   -15.386 1.00 123.76 ? 120 ALA E CA 1 
ATOM 200 C CA . LEU E 5 114 ? -46.825 4.586   -17.452 1.00 102.74 ? 121 LEU E CA 1 
ATOM 201 C CA . PHE E 5 115 ? -46.191 2.491   -14.337 1.00 124.38 ? 122 PHE E CA 1 
ATOM 202 C CA . ALA E 5 116 ? -49.882 2.654   -13.462 1.00 171.14 ? 123 ALA E CA 1 
ATOM 203 C CA . SER E 5 117 ? -51.232 2.826   -17.025 1.00 104.76 ? 124 SER E CA 1 
ATOM 204 C CA . PRO E 5 118 ? -51.925 0.200   -19.723 1.00 179.86 ? 125 PRO E CA 1 
ATOM 205 C CA . GLU E 5 119 ? -48.685 0.236   -21.721 1.00 145.67 ? 126 GLU E CA 1 
ATOM 206 C CA . ILE E 5 120 ? -46.987 -1.040  -18.550 1.00 200.89 ? 127 ILE E CA 1 
ATOM 207 C CA . GLU E 5 121 ? -46.637 -4.589  -19.861 1.00 159.40 ? 128 GLU E CA 1 
ATOM 208 C CA . GLU E 5 122 ? -45.586 -3.472  -23.353 1.00 139.33 ? 129 GLU E CA 1 
ATOM 209 C CA . ARG E 5 123 ? -42.283 -3.439  -25.234 1.00 148.23 ? 130 ARG E CA 1 
ATOM 210 C CA . PRO E 5 124 ? -39.287 -5.453  -23.993 1.00 148.72 ? 131 PRO E CA 1 
ATOM 211 C CA . LYS E 5 125 ? -38.458 -5.474  -20.292 1.00 180.59 ? 132 LYS E CA 1 
ATOM 212 C CA . LYS E 5 126 ? -35.041 -3.983  -21.016 1.00 200.93 ? 133 LYS E CA 1 
ATOM 213 C CA . GLU E 5 127 ? -37.135 -0.827  -20.830 1.00 156.19 ? 134 GLU E CA 1 
ATOM 214 C CA . GLN E 5 128 ? -36.241 -2.253  -16.293 1.00 106.00 ? 136 GLN E CA 1 
ATOM 215 C CA . ARG E 5 129 ? -34.257 0.787   -17.443 1.00 157.73 ? 137 ARG E CA 1 
ATOM 216 C CA . LEU E 5 130 ? -37.903 1.270   -13.611 1.00 103.86 ? 139 LEU E CA 1 
ATOM 217 C CA . HIS E 5 131 ? -34.465 2.713   -12.852 1.00 175.20 ? 140 HIS E CA 1 
ATOM 218 C CA . GLU E 5 132 ? -35.179 6.246   -14.091 1.00 90.27  ? 141 GLU E CA 1 
ATOM 219 C CA . LEU E 5 133 ? -38.047 6.526   -11.639 1.00 77.28  ? 142 LEU E CA 1 
ATOM 220 C CA . GLU E 5 134 ? -35.801 5.033   -8.971  1.00 87.67  ? 143 GLU E CA 1 
ATOM 221 C CA . ARG E 5 135 ? -33.317 7.885   -9.216  1.00 75.55  ? 144 ARG E CA 1 
ATOM 222 C CA . LEU E 5 136 ? -35.754 10.659  -10.163 1.00 57.14  ? 145 LEU E CA 1 
ATOM 223 C CA . GLN E 5 137 ? -37.625 9.769   -7.009  1.00 47.95  ? 146 GLN E CA 1 
ATOM 224 C CA . LYS E 5 138 ? -34.275 9.803   -5.188  1.00 70.90  ? 147 LYS E CA 1 
ATOM 225 C CA . TYR E 5 139 ? -33.207 13.352  -6.056  1.00 87.54  ? 148 TYR E CA 1 
ATOM 226 C CA . LEU E 5 140 ? -36.411 15.006  -7.221  1.00 74.49  ? 149 LEU E CA 1 
ATOM 227 C CA . SER E 5 141 ? -38.723 13.903  -4.388  1.00 71.60  ? 150 SER E CA 1 
ATOM 228 C CA . GLY E 5 142 ? -38.556 17.233  -2.545  1.00 62.61  ? 151 GLY E CA 1 
ATOM 229 C CA . PHE E 5 143 ? -37.707 19.316  -5.590  1.00 69.51  ? 152 PHE E CA 1 
ATOM 230 C CA . ARG E 5 144 ? -41.007 17.888  -6.822  1.00 85.29  ? 153 ARG E CA 1 
ATOM 231 C CA . LEU E 5 145 ? -43.138 20.903  -5.799  1.00 77.42  ? 154 LEU E CA 1 
ATOM 232 C CA . LEU E 5 146 ? -41.080 23.846  -7.078  1.00 67.38  ? 155 LEU E CA 1 
ATOM 233 C CA . LYS E 5 147 ? -43.137 25.184  -9.996  1.00 68.53  ? 156 LYS E CA 1 
ATOM 234 C CA . ARG E 5 148 ? -40.998 28.359  -10.289 1.00 45.33  ? 157 ARG E CA 1 
ATOM 235 C CA . LEU E 5 149 ? -37.804 29.557  -8.603  1.00 28.21  ? 158 LEU E CA 1 
ATOM 236 C CA . PRO E 5 150 ? -38.395 29.718  -4.825  1.00 34.11  ? 159 PRO E CA 1 
ATOM 237 C CA . ASP E 5 151 ? -38.656 32.937  -2.822  1.00 40.88  ? 160 ASP E CA 1 
ATOM 238 C CA . ALA E 5 152 ? -35.906 31.972  -0.460  1.00 52.67  ? 161 ALA E CA 1 
ATOM 239 C CA . ILE E 5 153 ? -33.759 29.109  0.690   1.00 59.72  ? 162 ILE E CA 1 
ATOM 240 C CA . PHE E 5 154 ? -33.481 27.651  4.145   1.00 89.88  ? 163 PHE E CA 1 
ATOM 241 C CA . VAL E 5 155 ? -30.076 26.043  3.970   1.00 59.73  ? 164 VAL E CA 1 
ATOM 242 C CA . VAL E 5 156 ? -28.579 24.070  6.826   1.00 17.35  ? 165 VAL E CA 1 
ATOM 243 C CA . ASP E 5 157 ? -24.778 23.936  6.540   1.00 61.33  ? 166 ASP E CA 1 
ATOM 244 C CA . PRO E 5 158 ? -24.085 26.747  3.998   1.00 65.45  ? 167 PRO E CA 1 
ATOM 245 C CA . THR E 5 159 ? -20.440 25.779  3.750   1.00 78.19  ? 168 THR E CA 1 
ATOM 246 C CA . LYS E 5 160 ? -21.455 22.229  2.925   1.00 56.28  ? 169 LYS E CA 1 
ATOM 247 C CA . GLU E 5 161 ? -24.334 23.567  0.818   1.00 58.48  ? 170 GLU E CA 1 
ATOM 248 C CA . ALA E 5 162 ? -22.280 26.391  -0.726  1.00 54.31  ? 171 ALA E CA 1 
ATOM 249 C CA . ILE E 5 163 ? -23.150 25.540  -4.332  1.00 47.70  ? 172 ILE E CA 1 
ATOM 250 C CA . ALA E 5 164 ? -26.809 26.055  -3.444  1.00 58.10  ? 173 ALA E CA 1 
ATOM 251 C CA . VAL E 5 165 ? -26.148 29.341  -1.665  1.00 48.35  ? 174 VAL E CA 1 
ATOM 252 C CA . ARG E 5 166 ? -24.115 30.580  -4.638  1.00 40.60  ? 175 ARG E CA 1 
ATOM 253 C CA . GLU E 5 167 ? -26.942 29.865  -7.077  1.00 46.34  ? 176 GLU E CA 1 
ATOM 254 C CA . ALA E 5 168 ? -29.301 31.871  -4.869  1.00 43.41  ? 177 ALA E CA 1 
ATOM 255 C CA . ARG E 5 169 ? -27.048 34.930  -4.858  1.00 37.54  ? 178 ARG E CA 1 
ATOM 256 C CA . LYS E 5 170 ? -26.796 35.000  -8.660  1.00 39.07  ? 179 LYS E CA 1 
ATOM 257 C CA . LEU E 5 171 ? -30.563 34.772  -8.815  1.00 36.65  ? 180 LEU E CA 1 
ATOM 258 C CA . PHE E 5 172 ? -31.110 37.242  -5.955  1.00 66.38  ? 181 PHE E CA 1 
ATOM 259 C CA . ILE E 5 173 ? -32.988 34.647  -4.010  1.00 40.04  ? 182 ILE E CA 1 
ATOM 260 C CA . PRO E 5 174 ? -30.686 33.039  1.769   1.00 40.37  ? 183 PRO E CA 1 
ATOM 261 C CA . VAL E 5 175 ? -30.686 33.039  1.769   1.00 40.37  ? 184 VAL E CA 1 
ATOM 262 C CA . ILE E 5 176 ? -31.611 31.791  5.245   1.00 53.61  ? 185 ILE E CA 1 
ATOM 263 C CA . ALA E 5 177 ? -29.212 29.486  7.058   1.00 52.12  ? 186 ALA E CA 1 
ATOM 264 C CA . LEU E 5 178 ? -28.542 27.655  10.311  1.00 64.68  ? 187 LEU E CA 1 
ATOM 265 C CA . ALA E 5 179 ? -24.817 28.301  10.162  1.00 57.80  ? 188 ALA E CA 1 
ATOM 266 C CA . ASP E 5 180 ? -21.980 27.949  12.645  1.00 62.58  ? 189 ASP E CA 1 
ATOM 267 C CA . THR E 5 181 ? -18.273 28.506  13.336  1.00 46.01  ? 190 THR E CA 1 
ATOM 268 C CA . ASP E 5 182 ? -16.900 27.230  10.013  1.00 56.14  ? 191 ASP E CA 1 
ATOM 269 C CA . SER E 5 183 ? -19.038 29.234  7.578   1.00 62.36  ? 192 SER E CA 1 
ATOM 270 C CA . ASP E 5 184 ? -19.083 32.641  5.877   1.00 52.24  ? 193 ASP E CA 1 
ATOM 271 C CA . PRO E 5 185 ? -21.735 34.775  7.618   1.00 52.49  ? 194 PRO E CA 1 
ATOM 272 C CA . ASP E 5 186 ? -21.508 37.449  4.898   1.00 44.88  ? 195 ASP E CA 1 
ATOM 273 C CA . LEU E 5 187 ? -23.142 35.199  2.324   1.00 35.21  ? 196 LEU E CA 1 
ATOM 274 C CA . VAL E 5 188 ? -26.153 34.344  4.429   1.00 50.01  ? 197 VAL E CA 1 
ATOM 275 C CA . ASP E 5 189 ? -28.948 36.892  4.243   1.00 50.90  ? 198 ASP E CA 1 
ATOM 276 C CA . TYR E 5 190 ? -30.678 35.655  7.402   1.00 72.22  ? 199 TYR E CA 1 
ATOM 277 C CA . ILE E 5 191 ? -28.248 33.818  9.666   1.00 72.21  ? 200 ILE E CA 1 
ATOM 278 C CA . ILE E 5 192 ? -29.221 31.461  12.479  1.00 72.42  ? 201 ILE E CA 1 
ATOM 279 C CA . PRO E 5 193 ? -25.805 31.130  14.181  1.00 51.89  ? 202 PRO E CA 1 
ATOM 280 C CA . GLY E 5 194 ? -25.704 27.855  16.035  1.00 59.05  ? 203 GLY E CA 1 
ATOM 281 C CA . ASN E 5 195 ? -24.747 24.187  15.899  1.00 63.99  ? 204 ASN E CA 1 
ATOM 282 C CA . ASP E 5 196 ? -25.061 23.316  12.177  1.00 66.69  ? 205 ASP E CA 1 
ATOM 283 C CA . ASP E 5 197 ? -24.565 19.710  13.206  1.00 57.77  ? 206 ASP E CA 1 
ATOM 284 C CA . ALA E 5 198 ? -26.275 17.487  15.791  1.00 91.29  ? 207 ALA E CA 1 
ATOM 285 C CA . ILE E 5 199 ? -29.897 16.482  15.297  1.00 70.71  ? 208 ILE E CA 1 
ATOM 286 C CA . ARG E 5 200 ? -30.984 17.790  18.701  1.00 2.77   ? 209 ARG E CA 1 
ATOM 287 C CA . SER E 5 201 ? -30.191 21.224  17.201  1.00 81.81  ? 210 SER E CA 1 
ATOM 288 C CA . ILE E 5 202 ? -31.110 21.063  13.520  1.00 66.24  ? 211 ILE E CA 1 
ATOM 289 C CA . GLN E 5 203 ? -34.425 19.518  14.556  1.00 91.38  ? 212 GLN E CA 1 
ATOM 290 C CA . LEU E 5 204 ? -35.193 22.363  16.953  1.00 61.32  ? 213 LEU E CA 1 
ATOM 291 C CA . ILE E 5 205 ? -34.571 25.329  14.690  1.00 61.99  ? 214 ILE E CA 1 
ATOM 292 C CA . LEU E 5 206 ? -36.082 23.845  11.554  1.00 63.44  ? 215 LEU E CA 1 
ATOM 293 C CA . SER E 5 207 ? -39.134 22.404  13.306  1.00 62.80  ? 216 SER E CA 1 
ATOM 294 C CA . ARG E 5 208 ? -39.951 25.833  14.774  1.00 56.93  ? 217 ARG E CA 1 
ATOM 295 C CA . ALA E 5 209 ? -39.222 27.698  11.567  1.00 67.98  ? 218 ALA E CA 1 
ATOM 296 C CA . VAL E 5 210 ? -41.896 25.386  10.119  1.00 63.71  ? 219 VAL E CA 1 
ATOM 297 C CA . ASP E 5 211 ? -44.428 25.873  12.909  1.00 87.16  ? 220 ASP E CA 1 
ATOM 298 C CA . LEU E 5 212 ? -43.972 29.570  12.170  1.00 59.01  ? 221 LEU E CA 1 
ATOM 299 C CA . ILE E 5 213 ? -44.714 28.964  8.479   1.00 71.55  ? 222 ILE E CA 1 
ATOM 300 C CA . ILE E 5 214 ? -48.026 27.273  9.329   1.00 63.50  ? 223 ILE E CA 1 
ATOM 301 C CA . GLN E 5 215 ? -48.784 29.554  12.258  1.00 64.77  ? 224 GLN E CA 1 
ATOM 302 C CA . ALA E 5 216 ? -48.497 32.372  9.737   1.00 66.62  ? 225 ALA E CA 1 
ATOM 303 C CA . ARG E 5 217 ? -50.670 30.641  7.171   1.00 100.16 ? 226 ARG E CA 1 
ATOM 304 C CA . GLY E 5 218 ? -53.470 29.890  9.598   1.00 114.64 ? 227 GLY E CA 1 
ATOM 305 C CA . GLY E 5 219 ? -53.007 26.193  10.217  1.00 119.29 ? 228 GLY E CA 1 
ATOM 306 C CA . VAL E 5 220 ? -53.115 25.891  14.009  1.00 161.38 ? 229 VAL E CA 1 
ATOM 307 C CA . VAL E 5 221 ? -50.999 22.772  13.516  1.00 94.33  ? 230 VAL E CA 1 
ATOM 308 C CA . GLU E 5 222 ? -50.014 20.386  16.310  1.00 194.57 ? 231 GLU E CA 1 
ATOM 309 C CA . PRO E 5 223 ? -46.426 19.630  17.538  1.00 144.95 ? 232 PRO E CA 1 
ATOM 310 C CA . SER E 5 224 ? -43.670 18.215  15.305  1.00 38.49  ? 233 SER E CA 1 
ATOM 311 C CA . PRO E 5 225 ? -43.168 14.453  14.641  1.00 25.98  ? 234 PRO E CA 1 
ATOM 312 C CA . SER E 5 226 ? -39.432 14.889  13.929  1.00 37.54  ? 235 SER E CA 1 
ATOM 313 C CA . TYR E 5 227 ? -38.466 14.857  17.610  1.00 99.14  ? 236 TYR E CA 1 
ATOM 314 C CA . ALA E 5 228 ? -38.863 11.082  17.233  1.00 7.84   ? 237 ALA E CA 1 
ATOM 315 C CA . LEU E 5 229 ? -35.836 11.173  14.921  1.00 16.55  ? 238 LEU E CA 1 
ATOM 316 C CA . VAL E 5 230 ? -33.882 12.805  17.726  1.00 7.59   ? 239 VAL E CA 1 
ATOM 317 C CA . GLN E 5 231 ? -33.398 9.348   19.278  1.00 36.49  ? 240 GLN E CA 1 
ATOM 318 C CA . ALA F 6 1   ? -5.410  -14.463 -25.720 1.00 42.50  ? 2   ALA F CA 1 
ATOM 319 C CA . ARG F 6 2   ? -5.295  -10.991 -24.080 1.00 66.07  ? 3   ARG F CA 1 
ATOM 320 C CA . ARG F 6 3   ? -8.556  -11.349 -22.135 1.00 72.58  ? 4   ARG F CA 1 
ATOM 321 C CA . ARG F 6 4   ? -9.524  -14.828 -20.880 1.00 5.95   ? 5   ARG F CA 1 
ATOM 322 C CA . ARG F 6 5   ? -7.198  -17.691 -20.088 1.00 60.87  ? 6   ARG F CA 1 
ATOM 323 C CA . ALA F 6 6   ? -8.454  -19.828 -22.992 1.00 99.89  ? 7   ALA F CA 1 
ATOM 324 C CA . GLU F 6 7   ? -9.694  -23.047 -21.393 1.00 5.81   ? 8   GLU F CA 1 
ATOM 325 C CA . VAL F 6 8   ? -8.639  -26.403 -22.811 1.00 62.64  ? 9   VAL F CA 1 
ATOM 326 C CA . ARG F 6 9   ? -10.980 -28.096 -25.288 1.00 65.07  ? 10  ARG F CA 1 
ATOM 327 C CA . GLN F 6 10  ? -12.084 -31.324 -23.563 1.00 74.22  ? 11  GLN F CA 1 
ATOM 328 C CA . LEU F 6 11  ? -11.993 -34.311 -25.923 1.00 87.72  ? 12  LEU F CA 1 
ATOM 329 C CA . GLN F 6 12  ? -14.478 -37.166 -26.230 1.00 81.94  ? 13  GLN F CA 1 
ATOM 330 C CA . PRO F 6 13  ? -12.849 -40.412 -24.984 1.00 65.88  ? 14  PRO F CA 1 
ATOM 331 C CA . ASP F 6 14  ? -11.633 -43.239 -27.224 1.00 85.18  ? 15  ASP F CA 1 
ATOM 332 C CA . LEU F 6 15  ? -14.181 -45.416 -29.046 1.00 112.60 ? 16  LEU F CA 1 
ATOM 333 C CA . VAL F 6 16  ? -12.317 -48.487 -27.771 1.00 80.10  ? 17  VAL F CA 1 
ATOM 334 C CA . TYR F 6 17  ? -10.348 -47.592 -24.652 1.00 63.28  ? 18  TYR F CA 1 
ATOM 335 C CA . GLY F 6 18  ? -12.589 -44.674 -23.723 1.00 73.96  ? 19  GLY F CA 1 
ATOM 336 C CA . ASP F 6 19  ? -9.329  -42.916 -22.970 1.00 26.53  ? 20  ASP F CA 1 
ATOM 337 C CA . VAL F 6 20  ? -9.180  -39.240 -23.920 1.00 89.50  ? 21  VAL F CA 1 
ATOM 338 C CA . LEU F 6 21  ? -5.381  -39.184 -24.099 1.00 72.98  ? 22  LEU F CA 1 
ATOM 339 C CA . VAL F 6 22  ? -5.746  -41.642 -26.954 1.00 53.61  ? 23  VAL F CA 1 
ATOM 340 C CA . THR F 6 23  ? -8.105  -39.433 -28.957 1.00 70.51  ? 24  THR F CA 1 
ATOM 341 C CA . ALA F 6 24  ? -5.585  -36.668 -28.522 1.00 42.75  ? 25  ALA F CA 1 
ATOM 342 C CA . PHE F 6 25  ? -2.824  -38.843 -30.026 1.00 68.77  ? 26  PHE F CA 1 
ATOM 343 C CA . ILE F 6 26  ? -5.153  -39.888 -32.833 1.00 58.02  ? 27  ILE F CA 1 
ATOM 344 C CA . ASN F 6 27  ? -5.884  -36.234 -33.557 1.00 55.51  ? 28  ASN F CA 1 
ATOM 345 C CA . LYS F 6 28  ? -2.155  -35.623 -33.832 1.00 54.47  ? 29  LYS F CA 1 
ATOM 346 C CA . ILE F 6 29  ? -1.903  -38.396 -36.412 1.00 50.03  ? 30  ILE F CA 1 
ATOM 347 C CA . MET F 6 30  ? -4.897  -37.126 -38.368 1.00 57.64  ? 31  MET F CA 1 
ATOM 348 C CA . ARG F 6 31  ? -4.370  -34.810 -41.320 1.00 54.53  ? 32  ARG F CA 1 
ATOM 349 C CA . ASP F 6 32  ? -7.008  -33.027 -43.431 1.00 53.83  ? 33  ASP F CA 1 
ATOM 350 C CA . GLY F 6 33  ? -9.573  -34.159 -40.899 1.00 71.83  ? 34  GLY F CA 1 
ATOM 351 C CA . LYS F 6 34  ? -9.455  -37.700 -42.290 1.00 56.75  ? 35  LYS F CA 1 
ATOM 352 C CA . LYS F 6 35  ? -10.073 -38.884 -38.727 1.00 66.56  ? 36  LYS F CA 1 
ATOM 353 C CA . ASN F 6 36  ? -11.050 -42.396 -39.848 1.00 80.13  ? 37  ASN F CA 1 
ATOM 354 C CA . LEU F 6 37  ? -7.708  -43.235 -41.441 1.00 63.20  ? 38  LEU F CA 1 
ATOM 355 C CA . ALA F 6 38  ? -6.215  -41.641 -38.331 1.00 69.71  ? 39  ALA F CA 1 
ATOM 356 C CA . ALA F 6 39  ? -8.148  -43.863 -35.910 1.00 70.27  ? 40  ALA F CA 1 
ATOM 357 C CA . ARG F 6 40  ? -7.390  -46.937 -37.972 1.00 76.86  ? 41  ARG F CA 1 
ATOM 358 C CA . ILE F 6 41  ? -3.655  -46.325 -38.063 1.00 54.95  ? 42  ILE F CA 1 
ATOM 359 C CA . PHE F 6 42  ? -3.568  -46.066 -34.282 1.00 49.89  ? 43  PHE F CA 1 
ATOM 360 C CA . TYR F 6 43  ? -5.628  -49.190 -33.728 1.00 62.04  ? 44  TYR F CA 1 
ATOM 361 C CA . ASP F 6 44  ? -3.810  -51.261 -36.361 1.00 56.79  ? 45  ASP F CA 1 
ATOM 362 C CA . ALA F 6 45  ? -0.716  -50.159 -34.478 1.00 72.67  ? 46  ALA F CA 1 
ATOM 363 C CA . CYS F 6 46  ? -2.161  -51.250 -31.144 1.00 67.77  ? 47  CYS F CA 1 
ATOM 364 C CA . LYS F 6 47  ? -2.643  -54.679 -32.666 1.00 95.12  ? 48  LYS F CA 1 
ATOM 365 C CA . ILE F 6 48  ? 0.983   -54.582 -33.825 1.00 67.76  ? 49  ILE F CA 1 
ATOM 366 C CA . ILE F 6 49  ? 1.934   -53.840 -30.234 1.00 67.69  ? 50  ILE F CA 1 
ATOM 367 C CA . GLN F 6 50  ? -0.044  -56.943 -29.268 1.00 29.10  ? 51  GLN F CA 1 
ATOM 368 C CA . GLU F 6 51  ? 1.706   -59.314 -31.621 1.00 71.19  ? 52  GLU F CA 1 
ATOM 369 C CA . LYS F 6 52  ? 5.374   -58.310 -31.474 1.00 2.39   ? 53  LYS F CA 1 
ATOM 370 C CA . THR F 6 53  ? 4.879   -57.554 -27.740 1.00 26.11  ? 54  THR F CA 1 
ATOM 371 C CA . GLY F 6 54  ? 2.855   -59.629 -25.298 1.00 80.08  ? 55  GLY F CA 1 
ATOM 372 C CA . GLN F 6 55  ? 1.814   -56.474 -23.464 1.00 9.42   ? 56  GLN F CA 1 
ATOM 373 C CA . GLU F 6 56  ? -1.486  -54.580 -23.579 1.00 11.49  ? 57  GLU F CA 1 
ATOM 374 C CA . PRO F 6 57  ? -1.115  -51.783 -26.147 1.00 94.55  ? 58  PRO F CA 1 
ATOM 375 C CA . LEU F 6 58  ? -2.815  -49.140 -23.966 1.00 97.63  ? 59  LEU F CA 1 
ATOM 376 C CA . LYS F 6 59  ? -0.097  -49.490 -21.307 1.00 78.57  ? 60  LYS F CA 1 
ATOM 377 C CA . VAL F 6 60  ? 2.751   -49.489 -23.846 1.00 78.38  ? 61  VAL F CA 1 
ATOM 378 C CA . PHE F 6 61  ? 1.333   -46.235 -25.185 1.00 79.72  ? 62  PHE F CA 1 
ATOM 379 C CA . LYS F 6 62  ? 1.004   -44.436 -21.868 1.00 75.26  ? 63  LYS F CA 1 
ATOM 380 C CA . GLN F 6 63  ? 4.468   -45.638 -20.881 1.00 85.56  ? 64  GLN F CA 1 
ATOM 381 C CA . ALA F 6 64  ? 5.816   -44.075 -24.075 1.00 85.21  ? 65  ALA F CA 1 
ATOM 382 C CA . VAL F 6 65  ? 4.161   -40.694 -23.550 1.00 60.70  ? 66  VAL F CA 1 
ATOM 383 C CA . GLU F 6 66  ? 5.764   -40.764 -20.119 1.00 62.87  ? 67  GLU F CA 1 
ATOM 384 C CA . ASN F 6 67  ? 9.358   -41.137 -21.325 1.00 93.13  ? 68  ASN F CA 1 
ATOM 385 C CA . VAL F 6 68  ? 8.792   -38.506 -24.022 1.00 65.41  ? 69  VAL F CA 1 
ATOM 386 C CA . LYS F 6 69  ? 7.467   -35.717 -21.773 1.00 58.85  ? 70  LYS F CA 1 
ATOM 387 C CA . PRO F 6 70  ? 10.180  -33.098 -21.233 1.00 70.21  ? 71  PRO F CA 1 
ATOM 388 C CA . ARG F 6 71  ? 10.297  -31.784 -17.664 1.00 63.77  ? 72  ARG F CA 1 
ATOM 389 C CA . MET F 6 72  ? 12.543  -28.793 -18.399 1.00 68.54  ? 73  MET F CA 1 
ATOM 390 C CA . GLU F 6 73  ? 12.698  -26.784 -21.602 1.00 65.62  ? 74  GLU F CA 1 
ATOM 391 C CA . VAL F 6 74  ? 14.464  -23.656 -22.753 1.00 56.93  ? 75  VAL F CA 1 
ATOM 392 C CA . ARG F 6 75  ? 12.485  -20.524 -23.667 1.00 74.26  ? 76  ARG F CA 1 
ATOM 393 C CA . SER F 6 76  ? 14.181  -17.613 -25.400 1.00 94.26  ? 77  SER F CA 1 
ATOM 394 C CA . ARG F 6 77  ? 14.113  -14.098 -23.949 1.00 14.96  ? 78  ARG F CA 1 
ATOM 395 C CA . ARG F 6 78  ? 15.791  -10.764 -24.607 1.00 80.58  ? 79  ARG F CA 1 
ATOM 396 C CA . VAL F 6 79  ? 17.658  -9.633  -21.510 1.00 29.78  ? 80  VAL F CA 1 
ATOM 397 C CA . GLY F 6 80  ? 19.923  -6.613  -21.754 1.00 14.28  ? 81  GLY F CA 1 
ATOM 398 C CA . GLY F 6 81  ? 21.076  -7.142  -25.326 1.00 21.54  ? 82  GLY F CA 1 
ATOM 399 C CA . ALA F 6 82  ? 21.540  -10.799 -26.267 1.00 38.86  ? 83  ALA F CA 1 
ATOM 400 C CA . ASN F 6 83  ? 18.597  -13.209 -26.320 1.00 12.50  ? 84  ASN F CA 1 
ATOM 401 C CA . TYR F 6 84  ? 19.442  -15.565 -23.460 1.00 10.74  ? 85  TYR F CA 1 
ATOM 402 C CA . GLN F 6 85  ? 17.717  -18.964 -23.520 1.00 81.85  ? 86  GLN F CA 1 
ATOM 403 C CA . VAL F 6 86  ? 16.094  -19.222 -20.089 1.00 64.70  ? 87  VAL F CA 1 
ATOM 404 C CA . PRO F 6 87  ? 15.472  -22.793 -18.809 1.00 61.81  ? 88  PRO F CA 1 
ATOM 405 C CA . MET F 6 88  ? 12.244  -23.574 -17.027 1.00 67.97  ? 89  MET F CA 1 
ATOM 406 C CA . GLU F 6 89  ? 9.684   -26.169 -16.013 1.00 60.14  ? 90  GLU F CA 1 
ATOM 407 C CA . VAL F 6 90  ? 7.028   -27.381 -18.400 1.00 53.60  ? 91  VAL F CA 1 
ATOM 408 C CA . SER F 6 91  ? 1.613   -30.563 -17.190 1.00 58.83  ? 92  SER F CA 1 
ATOM 409 C CA . ARG F 6 92  ? -0.527  -29.473 -20.136 1.00 57.45  ? 94  ARG F CA 1 
ATOM 410 C CA . ARG F 6 93  ? 2.357   -28.554 -22.445 1.00 57.20  ? 95  ARG F CA 1 
ATOM 411 C CA . GLN F 6 94  ? 4.238   -31.749 -21.578 1.00 70.97  ? 96  GLN F CA 1 
ATOM 412 C CA . GLN F 6 95  ? 1.500   -33.812 -23.155 1.00 59.47  ? 97  GLN F CA 1 
ATOM 413 C CA . SER F 6 96  ? 1.131   -31.668 -26.275 1.00 81.39  ? 98  SER F CA 1 
ATOM 414 C CA . LEU F 6 97  ? 4.872   -32.001 -26.853 1.00 57.80  ? 99  LEU F CA 1 
ATOM 415 C CA . ALA F 6 98  ? 5.046   -35.713 -26.042 1.00 61.13  ? 100 ALA F CA 1 
ATOM 416 C CA . LEU F 6 99  ? 2.249   -36.722 -28.411 1.00 57.37  ? 101 LEU F CA 1 
ATOM 417 C CA . ARG F 6 100 ? 3.468   -34.342 -31.089 1.00 54.50  ? 102 ARG F CA 1 
ATOM 418 C CA . TRP F 6 101 ? 7.031   -35.622 -30.824 1.00 68.07  ? 103 TRP F CA 1 
ATOM 419 C CA . LEU F 6 102 ? 5.884   -39.233 -31.033 1.00 58.27  ? 104 LEU F CA 1 
ATOM 420 C CA . VAL F 6 103 ? 3.916   -38.785 -34.250 1.00 43.89  ? 105 VAL F CA 1 
ATOM 421 C CA . GLN F 6 104 ? 6.782   -36.731 -35.654 1.00 49.71  ? 106 GLN F CA 1 
ATOM 422 C CA . ALA F 6 105 ? 9.536   -39.248 -34.933 1.00 78.64  ? 107 ALA F CA 1 
ATOM 423 C CA . ALA F 6 106 ? 7.150   -41.994 -35.951 1.00 45.42  ? 108 ALA F CA 1 
ATOM 424 C CA . ASN F 6 107 ? 6.731   -40.441 -39.370 1.00 41.65  ? 109 ASN F CA 1 
ATOM 425 C CA . GLN F 6 108 ? 10.499  -40.084 -39.331 1.00 61.07  ? 110 GLN F CA 1 
ATOM 426 C CA . ARG F 6 109 ? 10.983  -43.856 -39.306 1.00 65.05  ? 111 ARG F CA 1 
ATOM 427 C CA . PRO F 6 110 ? 11.651  -46.001 -42.416 1.00 79.89  ? 112 PRO F CA 1 
ATOM 428 C CA . GLU F 6 111 ? 9.037   -48.806 -42.474 1.00 66.52  ? 113 GLU F CA 1 
ATOM 429 C CA . ARG F 6 112 ? 6.761   -48.069 -45.444 1.00 55.08  ? 114 ARG F CA 1 
ATOM 430 C CA . ARG F 6 113 ? 3.547   -48.589 -43.395 1.00 63.14  ? 115 ARG F CA 1 
ATOM 431 C CA . ALA F 6 114 ? 2.140   -45.677 -41.417 1.00 51.45  ? 116 ALA F CA 1 
ATOM 432 C CA . ALA F 6 115 ? 0.463   -47.949 -38.863 1.00 63.22  ? 117 ALA F CA 1 
ATOM 433 C CA . VAL F 6 116 ? 3.802   -49.669 -38.236 1.00 79.04  ? 118 VAL F CA 1 
ATOM 434 C CA . ARG F 6 117 ? 5.926   -46.581 -37.740 1.00 63.56  ? 119 ARG F CA 1 
ATOM 435 C CA . ILE F 6 118 ? 3.545   -45.691 -34.956 1.00 55.72  ? 120 ILE F CA 1 
ATOM 436 C CA . ALA F 6 119 ? 3.569   -49.207 -33.569 1.00 62.91  ? 121 ALA F CA 1 
ATOM 437 C CA . HIS F 6 120 ? 7.355   -49.437 -33.523 1.00 54.51  ? 122 HIS F CA 1 
ATOM 438 C CA . GLU F 6 121 ? 7.892   -45.849 -32.377 1.00 57.55  ? 123 GLU F CA 1 
ATOM 439 C CA . LEU F 6 122 ? 5.663   -46.321 -29.338 1.00 59.55  ? 124 LEU F CA 1 
ATOM 440 C CA . MET F 6 123 ? 7.532   -49.479 -28.312 1.00 64.28  ? 125 MET F CA 1 
ATOM 441 C CA . ASP F 6 124 ? 10.970  -47.899 -28.772 1.00 61.13  ? 126 ASP F CA 1 
ATOM 442 C CA . ALA F 6 125 ? 9.703   -44.959 -26.733 1.00 71.05  ? 127 ALA F CA 1 
ATOM 443 C CA . ALA F 6 126 ? 8.572   -47.317 -23.988 1.00 75.32  ? 128 ALA F CA 1 
ATOM 444 C CA . GLU F 6 127 ? 12.030  -48.939 -23.861 1.00 82.54  ? 129 GLU F CA 1 
ATOM 445 C CA . GLY F 6 128 ? 13.587  -45.493 -23.618 1.00 55.76  ? 130 GLY F CA 1 
ATOM 446 C CA . LYS F 6 129 ? 14.991  -45.383 -27.140 1.00 73.76  ? 131 LYS F CA 1 
ATOM 447 C CA . GLY F 6 130 ? 13.788  -43.882 -30.411 1.00 74.90  ? 132 GLY F CA 1 
ATOM 448 C CA . GLY F 6 131 ? 13.646  -40.532 -32.175 1.00 77.30  ? 133 GLY F CA 1 
ATOM 449 C CA . ALA F 6 132 ? 10.889  -39.358 -29.854 1.00 51.58  ? 134 ALA F CA 1 
ATOM 450 C CA . VAL F 6 133 ? 12.843  -39.743 -26.641 1.00 59.63  ? 135 VAL F CA 1 
ATOM 451 C CA . LYS F 6 134 ? 15.863  -38.236 -28.361 1.00 62.78  ? 136 LYS F CA 1 
ATOM 452 C CA . LYS F 6 135 ? 14.159  -34.852 -28.728 1.00 49.16  ? 137 LYS F CA 1 
ATOM 453 C CA . LYS F 6 136 ? 12.866  -35.105 -25.173 1.00 50.46  ? 138 LYS F CA 1 
ATOM 454 C CA . GLU F 6 137 ? 16.311  -35.745 -23.725 1.00 58.39  ? 139 GLU F CA 1 
ATOM 455 C CA . ASP F 6 138 ? 17.769  -33.172 -26.147 1.00 68.99  ? 140 ASP F CA 1 
ATOM 456 C CA . VAL F 6 139 ? 15.460  -30.542 -24.695 1.00 65.32  ? 141 VAL F CA 1 
ATOM 457 C CA . GLU F 6 140 ? 16.384  -31.235 -21.089 1.00 51.82  ? 142 GLU F CA 1 
ATOM 458 C CA . ARG F 6 141 ? 20.038  -31.230 -22.157 1.00 52.83  ? 143 ARG F CA 1 
ATOM 459 C CA . MET F 6 142 ? 19.524  -27.825 -23.783 1.00 57.89  ? 144 MET F CA 1 
ATOM 460 C CA . ALA F 6 143 ? 18.113  -26.565 -20.476 1.00 61.46  ? 145 ALA F CA 1 
ATOM 461 C CA . GLU F 6 144 ? 20.417  -27.333 -17.560 1.00 0.06   ? 146 GLU F CA 1 
ATOM 462 C CA . ALA F 6 145 ? 23.123  -26.374 -20.097 1.00 64.41  ? 147 ALA F CA 1 
ATOM 463 C CA . ASN F 6 146 ? 21.993  -22.760 -20.036 1.00 12.26  ? 148 ASN F CA 1 
ATOM 464 C CA . ARG F 6 147 ? 21.257  -23.229 -16.365 1.00 78.73  ? 149 ARG F CA 1 
ATOM 465 C CA . ALA F 6 148 ? 23.286  -20.096 -15.652 1.00 75.12  ? 150 ALA F CA 1 
ATOM 466 C CA . TYR F 6 149 ? 20.766  -17.724 -17.191 1.00 98.91  ? 151 TYR F CA 1 
ATOM 467 C CA . ALA F 6 150 ? 18.168  -19.479 -15.045 1.00 72.14  ? 152 ALA F CA 1 
ATOM 468 C CA . HIS F 6 151 ? 18.058  -16.546 -12.641 1.00 92.06  ? 153 HIS F CA 1 
ATOM 469 C CA . TYR F 6 152 ? 15.784  -14.956 -15.240 1.00 78.02  ? 154 TYR F CA 1 
ATOM 470 C CA . ARG F 6 153 ? 13.287  -17.534 -13.955 1.00 55.30  ? 155 ARG F CA 1 
ATOM 471 C CA . TRP F 6 154 ? 10.356  -15.970 -15.826 1.00 77.41  ? 156 TRP F CA 1 
ATOM 472 C CA . LYS G 7 1   ? 50.415  -28.441 6.189   1.00 0.25   ? 11  LYS G CA 1 
ATOM 473 C CA . ARG G 7 2   ? 50.653  -27.149 9.770   1.00 77.35  ? 12  ARG G CA 1 
ATOM 474 C CA . GLN G 7 3   ? 47.125  -27.800 11.037  1.00 88.78  ? 13  GLN G CA 1 
ATOM 475 C CA . VAL G 7 4   ? 45.584  -24.531 12.208  1.00 95.73  ? 14  VAL G CA 1 
ATOM 476 C CA . ALA G 7 5   ? 41.861  -25.146 12.690  1.00 2.27   ? 15  ALA G CA 1 
ATOM 477 C CA . SER G 7 6   ? 40.671  -21.752 13.976  1.00 67.84  ? 16  SER G CA 1 
ATOM 478 C CA . GLY G 7 7   ? 41.277  -18.708 11.781  1.00 76.39  ? 17  GLY G CA 1 
ATOM 479 C CA . ARG G 7 8   ? 40.164  -15.648 9.804   1.00 52.99  ? 18  ARG G CA 1 
ATOM 480 C CA . ALA G 7 9   ? 38.588  -15.291 6.353   1.00 60.30  ? 19  ALA G CA 1 
ATOM 481 C CA . TYR G 7 10  ? 38.919  -11.982 4.524   1.00 53.01  ? 20  TYR G CA 1 
ATOM 482 C CA . ILE G 7 11  ? 36.358  -11.353 1.826   1.00 58.52  ? 21  ILE G CA 1 
ATOM 483 C CA . HIS G 7 12  ? 37.399  -8.493  -0.427  1.00 41.28  ? 22  HIS G CA 1 
ATOM 484 C CA . ALA G 7 13  ? 34.502  -7.635  -2.763  1.00 52.22  ? 23  ALA G CA 1 
ATOM 485 C CA . SER G 7 14  ? 34.555  -5.076  -5.604  1.00 48.17  ? 24  SER G CA 1 
ATOM 486 C CA . TYR G 7 15  ? 32.607  -4.262  -8.745  1.00 84.33  ? 25  TYR G CA 1 
ATOM 487 C CA . ASN G 7 16  ? 35.295  -6.123  -10.683 1.00 56.17  ? 26  ASN G CA 1 
ATOM 488 C CA . ASN G 7 17  ? 36.258  -9.230  -8.729  1.00 46.67  ? 27  ASN G CA 1 
ATOM 489 C CA . THR G 7 18  ? 36.132  -11.037 -5.406  1.00 46.94  ? 28  THR G CA 1 
ATOM 490 C CA . ILE G 7 19  ? 39.155  -12.387 -3.622  1.00 47.97  ? 29  ILE G CA 1 
ATOM 491 C CA . VAL G 7 20  ? 39.063  -14.432 -0.427  1.00 39.43  ? 30  VAL G CA 1 
ATOM 492 C CA . THR G 7 21  ? 42.099  -14.931 1.771   1.00 42.65  ? 31  THR G CA 1 
ATOM 493 C CA . ILE G 7 22  ? 42.075  -17.329 4.726   1.00 69.72  ? 32  ILE G CA 1 
ATOM 494 C CA . THR G 7 23  ? 44.303  -16.594 7.715   1.00 54.22  ? 33  THR G CA 1 
ATOM 495 C CA . ASP G 7 24  ? 45.535  -17.896 11.053  1.00 59.61  ? 34  ASP G CA 1 
ATOM 496 C CA . PRO G 7 25  ? 44.381  -16.660 14.504  1.00 77.71  ? 35  PRO G CA 1 
ATOM 497 C CA . ASP G 7 26  ? 46.567  -13.584 14.068  1.00 71.00  ? 36  ASP G CA 1 
ATOM 498 C CA . GLY G 7 27  ? 46.588  -12.560 10.418  1.00 58.33  ? 37  GLY G CA 1 
ATOM 499 C CA . ASN G 7 28  ? 49.140  -14.449 8.325   1.00 62.83  ? 38  ASN G CA 1 
ATOM 500 C CA . PRO G 7 29  ? 47.499  -15.989 5.246   1.00 42.64  ? 39  PRO G CA 1 
ATOM 501 C CA . ILE G 7 30  ? 47.216  -19.735 4.817   1.00 55.24  ? 40  ILE G CA 1 
ATOM 502 C CA . THR G 7 31  ? 45.638  -19.776 1.343   1.00 72.88  ? 41  THR G CA 1 
ATOM 503 C CA . TRP G 7 32  ? 43.849  -17.425 -1.044  1.00 59.34  ? 42  TRP G CA 1 
ATOM 504 C CA . SER G 7 33  ? 41.434  -17.608 -3.985  1.00 43.82  ? 43  SER G CA 1 
ATOM 505 C CA . SER G 7 34  ? 39.727  -15.238 -6.399  1.00 33.44  ? 44  SER G CA 1 
ATOM 506 C CA . GLY G 7 35  ? 37.717  -14.936 -9.588  1.00 53.00  ? 45  GLY G CA 1 
ATOM 507 C CA . GLY G 7 36  ? 40.912  -15.338 -11.540 1.00 76.75  ? 46  GLY G CA 1 
ATOM 508 C CA . VAL G 7 37  ? 42.391  -18.136 -9.436  1.00 66.16  ? 47  VAL G CA 1 
ATOM 509 C CA . ILE G 7 38  ? 39.550  -20.177 -10.844 1.00 69.06  ? 48  ILE G CA 1 
ATOM 510 C CA . GLY G 7 39  ? 38.457  -20.215 -14.471 1.00 45.79  ? 49  GLY G CA 1 
ATOM 511 C CA . TYR G 7 40  ? 36.986  -16.747 -15.138 1.00 68.81  ? 50  TYR G CA 1 
ATOM 512 C CA . LYS G 7 41  ? 39.198  -14.086 -16.705 1.00 70.68  ? 51  LYS G CA 1 
ATOM 513 C CA . GLY G 7 42  ? 37.508  -10.756 -17.445 1.00 54.63  ? 52  GLY G CA 1 
ATOM 514 C CA . SER G 7 43  ? 34.094  -9.522  -16.531 1.00 61.04  ? 53  SER G CA 1 
ATOM 515 C CA . ARG G 7 44  ? 33.036  -13.014 -15.379 1.00 58.06  ? 54  ARG G CA 1 
ATOM 516 C CA . LYS G 7 45  ? 35.620  -12.709 -12.599 1.00 47.44  ? 55  LYS G CA 1 
ATOM 517 C CA . GLY G 7 46  ? 33.325  -10.383 -10.644 1.00 83.91  ? 56  GLY G CA 1 
ATOM 518 C CA . THR G 7 47  ? 29.942  -12.137 -10.794 1.00 55.28  ? 57  THR G CA 1 
ATOM 519 C CA . PRO G 7 48  ? 28.582  -13.635 -7.530  1.00 63.97  ? 58  PRO G CA 1 
ATOM 520 C CA . TYR G 7 49  ? 29.005  -17.121 -8.935  1.00 62.63  ? 59  TYR G CA 1 
ATOM 521 C CA . ALA G 7 50  ? 32.757  -16.588 -9.136  1.00 41.94  ? 60  ALA G CA 1 
ATOM 522 C CA . ALA G 7 51  ? 32.683  -15.112 -5.641  1.00 43.22  ? 61  ALA G CA 1 
ATOM 523 C CA . GLN G 7 52  ? 31.014  -18.365 -4.646  1.00 58.98  ? 62  GLN G CA 1 
ATOM 524 C CA . LEU G 7 53  ? 33.485  -20.662 -6.354  1.00 60.23  ? 63  LEU G CA 1 
ATOM 525 C CA . ALA G 7 54  ? 36.391  -18.609 -4.994  1.00 46.78  ? 64  ALA G CA 1 
ATOM 526 C CA . ALA G 7 55  ? 34.958  -18.730 -1.476  1.00 51.08  ? 65  ALA G CA 1 
ATOM 527 C CA . LEU G 7 56  ? 34.756  -22.510 -1.672  1.00 57.90  ? 66  LEU G CA 1 
ATOM 528 C CA . ASP G 7 57  ? 38.198  -22.896 -3.261  1.00 52.05  ? 67  ASP G CA 1 
ATOM 529 C CA . ALA G 7 58  ? 39.476  -20.805 -0.365  1.00 46.29  ? 68  ALA G CA 1 
ATOM 530 C CA . ALA G 7 59  ? 37.852  -23.011 2.270   1.00 63.49  ? 69  ALA G CA 1 
ATOM 531 C CA . LYS G 7 60  ? 38.592  -26.365 0.604   1.00 72.55  ? 70  LYS G CA 1 
ATOM 532 C CA . LYS G 7 61  ? 42.296  -25.479 0.296   1.00 55.44  ? 71  LYS G CA 1 
ATOM 533 C CA . ALA G 7 62  ? 42.255  -24.254 3.889   1.00 55.39  ? 72  ALA G CA 1 
ATOM 534 C CA . MET G 7 63  ? 40.598  -27.510 4.957   1.00 66.22  ? 73  MET G CA 1 
ATOM 535 C CA . ALA G 7 64  ? 43.971  -29.071 4.128   1.00 85.63  ? 74  ALA G CA 1 
ATOM 536 C CA . TYR G 7 65  ? 45.801  -26.983 6.735   1.00 66.29  ? 75  TYR G CA 1 
ATOM 537 C CA . GLY G 7 66  ? 43.142  -28.519 8.968   1.00 61.19  ? 76  GLY G CA 1 
ATOM 538 C CA . MET G 7 67  ? 40.991  -25.375 9.237   1.00 80.27  ? 77  MET G CA 1 
ATOM 539 C CA . GLN G 7 68  ? 37.546  -25.733 10.780  1.00 95.63  ? 78  GLN G CA 1 
ATOM 540 C CA . SER G 7 69  ? 36.267  -22.516 12.380  1.00 72.99  ? 79  SER G CA 1 
ATOM 541 C CA . VAL G 7 70  ? 36.704  -19.052 10.860  1.00 83.72  ? 80  VAL G CA 1 
ATOM 542 C CA . ASP G 7 71  ? 35.791  -15.403 11.466  1.00 66.97  ? 81  ASP G CA 1 
ATOM 543 C CA . VAL G 7 72  ? 34.673  -13.666 8.302   1.00 55.55  ? 82  VAL G CA 1 
ATOM 544 C CA . ILE G 7 73  ? 35.679  -10.103 7.508   1.00 48.04  ? 83  ILE G CA 1 
ATOM 545 C CA . VAL G 7 74  ? 34.031  -8.318  4.621   1.00 46.39  ? 84  VAL G CA 1 
ATOM 546 C CA . ARG G 7 75  ? 35.812  -5.432  2.966   1.00 49.52  ? 85  ARG G CA 1 
ATOM 547 C CA . GLY G 7 76  ? 34.193  -3.374  0.237   1.00 52.00  ? 86  GLY G CA 1 
ATOM 548 C CA . THR G 7 77  ? 30.949  -3.703  -1.662  1.00 91.54  ? 87  THR G CA 1 
ATOM 549 C CA . GLY G 7 78  ? 30.574  -5.405  -4.984  1.00 55.45  ? 88  GLY G CA 1 
ATOM 550 C CA . ALA G 7 79  ? 29.315  -7.999  -7.409  1.00 35.88  ? 89  ALA G CA 1 
ATOM 551 C CA . GLY G 7 80  ? 28.223  -10.769 -5.059  1.00 58.56  ? 90  GLY G CA 1 
ATOM 552 C CA . ARG G 7 81  ? 29.938  -10.275 -1.721  1.00 67.88  ? 91  ARG G CA 1 
ATOM 553 C CA . GLU G 7 82  ? 27.093  -11.994 0.084   1.00 68.91  ? 92  GLU G CA 1 
ATOM 554 C CA . GLN G 7 83  ? 27.437  -15.101 -2.088  1.00 75.69  ? 93  GLN G CA 1 
ATOM 555 C CA . ALA G 7 84  ? 30.990  -15.405 -0.805  1.00 63.63  ? 94  ALA G CA 1 
ATOM 556 C CA . ILE G 7 85  ? 29.837  -15.007 2.784   1.00 57.28  ? 95  ILE G CA 1 
ATOM 557 C CA . ARG G 7 86  ? 27.398  -17.823 2.005   1.00 71.53  ? 96  ARG G CA 1 
ATOM 558 C CA . ALA G 7 87  ? 29.670  -20.245 0.177   1.00 68.78  ? 97  ALA G CA 1 
ATOM 559 C CA . LEU G 7 88  ? 31.775  -20.073 3.327   1.00 69.48  ? 98  LEU G CA 1 
ATOM 560 C CA . GLN G 7 89  ? 29.005  -20.807 5.776   1.00 77.58  ? 99  GLN G CA 1 
ATOM 561 C CA . ALA G 7 90  ? 28.315  -23.871 3.639   1.00 80.05  ? 100 ALA G CA 1 
ATOM 562 C CA . SER G 7 91  ? 31.848  -24.801 2.512   1.00 91.91  ? 101 SER G CA 1 
ATOM 563 C CA . GLY G 7 92  ? 32.174  -26.875 5.651   1.00 94.31  ? 102 GLY G CA 1 
ATOM 564 C CA . LEU G 7 93  ? 33.894  -24.371 7.886   1.00 82.87  ? 103 LEU G CA 1 
ATOM 565 C CA . GLN G 7 94  ? 31.901  -23.242 10.863  1.00 70.92  ? 104 GLN G CA 1 
ATOM 566 C CA . VAL G 7 95  ? 31.604  -19.472 10.461  1.00 53.95  ? 105 VAL G CA 1 
ATOM 567 C CA . LYS G 7 96  ? 31.969  -17.873 13.903  1.00 75.36  ? 106 LYS G CA 1 
ATOM 568 C CA . SER G 7 97  ? 31.079  -14.374 12.771  1.00 73.18  ? 107 SER G CA 1 
ATOM 569 C CA . ILE G 7 98  ? 30.709  -12.040 9.832   1.00 51.31  ? 108 ILE G CA 1 
ATOM 570 C CA . VAL G 7 99  ? 32.012  -8.483  10.150  1.00 58.46  ? 109 VAL G CA 1 
ATOM 571 C CA . ASP G 7 100 ? 32.044  -5.518  7.788   1.00 55.52  ? 110 ASP G CA 1 
ATOM 572 C CA . ASP G 7 101 ? 35.351  -3.678  8.142   1.00 48.21  ? 111 ASP G CA 1 
ATOM 573 C CA . THR G 7 102 ? 35.266  -1.942  4.767   1.00 65.75  ? 112 THR G CA 1 
ATOM 574 C CA . PRO G 7 103 ? 37.667  1.033   5.044   1.00 70.34  ? 113 PRO G CA 1 
ATOM 575 C CA . VAL G 7 104 ? 36.444  4.591   4.634   1.00 57.70  ? 114 VAL G CA 1 
ATOM 576 C CA . PRO G 7 105 ? 38.392  7.831   4.808   1.00 51.49  ? 115 PRO G CA 1 
ATOM 577 C CA . HIS G 7 106 ? 37.382  10.646  7.070   1.00 46.24  ? 116 HIS G CA 1 
ATOM 578 C CA . ASN G 7 107 ? 37.886  12.543  3.819   1.00 62.37  ? 117 ASN G CA 1 
ATOM 579 C CA . GLY G 7 108 ? 41.526  12.487  2.874   1.00 40.15  ? 118 GLY G CA 1 
ATOM 580 C CA . CYS G 7 109 ? 42.553  11.964  -0.755  1.00 34.51  ? 119 CYS G CA 1 
ATOM 581 C CA . ARG G 7 110 ? 40.793  13.452  -3.760  1.00 32.74  ? 120 ARG G CA 1 
ATOM 582 C CA . PRO G 7 111 ? 39.425  10.415  -5.529  1.00 33.23  ? 121 PRO G CA 1 
ATOM 583 C CA . LYS G 7 112 ? 39.954  9.932   -9.260  1.00 31.27  ? 122 LYS G CA 1 
ATOM 584 C CA . LYS G 7 113 ? 37.390  11.613  -11.502 1.00 35.89  ? 123 LYS G CA 1 
ATOM 585 C CA . LYS G 7 114 ? 35.607  8.296   -11.945 1.00 41.71  ? 124 LYS G CA 1 
ATOM 586 C CA . PHE G 7 115 ? 34.639  8.454   -8.257  1.00 50.58  ? 125 PHE G CA 1 
ATOM 587 C CA . ARG G 7 116 ? 34.139  12.173  -7.698  1.00 60.49  ? 126 ARG G CA 1 
ATOM 588 C CA . LYS G 7 117 ? 30.921  13.885  -8.810  1.00 87.48  ? 127 LYS G CA 1 
ATOM 589 C CA . ALA G 7 118 ? 29.528  13.898  -5.288  1.00 68.27  ? 128 ALA G CA 1 
ATOM 590 C CA . SER G 7 119 ? 29.402  16.160  -2.203  1.00 0.93   ? 129 SER G CA 1 
ATOM 591 C CA . PRO H 8 1   ? 10.747  4.162   11.473  1.00 38.32  ? 16  PRO H CA 1 
ATOM 592 C CA . SER H 8 2   ? 13.291  5.372   14.059  1.00 0.93   ? 17  SER H CA 1 
ATOM 593 C CA . ARG H 8 3   ? 11.313  5.416   17.318  1.00 89.19  ? 18  ARG H CA 1 
ATOM 594 C CA . LYS H 8 4   ? 13.247  2.825   19.327  1.00 40.04  ? 19  LYS H CA 1 
ATOM 595 C CA . ALA H 8 5   ? 13.912  5.261   22.203  1.00 8.10   ? 20  ALA H CA 1 
ATOM 596 C CA . LYS H 8 6   ? 15.612  8.648   22.585  1.00 87.98  ? 21  LYS H CA 1 
ATOM 597 C CA . VAL H 8 7   ? 19.097  8.363   24.094  1.00 72.96  ? 22  VAL H CA 1 
ATOM 598 C CA . LYS H 8 8   ? 18.290  11.508  26.098  1.00 2.77   ? 23  LYS H CA 1 
ATOM 599 C CA . ALA H 8 9   ? 15.138  10.148  27.760  1.00 2.20   ? 24  ALA H CA 1 
ATOM 600 C CA . THR H 8 10  ? 16.818  6.833   28.522  1.00 12.47  ? 25  THR H CA 1 
ATOM 601 C CA . LEU H 8 11  ? 19.183  8.656   30.893  1.00 95.77  ? 26  LEU H CA 1 
ATOM 602 C CA . GLY H 8 12  ? 19.565  11.190  33.708  1.00 4.48   ? 27  GLY H CA 1 
ATOM 603 C CA . GLU H 8 13  ? 20.637  14.840  33.734  1.00 98.26  ? 28  GLU H CA 1 
ATOM 604 C CA . PHE H 8 14  ? 24.236  15.051  32.579  1.00 58.92  ? 29  PHE H CA 1 
ATOM 605 C CA . ASP H 8 15  ? 26.695  17.820  31.886  1.00 71.07  ? 30  ASP H CA 1 
ATOM 606 C CA . LEU H 8 16  ? 26.817  17.829  28.100  1.00 55.78  ? 31  LEU H CA 1 
ATOM 607 C CA . ARG H 8 17  ? 30.097  19.729  28.510  1.00 52.66  ? 32  ARG H CA 1 
ATOM 608 C CA . ASP H 8 18  ? 31.863  16.952  30.454  1.00 81.08  ? 33  ASP H CA 1 
ATOM 609 C CA . TYR H 8 19  ? 34.353  15.260  28.153  1.00 64.06  ? 34  TYR H CA 1 
ATOM 610 C CA . ARG H 8 20  ? 35.304  12.446  30.519  1.00 86.72  ? 35  ARG H CA 1 
ATOM 611 C CA . ASN H 8 21  ? 31.989  10.775  31.325  1.00 53.47  ? 36  ASN H CA 1 
ATOM 612 C CA . VAL H 8 22  ? 32.726  7.797   29.076  1.00 46.48  ? 37  VAL H CA 1 
ATOM 613 C CA . GLU H 8 23  ? 29.874  6.215   30.970  1.00 76.88  ? 38  GLU H CA 1 
ATOM 614 C CA . VAL H 8 24  ? 27.253  8.557   29.564  1.00 69.34  ? 39  VAL H CA 1 
ATOM 615 C CA . LEU H 8 25  ? 28.925  9.915   26.400  1.00 52.31  ? 40  LEU H CA 1 
ATOM 616 C CA . LYS H 8 26  ? 29.361  6.372   25.012  1.00 67.94  ? 41  LYS H CA 1 
ATOM 617 C CA . ARG H 8 27  ? 25.549  6.361   24.970  1.00 72.44  ? 42  ARG H CA 1 
ATOM 618 C CA . PHE H 8 28  ? 25.362  8.772   22.028  1.00 75.81  ? 43  PHE H CA 1 
ATOM 619 C CA . LEU H 8 29  ? 27.503  6.676   19.721  1.00 58.70  ? 44  LEU H CA 1 
ATOM 620 C CA . SER H 8 30  ? 26.282  4.403   16.956  1.00 63.45  ? 45  SER H CA 1 
ATOM 621 C CA . GLU H 8 31  ? 27.243  0.743   16.863  1.00 74.12  ? 46  GLU H CA 1 
ATOM 622 C CA . THR H 8 32  ? 30.369  2.470   15.526  1.00 61.86  ? 47  THR H CA 1 
ATOM 623 C CA . GLY H 8 33  ? 32.318  5.458   16.834  1.00 94.18  ? 48  GLY H CA 1 
ATOM 624 C CA . LYS H 8 34  ? 29.788  7.534   14.914  1.00 55.06  ? 49  LYS H CA 1 
ATOM 625 C CA . ILE H 8 35  ? 27.872  10.271  16.694  1.00 54.47  ? 50  ILE H CA 1 
ATOM 626 C CA . LEU H 8 36  ? 24.150  9.670   16.493  1.00 51.00  ? 51  LEU H CA 1 
ATOM 627 C CA . PRO H 8 37  ? 21.767  12.098  14.718  1.00 72.93  ? 52  PRO H CA 1 
ATOM 628 C CA . ARG H 8 38  ? 19.349  14.159  16.779  1.00 61.17  ? 53  ARG H CA 1 
ATOM 629 C CA . ARG H 8 39  ? 16.650  11.799  15.533  1.00 56.41  ? 54  ARG H CA 1 
ATOM 630 C CA . ARG H 8 40  ? 18.159  9.215   17.883  1.00 49.30  ? 55  ARG H CA 1 
ATOM 631 C CA . THR H 8 41  ? 19.968  11.379  20.419  1.00 48.73  ? 56  THR H CA 1 
ATOM 632 C CA . GLY H 8 42  ? 16.768  13.203  21.301  1.00 68.54  ? 57  GLY H CA 1 
ATOM 633 C CA . LEU H 8 43  ? 18.944  16.252  21.890  1.00 62.70  ? 58  LEU H CA 1 
ATOM 634 C CA . SER H 8 44  ? 18.251  19.686  20.439  1.00 51.99  ? 59  SER H CA 1 
ATOM 635 C CA . GLY H 8 45  ? 20.190  21.720  17.909  1.00 48.24  ? 60  GLY H CA 1 
ATOM 636 C CA . LYS H 8 46  ? 22.071  23.512  20.663  1.00 57.11  ? 61  LYS H CA 1 
ATOM 637 C CA . GLU H 8 47  ? 22.538  20.538  22.992  1.00 65.82  ? 62  GLU H CA 1 
ATOM 638 C CA . GLN H 8 48  ? 23.512  18.234  20.104  1.00 54.96  ? 63  GLN H CA 1 
ATOM 639 C CA . ARG H 8 49  ? 26.016  20.803  18.972  1.00 44.61  ? 64  ARG H CA 1 
ATOM 640 C CA . ILE H 8 50  ? 27.804  20.820  22.337  1.00 78.99  ? 65  ILE H CA 1 
ATOM 641 C CA . LEU H 8 51  ? 27.812  17.034  22.473  1.00 51.25  ? 66  LEU H CA 1 
ATOM 642 C CA . ALA H 8 52  ? 29.810  16.747  19.280  1.00 67.27  ? 67  ALA H CA 1 
ATOM 643 C CA . LYS H 8 53  ? 32.658  18.823  20.704  1.00 53.03  ? 68  LYS H CA 1 
ATOM 644 C CA . THR H 8 54  ? 32.583  16.772  23.884  1.00 47.97  ? 69  THR H CA 1 
ATOM 645 C CA . ILE H 8 55  ? 32.458  13.445  22.056  1.00 51.83  ? 70  ILE H CA 1 
ATOM 646 C CA . LYS H 8 56  ? 35.323  14.635  19.864  1.00 51.94  ? 71  LYS H CA 1 
ATOM 647 C CA . ARG H 8 57  ? 37.415  15.806  22.824  1.00 53.71  ? 72  ARG H CA 1 
ATOM 648 C CA . ALA H 8 58  ? 36.837  12.432  24.460  1.00 57.84  ? 73  ALA H CA 1 
ATOM 649 C CA . ARG H 8 59  ? 38.102  10.778  21.288  1.00 55.62  ? 74  ARG H CA 1 
ATOM 650 C CA . ILE H 8 60  ? 41.461  12.513  21.347  1.00 58.33  ? 75  ILE H CA 1 
ATOM 651 C CA . LEU H 8 61  ? 41.999  11.601  25.024  1.00 74.86  ? 76  LEU H CA 1 
ATOM 652 C CA . GLY H 8 62  ? 41.447  8.000   23.950  1.00 47.50  ? 77  GLY H CA 1 
ATOM 653 C CA . LEU H 8 63  ? 38.344  7.482   26.086  1.00 61.68  ? 78  LEU H CA 1 
ATOM 654 C CA . LEU H 8 64  ? 35.973  7.309   23.108  1.00 63.13  ? 79  LEU H CA 1 
ATOM 655 C CA . PRO H 8 65  ? 36.489  5.612   19.721  1.00 41.53  ? 80  PRO H CA 1 
ATOM 656 C CA . PHE H 8 66  ? 36.592  7.253   16.333  1.00 63.32  ? 81  PHE H CA 1 
ATOM 657 C CA . THR H 8 67  ? 35.159  4.201   14.606  1.00 63.15  ? 82  THR H CA 1 
ATOM 658 C CA . GLU H 8 68  ? 34.130  0.593   15.330  1.00 66.55  ? 83  GLU H CA 1 
ATOM 659 C CA . LYS H 8 69  ? 33.693  -2.501  13.127  1.00 72.26  ? 84  LYS H CA 1 
ATOM 660 C CA . LEU H 8 70  ? 30.222  -3.813  12.224  1.00 65.13  ? 85  LEU H CA 1 
ATOM 661 C CA . VAL H 8 71  ? 29.146  -7.280  13.357  1.00 77.17  ? 86  VAL H CA 1 
ATOM 662 C CA . ARG H 8 72  ? 26.679  -9.571  11.516  1.00 35.35  ? 87  ARG H CA 1 
ATOM 663 C CA . LYS H 8 73  ? 26.189  -8.738  7.814   1.00 89.97  ? 88  LYS H CA 1 
ATOM 664 C CA . ASP I 9 1   ? 0.847   14.378  36.681  1.00 0.00   ? 4   ASP X CA 1 
ATOM 665 C CA . LYS I 9 2   ? -1.061  11.927  34.276  1.00 71.72  ? 5   LYS X CA 1 
ATOM 666 C CA . SER I 9 3   ? 0.612   10.393  31.088  1.00 34.87  ? 6   SER X CA 1 
ATOM 667 C CA . TYR I 9 4   ? -1.388  8.789   28.150  1.00 22.00  ? 7   TYR X CA 1 
ATOM 668 C CA . CYS I 9 5   ? 0.047   6.035   25.782  1.00 20.72  ? 8   CYS X CA 1 
ATOM 669 C CA . GLY I 9 6   ? -1.789  3.765   23.178  1.00 19.53  ? 9   GLY X CA 1 
ATOM 670 C CA . PHE I 9 7   ? -1.704  1.803   19.863  1.00 27.68  ? 10  PHE X CA 1 
ATOM 671 C CA . ILE I 9 8   ? -3.683  3.340   16.884  1.00 31.53  ? 11  ILE X CA 1 
ATOM 672 C CA . ALA I 9 9   ? -4.173  1.667   13.408  1.00 30.59  ? 12  ALA X CA 1 
ATOM 673 C CA . ILE I 9 10  ? -3.588  3.521   10.015  1.00 30.32  ? 13  ILE X CA 1 
ATOM 674 C CA . VAL I 9 11  ? -5.241  1.002   7.547   1.00 30.53  ? 14  VAL X CA 1 
ATOM 675 C CA . GLY I 9 12  ? -6.407  0.865   3.862   1.00 30.19  ? 15  GLY X CA 1 
ATOM 676 C CA . ARG I 9 13  ? -5.503  -0.841  0.530   1.00 28.37  ? 16  ARG X CA 1 
ATOM 677 C CA . PRO I 9 14  ? -2.143  0.103   -1.326  1.00 27.34  ? 17  PRO X CA 1 
ATOM 678 C CA . ASN I 9 15  ? -2.809  3.294   -3.528  1.00 33.59  ? 18  ASN X CA 1 
ATOM 679 C CA . VAL I 9 16  ? -4.565  5.449   -0.752  1.00 30.33  ? 19  VAL X CA 1 
ATOM 680 C CA . GLY I 9 17  ? -2.232  7.853   1.349   1.00 23.50  ? 20  GLY X CA 1 
ATOM 681 C CA . LYS I 9 18  ? -1.501  5.977   4.684   1.00 30.98  ? 21  LYS X CA 1 
ATOM 682 C CA . SER I 9 19  ? 2.268   7.007   4.947   1.00 30.86  ? 22  SER X CA 1 
ATOM 683 C CA . THR I 9 20  ? 1.161   10.723  4.304   1.00 18.69  ? 23  THR X CA 1 
ATOM 684 C CA . LEU I 9 21  ? -1.451  10.732  7.178   1.00 31.48  ? 24  LEU X CA 1 
ATOM 685 C CA . LEU I 9 22  ? 1.368   9.201   9.337   1.00 31.53  ? 25  LEU X CA 1 
ATOM 686 C CA . ASN I 9 23  ? 3.948   12.018  8.282   1.00 27.83  ? 26  ASN X CA 1 
ATOM 687 C CA . LYS I 9 24  ? 1.328   14.846  8.985   1.00 32.75  ? 27  LYS X CA 1 
ATOM 688 C CA . LEU I 9 25  ? 0.193   13.201  12.396  1.00 27.98  ? 28  LEU X CA 1 
ATOM 689 C CA . LEU I 9 26  ? 3.948   12.674  13.408  1.00 21.98  ? 29  LEU X CA 1 
ATOM 690 C CA . GLY I 9 27  ? 4.660   16.543  13.109  1.00 22.63  ? 30  GLY X CA 1 
ATOM 691 C CA . GLN I 9 28  ? 8.122   16.021  11.427  1.00 38.81  ? 31  GLN X CA 1 
ATOM 692 C CA . LYS I 9 29  ? 9.292   19.118  9.338   1.00 32.16  ? 32  LYS X CA 1 
ATOM 693 C CA . ILE I 9 30  ? 11.634  17.008  7.092   1.00 19.18  ? 33  ILE X CA 1 
ATOM 694 C CA . SER I 9 31  ? 9.502   13.734  7.162   1.00 29.41  ? 34  SER X CA 1 
ATOM 695 C CA . ILE I 9 32  ? 10.820  10.174  6.019   1.00 27.99  ? 35  ILE X CA 1 
ATOM 696 C CA . THR I 9 33  ? 8.726   7.707   3.652   1.00 64.37  ? 36  THR X CA 1 
ATOM 697 C CA . SER I 9 34  ? 9.320   3.776   3.334   1.00 87.12  ? 37  SER X CA 1 
ATOM 698 C CA . ARG I 9 35  ? 8.956   1.072   0.446   1.00 0.00   ? 38  ARG X CA 1 
ATOM 699 C CA . LYS I 9 36  ? 7.298   -1.602  2.746   1.00 0.00   ? 39  LYS X CA 1 
ATOM 700 C CA . ALA I 9 37  ? 5.120   -4.483  2.169   1.00 98.66  ? 40  ALA X CA 1 
ATOM 701 C CA . GLN I 9 38  ? 8.297   -5.627  3.319   1.00 0.00   ? 41  GLN X CA 1 
ATOM 702 C CA . THR I 9 39  ? 5.765   -6.660  6.135   1.00 85.48  ? 42  THR X CA 1 
ATOM 703 C CA . THR I 9 40  ? 7.720   -7.411  9.120   1.00 77.53  ? 43  THR X CA 1 
ATOM 704 C CA . ARG I 9 41  ? 6.423   -9.198  12.353  1.00 46.36  ? 44  ARG X CA 1 
ATOM 705 C CA . HIS I 9 42  ? 4.781   -6.818  15.081  1.00 34.93  ? 45  HIS X CA 1 
ATOM 706 C CA . ARG I 9 43  ? 2.932   -3.737  13.363  1.00 24.93  ? 46  ARG X CA 1 
ATOM 707 C CA . ILE I 9 44  ? 4.219   0.096   14.002  1.00 23.77  ? 47  ILE X CA 1 
ATOM 708 C CA . VAL I 9 45  ? 4.903   2.381   10.918  1.00 12.66  ? 48  VAL X CA 1 
ATOM 709 C CA . GLY I 9 46  ? 5.799   5.455   13.291  1.00 8.13   ? 49  GLY X CA 1 
ATOM 710 C CA . ILE I 9 47  ? 5.191   7.219   16.810  1.00 19.07  ? 50  ILE X CA 1 
ATOM 711 C CA . HIS I 9 48  ? 4.178   10.862  17.778  1.00 24.45  ? 51  HIS X CA 1 
ATOM 712 C CA . THR I 9 49  ? 5.224   11.889  21.416  1.00 20.79  ? 52  THR X CA 1 
ATOM 713 C CA . GLU I 9 50  ? 4.236   15.515  22.466  1.00 39.41  ? 53  GLU X CA 1 
ATOM 714 C CA . GLY I 9 51  ? 4.488   16.227  26.294  1.00 23.72  ? 54  GLY X CA 1 
ATOM 715 C CA . ALA I 9 52  ? 2.150   13.846  28.263  1.00 18.67  ? 55  ALA X CA 1 
ATOM 716 C CA . TYR I 9 53  ? 0.751   12.054  25.054  1.00 25.54  ? 56  TYR X CA 1 
ATOM 717 C CA . GLN I 9 54  ? 2.304   9.068   23.042  1.00 18.94  ? 57  GLN X CA 1 
ATOM 718 C CA . ALA I 9 55  ? 0.293   8.102   19.830  1.00 26.92  ? 58  ALA X CA 1 
ATOM 719 C CA . ILE I 9 56  ? 1.645   4.795   18.341  1.00 21.33  ? 59  ILE X CA 1 
ATOM 720 C CA . TYR I 9 57  ? 0.614   4.368   14.602  1.00 25.99  ? 60  TYR X CA 1 
ATOM 721 C CA . VAL I 9 58  ? 0.276   0.625   13.472  1.00 24.91  ? 61  VAL X CA 1 
ATOM 722 C CA . ASP I 9 59  ? -0.486  -0.932  9.953   1.00 25.73  ? 62  ASP X CA 1 
ATOM 723 C CA . THR I 9 60  ? -3.013  -3.558  11.503  1.00 29.06  ? 63  THR X CA 1 
ATOM 724 C CA . PRO I 9 61  ? -6.640  -3.402  13.100  1.00 28.74  ? 64  PRO X CA 1 
ATOM 725 C CA . GLY I 9 62  ? -5.544  -5.811  15.988  1.00 30.37  ? 65  GLY X CA 1 
ATOM 726 C CA . LEU I 9 63  ? -2.186  -6.784  17.644  1.00 40.03  ? 66  LEU X CA 1 
ATOM 727 C CA . HIS I 9 64  ? -1.474  -10.624 17.761  1.00 55.08  ? 67  HIS X CA 1 
ATOM 728 C CA . MET I 9 65  ? 0.622   -12.544 20.485  1.00 48.63  ? 68  MET X CA 1 
ATOM 729 C CA . GLU I 9 66  ? 3.480   -13.291 17.907  1.00 51.79  ? 69  GLU X CA 1 
ATOM 730 C CA . GLU I 9 67  ? 3.255   -9.439  17.376  1.00 41.10  ? 70  GLU X CA 1 
ATOM 731 C CA . LYS I 9 68  ? 3.320   -8.479  21.224  1.00 46.53  ? 71  LYS X CA 1 
ATOM 732 C CA . ARG I 9 69  ? 6.373   -10.813 22.120  1.00 49.37  ? 72  ARG X CA 1 
ATOM 733 C CA . ALA I 9 70  ? 8.580   -8.936  19.527  1.00 34.89  ? 73  ALA X CA 1 
ATOM 734 C CA . ILE I 9 71  ? 7.190   -5.482  20.856  1.00 44.82  ? 74  ILE X CA 1 
ATOM 735 C CA . ASN I 9 72  ? 9.774   -6.105  23.728  1.00 42.19  ? 75  ASN X CA 1 
ATOM 736 C CA . ARG I 9 73  ? 12.698  -7.226  21.270  1.00 29.44  ? 76  ARG X CA 1 
ATOM 737 C CA . LEU I 9 74  ? 13.642  -3.654  19.835  1.00 30.97  ? 77  LEU X CA 1 
ATOM 738 C CA . MET I 9 75  ? 13.258  -2.031  23.425  1.00 45.49  ? 78  MET X CA 1 
ATOM 739 C CA . ASN I 9 76  ? 15.469  -4.885  24.946  1.00 47.54  ? 79  ASN X CA 1 
ATOM 740 C CA . LYS I 9 77  ? 12.704  -5.749  27.574  1.00 22.63  ? 80  LYS X CA 1 
ATOM 741 C CA . ALA I 9 78  ? 11.511  -9.308  28.590  1.00 31.85  ? 81  ALA X CA 1 
ATOM 742 C CA . ALA I 9 79  ? 8.860   -10.962 26.216  1.00 19.99  ? 82  ALA X CA 1 
ATOM 743 C CA . SER I 9 80  ? 6.359   -11.288 29.224  1.00 43.02  ? 83  SER X CA 1 
ATOM 744 C CA . SER I 9 81  ? 6.223   -7.373  29.786  1.00 28.40  ? 84  SER X CA 1 
ATOM 745 C CA . SER I 9 82  ? 2.584   -6.113  29.397  1.00 35.73  ? 85  SER X CA 1 
ATOM 746 C CA . ILE I 9 83  ? 1.651   -4.526  25.963  1.00 30.48  ? 86  ILE X CA 1 
ATOM 747 C CA . GLY I 9 84  ? -1.701  -2.681  25.209  1.00 32.52  ? 87  GLY X CA 1 
ATOM 748 C CA . ASP I 9 85  ? -4.235  -3.292  22.349  1.00 32.41  ? 88  ASP X CA 1 
ATOM 749 C CA . VAL I 9 86  ? -5.399  -1.094  19.340  1.00 29.10  ? 89  VAL X CA 1 
ATOM 750 C CA . GLU I 9 87  ? -7.613  1.768   20.792  1.00 29.03  ? 90  GLU X CA 1 
ATOM 751 C CA . LEU I 9 88  ? -8.572  3.773   17.544  1.00 30.30  ? 91  LEU X CA 1 
ATOM 752 C CA . VAL I 9 89  ? -8.616  2.605   13.813  1.00 32.65  ? 92  VAL X CA 1 
ATOM 753 C CA . ILE I 9 90  ? -7.999  5.245   10.997  1.00 24.87  ? 93  ILE X CA 1 
ATOM 754 C CA . PHE I 9 91  ? -9.449  3.560   7.785   1.00 24.55  ? 94  PHE X CA 1 
ATOM 755 C CA . VAL I 9 92  ? -8.199  5.626   4.748   1.00 28.17  ? 95  VAL X CA 1 
ATOM 756 C CA . VAL I 9 93  ? -10.039 5.421   1.276   1.00 33.66  ? 96  VAL X CA 1 
ATOM 757 C CA . GLU I 9 94  ? -9.425  7.020   -2.259  1.00 37.21  ? 97  GLU X CA 1 
ATOM 758 C CA . GLY I 9 95  ? -12.346 9.595   -2.771  1.00 32.78  ? 98  GLY X CA 1 
ATOM 759 C CA . THR I 9 96  ? -14.955 7.668   -4.915  1.00 25.40  ? 99  THR X CA 1 
ATOM 760 C CA . ARG I 9 97  ? -12.982 4.275   -5.347  1.00 21.88  ? 100 ARG X CA 1 
ATOM 761 C CA . TRP I 9 98  ? -14.427 1.073   -3.696  1.00 19.00  ? 101 TRP X CA 1 
ATOM 762 C CA . THR I 9 99  ? -12.188 -1.827  -4.978  1.00 38.52  ? 102 THR X CA 1 
ATOM 763 C CA . PRO I 9 100 ? -12.609 -5.433  -3.328  1.00 32.44  ? 103 PRO X CA 1 
ATOM 764 C CA . ASP I 9 101 ? -9.223  -4.607  -1.549  1.00 38.12  ? 104 ASP X CA 1 
ATOM 765 C CA . ASP I 9 102 ? -11.079 -1.673  0.340   1.00 34.04  ? 105 ASP X CA 1 
ATOM 766 C CA . GLU I 9 103 ? -13.861 -4.205  1.437   1.00 38.78  ? 106 GLU X CA 1 
ATOM 767 C CA . MET I 9 104 ? -11.149 -6.861  2.474   1.00 55.88  ? 107 MET X CA 1 
ATOM 768 C CA . VAL I 9 105 ? -9.677  -4.190  4.926   1.00 35.75  ? 108 VAL X CA 1 
ATOM 769 C CA . LEU I 9 106 ? -13.274 -3.083  6.145   1.00 40.11  ? 109 LEU X CA 1 
ATOM 770 C CA . ASN I 9 107 ? -14.277 -6.811  6.875   1.00 34.68  ? 110 ASN X CA 1 
ATOM 771 C CA . LYS I 9 108 ? -11.216 -7.050  9.333   1.00 44.25  ? 111 LYS X CA 1 
ATOM 772 C CA . LEU I 9 109 ? -12.284 -3.732  11.211  1.00 56.08  ? 112 LEU X CA 1 
ATOM 773 C CA . ARG I 9 110 ? -16.074 -4.378  12.004  1.00 83.64  ? 113 ARG X CA 1 
ATOM 774 C CA . GLU I 9 111 ? -15.106 -7.718  13.818  1.00 83.87  ? 114 GLU X CA 1 
ATOM 775 C CA . GLY I 9 112 ? -13.445 -5.745  16.726  1.00 83.70  ? 115 GLY X CA 1 
ATOM 776 C CA . LYS I 9 113 ? -13.946 -3.586  19.910  1.00 55.76  ? 116 LYS X CA 1 
ATOM 777 C CA . ALA I 9 114 ? -11.646 -0.676  18.598  1.00 29.11  ? 117 ALA X CA 1 
ATOM 778 C CA . PRO I 9 115 ? -13.759 2.350   17.118  1.00 30.62  ? 118 PRO X CA 1 
ATOM 779 C CA . VAL I 9 116 ? -13.066 3.398   13.445  1.00 28.97  ? 119 VAL X CA 1 
ATOM 780 C CA . ILE I 9 117 ? -12.545 6.818   11.669  1.00 30.24  ? 120 ILE X CA 1 
ATOM 781 C CA . LEU I 9 118 ? -13.234 6.933   7.859   1.00 32.26  ? 121 LEU X CA 1 
ATOM 782 C CA . ALA I 9 119 ? -10.451 9.272   6.468   1.00 36.16  ? 122 ALA X CA 1 
ATOM 783 C CA . VAL I 9 120 ? -11.667 9.984   2.826   1.00 45.95  ? 123 VAL X CA 1 
ATOM 784 C CA . ASN I 9 121 ? -8.335  10.985  1.070   1.00 55.26  ? 124 ASN X CA 1 
ATOM 785 C CA . LYS I 9 122 ? -8.198  12.910  -2.299  1.00 61.43  ? 125 LYS X CA 1 
ATOM 786 C CA . VAL I 9 123 ? -11.710 14.631  -1.895  1.00 67.10  ? 126 VAL X CA 1 
ATOM 787 C CA . ASP I 9 124 ? -10.401 17.601  -4.096  1.00 81.85  ? 127 ASP X CA 1 
ATOM 788 C CA . ASN I 9 125 ? -9.497  15.002  -6.927  1.00 84.53  ? 128 ASN X CA 1 
ATOM 789 C CA . VAL I 9 126 ? -13.299 14.052  -7.322  1.00 93.92  ? 129 VAL X CA 1 
ATOM 790 C CA . GLN I 9 127 ? -14.467 17.132  -9.390  1.00 0.00   ? 130 GLN X CA 1 
ATOM 791 C CA . GLU I 9 128 ? -17.971 15.452  -9.898  1.00 93.80  ? 131 GLU X CA 1 
ATOM 792 C CA . LYS I 9 129 ? -19.706 16.100  -6.433  1.00 88.51  ? 132 LYS X CA 1 
ATOM 793 C CA . ALA I 9 130 ? -22.822 14.150  -7.779  1.00 83.05  ? 133 ALA X CA 1 
ATOM 794 C CA . ASP I 9 131 ? -20.572 10.971  -7.386  1.00 63.00  ? 134 ASP X CA 1 
ATOM 795 C CA . LEU I 9 132 ? -19.174 11.944  -3.836  1.00 46.70  ? 135 LEU X CA 1 
ATOM 796 C CA . LEU I 9 133 ? -22.466 12.536  -1.722  1.00 30.64  ? 136 LEU X CA 1 
ATOM 797 C CA . PRO I 9 134 ? -24.133 9.088   -2.855  1.00 35.03  ? 137 PRO X CA 1 
ATOM 798 C CA . HIS I 9 135 ? -20.668 7.392   -2.194  1.00 43.20  ? 138 HIS X CA 1 
ATOM 799 C CA . LEU I 9 136 ? -20.449 8.851   1.463   1.00 29.79  ? 139 LEU X CA 1 
ATOM 800 C CA . GLN I 9 137 ? -24.102 7.576   2.143   1.00 29.42  ? 140 GLN X CA 1 
ATOM 801 C CA . PHE I 9 138 ? -22.973 4.077   0.777   1.00 33.22  ? 141 PHE X CA 1 
ATOM 802 C CA . LEU I 9 139 ? -19.735 4.218   3.009   1.00 32.10  ? 142 LEU X CA 1 
ATOM 803 C CA . ALA I 9 140 ? -21.685 5.150   6.275   1.00 26.20  ? 143 ALA X CA 1 
ATOM 804 C CA . SER I 9 141 ? -24.188 2.267   5.363   1.00 37.10  ? 144 SER X CA 1 
ATOM 805 C CA . GLN I 9 142 ? -21.232 -0.350  5.578   1.00 45.73  ? 145 GLN X CA 1 
ATOM 806 C CA . MET I 9 143 ? -20.739 0.039   9.448   1.00 29.09  ? 146 MET X CA 1 
ATOM 807 C CA . ASN I 9 144 ? -21.177 2.569   12.384  1.00 34.82  ? 147 ASN X CA 1 
ATOM 808 C CA . PHE I 9 145 ? -17.954 4.705   12.099  1.00 23.75  ? 148 PHE X CA 1 
ATOM 809 C CA . LEU I 9 146 ? -17.068 7.232   14.943  1.00 33.17  ? 149 LEU X CA 1 
ATOM 810 C CA . ASP I 9 147 ? -16.399 10.118  12.355  1.00 29.15  ? 150 ASP X CA 1 
ATOM 811 C CA . ILE I 9 148 ? -16.647 10.352  8.466   1.00 32.37  ? 151 ILE X CA 1 
ATOM 812 C CA . VAL I 9 149 ? -13.727 12.929  8.123   1.00 33.13  ? 152 VAL X CA 1 
ATOM 813 C CA . PRO I 9 150 ? -12.809 14.063  4.427   1.00 41.15  ? 153 PRO X CA 1 
ATOM 814 C CA . ILE I 9 151 ? -9.018  14.833  3.977   1.00 39.96  ? 154 ILE X CA 1 
ATOM 815 C CA . SER I 9 152 ? -6.449  16.199  1.545   1.00 65.17  ? 155 SER X CA 1 
ATOM 816 C CA . ALA I 9 153 ? -3.239  14.675  3.138   1.00 78.45  ? 156 ALA X CA 1 
ATOM 817 C CA . GLU I 9 154 ? -1.305  16.819  0.513   1.00 86.66  ? 157 GLU X CA 1 
ATOM 818 C CA . THR I 9 155 ? -2.898  19.973  2.277   1.00 51.09  ? 158 THR X CA 1 
ATOM 819 C CA . GLY I 9 156 ? -3.188  18.850  6.016   1.00 73.97  ? 159 GLY X CA 1 
ATOM 820 C CA . LEU I 9 157 ? -7.008  19.545  5.636   1.00 66.23  ? 160 LEU X CA 1 
ATOM 821 C CA . ASN I 9 158 ? -8.659  17.730  8.662   1.00 62.79  ? 161 ASN X CA 1 
ATOM 822 C CA . VAL I 9 159 ? -5.375  16.138  10.107  1.00 59.42  ? 162 VAL X CA 1 
ATOM 823 C CA . ASP I 9 160 ? -5.748  18.492  13.220  1.00 54.09  ? 163 ASP X CA 1 
ATOM 824 C CA . THR I 9 161 ? -9.283  16.822  13.600  1.00 32.09  ? 164 THR X CA 1 
ATOM 825 C CA . ILE I 9 162 ? -7.756  13.199  13.330  1.00 26.44  ? 165 ILE X CA 1 
ATOM 826 C CA . ALA I 9 163 ? -4.870  14.209  15.832  1.00 32.16  ? 166 ALA X CA 1 
ATOM 827 C CA . ALA I 9 164 ? -7.519  15.478  18.420  1.00 34.96  ? 167 ALA X CA 1 
ATOM 828 C CA . ILE I 9 165 ? -9.613  12.145  18.157  1.00 28.37  ? 168 ILE X CA 1 
ATOM 829 C CA . VAL I 9 166 ? -6.209  10.179  18.351  1.00 38.01  ? 169 VAL X CA 1 
ATOM 830 C CA . ARG I 9 167 ? -5.327  12.091  21.653  1.00 32.08  ? 170 ARG X CA 1 
ATOM 831 C CA . LYS I 9 168 ? -8.860  11.436  23.198  1.00 46.37  ? 171 LYS X CA 1 
ATOM 832 C CA . HIS I 9 169 ? -8.299  7.597   22.518  1.00 31.12  ? 172 HIS X CA 1 
ATOM 833 C CA . LEU I 9 170 ? -4.858  7.350   24.389  1.00 24.22  ? 173 LEU X CA 1 
ATOM 834 C CA . PRO I 9 171 ? -5.458  5.300   27.732  1.00 31.40  ? 174 PRO X CA 1 
ATOM 835 C CA . GLU I 9 172 ? -3.894  6.543   31.052  1.00 47.50  ? 175 GLU X CA 1 
ATOM 836 C CA . ALA I 9 173 ? -0.474  4.754   31.253  1.00 30.49  ? 176 ALA X CA 1 
ATOM 837 C CA . THR I 9 174 ? 3.381   5.197   31.484  1.00 36.90  ? 177 THR X CA 1 
ATOM 838 C CA . HIS I 9 175 ? 5.222   5.899   28.113  1.00 27.11  ? 178 HIS X CA 1 
ATOM 839 C CA . HIS I 9 176 ? 6.422   2.533   26.543  1.00 28.08  ? 179 HIS X CA 1 
ATOM 840 C CA . PHE I 9 177 ? 8.822   3.800   23.820  1.00 24.97  ? 180 PHE X CA 1 
ATOM 841 C CA . PRO I 9 178 ? 12.029  5.184   22.389  1.00 18.80  ? 181 PRO X CA 1 
ATOM 842 C CA . GLU I 9 179 ? 10.336  7.706   19.932  1.00 18.57  ? 182 GLU X CA 1 
ATOM 843 C CA . ASP I 9 180 ? 11.168  6.256   16.374  1.00 45.34  ? 183 ASP X CA 1 
ATOM 844 C CA . TYR I 9 181 ? 10.173  2.620   17.137  1.00 39.54  ? 184 TYR X CA 1 
ATOM 845 C CA . ILE I 9 182 ? 9.225   0.156   14.446  1.00 47.85  ? 185 ILE X CA 1 
ATOM 846 C CA . THR I 9 183 ? 7.135   -2.527  16.277  1.00 47.74  ? 186 THR X CA 1 
ATOM 847 C CA . ASP I 9 184 ? 8.049   -4.262  12.871  1.00 55.07  ? 187 ASP X CA 1 
ATOM 848 C CA . ARG I 9 185 ? 11.296  -6.405  12.249  1.00 71.43  ? 188 ARG X CA 1 
ATOM 849 C CA . SER I 9 186 ? 11.825  -9.395  9.651   1.00 62.13  ? 189 SER X CA 1 
ATOM 850 C CA . GLN I 9 187 ? 14.279  -9.406  6.585   1.00 56.02  ? 190 GLN X CA 1 
ATOM 851 C CA . ARG I 9 188 ? 11.044  -8.079  5.024   1.00 47.27  ? 191 ARG X CA 1 
ATOM 852 C CA . PHE I 9 189 ? 11.912  -4.708  6.866   1.00 39.96  ? 192 PHE X CA 1 
ATOM 853 C CA . MET I 9 190 ? 15.559  -3.596  6.464   1.00 50.02  ? 193 MET X CA 1 
ATOM 854 C CA . ALA I 9 191 ? 15.796  -2.667  2.630   1.00 54.79  ? 194 ALA X CA 1 
ATOM 855 C CA . SER I 9 192 ? 13.405  0.364   2.332   1.00 39.24  ? 195 SER X CA 1 
ATOM 856 C CA . GLU I 9 193 ? 13.697  2.047   5.641   1.00 36.84  ? 196 GLU X CA 1 
ATOM 857 C CA . ILE I 9 194 ? 16.876  2.630   3.461   1.00 45.40  ? 197 ILE X CA 1 
ATOM 858 C CA . ILE I 9 195 ? 14.585  3.919   0.475   1.00 34.16  ? 198 ILE X CA 1 
ATOM 859 C CA . ARG I 9 196 ? 12.824  6.002   3.349   1.00 19.30  ? 199 ARG X CA 1 
ATOM 860 C CA . GLU I 9 197 ? 16.240  7.853   3.813   1.00 20.69  ? 200 GLU X CA 1 
ATOM 861 C CA . LYS I 9 198 ? 17.159  7.962   -0.014  1.00 37.86  ? 201 LYS X CA 1 
ATOM 862 C CA . LEU I 9 199 ? 13.736  9.512   -1.140  1.00 27.60  ? 202 LEU X CA 1 
ATOM 863 C CA . MET I 9 200 ? 14.015  12.283  1.586   1.00 29.13  ? 203 MET X CA 1 
ATOM 864 C CA . ARG I 9 201 ? 17.865  12.864  1.249   1.00 36.96  ? 204 ARG X CA 1 
ATOM 865 C CA . PHE I 9 202 ? 17.901  13.169  -2.674  1.00 25.18  ? 205 PHE X CA 1 
ATOM 866 C CA . LEU I 9 203 ? 14.363  14.748  -3.398  1.00 17.00  ? 206 LEU X CA 1 
ATOM 867 C CA . GLY I 9 204 ? 14.472  17.104  -0.263  1.00 20.79  ? 207 GLY X CA 1 
ATOM 868 C CA . ALA I 9 205 ? 12.462  20.287  -1.083  1.00 33.85  ? 208 ALA X CA 1 
ATOM 869 C CA . GLU I 9 206 ? 11.078  18.498  -4.288  1.00 39.00  ? 209 GLU X CA 1 
ATOM 870 C CA . LEU I 9 207 ? 9.552   15.595  -2.106  1.00 31.64  ? 210 LEU X CA 1 
ATOM 871 C CA . PRO I 9 208 ? 5.643   15.659  -2.697  1.00 33.93  ? 211 PRO X CA 1 
ATOM 872 C CA . TYR I 9 209 ? 3.072   15.087  0.134   1.00 25.85  ? 212 TYR X CA 1 
ATOM 873 C CA . SER I 9 210 ? 1.434   11.663  -0.673  1.00 33.38  ? 213 SER X CA 1 
ATOM 874 C CA . VAL I 9 211 ? 4.164   9.333   -1.724  1.00 27.40  ? 214 VAL X CA 1 
ATOM 875 C CA . THR I 9 212 ? 2.964   5.844   -0.308  1.00 23.68  ? 215 THR X CA 1 
ATOM 876 C CA . VAL I 9 213 ? 5.729   3.199   -0.374  1.00 30.69  ? 216 VAL X CA 1 
ATOM 877 C CA . GLU I 9 214 ? 5.346   -0.853  -0.707  1.00 46.84  ? 217 GLU X CA 1 
ATOM 878 C CA . ILE I 9 215 ? 7.075   -4.382  -1.804  1.00 38.54  ? 218 ILE X CA 1 
ATOM 879 C CA . GLU I 9 216 ? 5.671   -7.598  -3.563  1.00 56.51  ? 219 GLU X CA 1 
ATOM 880 C CA . ARG I 9 217 ? 8.924   -9.705  -4.286  1.00 59.56  ? 220 ARG X CA 1 
ATOM 881 C CA . PHE I 9 218 ? 11.598  -10.283 -1.564  1.00 66.01  ? 221 PHE X CA 1 
ATOM 882 C CA . VAL I 9 219 ? 13.053  -13.747 -2.673  1.00 72.51  ? 222 VAL X CA 1 
ATOM 883 C CA . SER I 9 220 ? 16.203  -15.964 -2.772  1.00 82.00  ? 223 SER X CA 1 
ATOM 884 C CA . ASN I 9 221 ? 16.970  -17.316 -6.360  0.00 0.00   ? 224 ASN X CA 1 
ATOM 885 C CA . GLU I 9 222 ? 17.494  -20.764 -8.019  0.00 0.00   ? 225 GLU X CA 1 
ATOM 886 C CA . ARG I 9 223 ? 21.079  -19.248 -8.611  0.00 99.08  ? 226 ARG X CA 1 
ATOM 887 C CA . GLY I 9 224 ? 21.545  -17.767 -4.972  0.00 0.00   ? 227 GLY X CA 1 
ATOM 888 C CA . GLY I 9 225 ? 21.663  -14.106 -3.691  0.00 88.26  ? 228 GLY X CA 1 
ATOM 889 C CA . TYR I 9 226 ? 18.665  -11.755 -2.972  1.00 74.38  ? 229 TYR X CA 1 
ATOM 890 C CA . ASP I 9 227 ? 16.035  -10.259 -5.404  1.00 70.96  ? 230 ASP X CA 1 
ATOM 891 C CA . ILE I 9 228 ? 14.272  -7.070  -3.978  1.00 58.34  ? 231 ILE X CA 1 
ATOM 892 C CA . ASN I 9 229 ? 11.870  -4.623  -5.805  1.00 58.60  ? 232 ASN X CA 1 
ATOM 893 C CA . GLY I 9 230 ? 10.997  -0.932  -5.024  1.00 42.05  ? 233 GLY X CA 1 
ATOM 894 C CA . LEU I 9 231 ? 8.193   0.901   -6.965  1.00 48.73  ? 234 LEU X CA 1 
ATOM 895 C CA . ILE I 9 232 ? 7.586   4.519   -5.689  1.00 24.72  ? 235 ILE X CA 1 
ATOM 896 C CA . LEU I 9 233 ? 3.749   5.444   -5.673  1.00 24.59  ? 236 LEU X CA 1 
ATOM 897 C CA . VAL I 9 234 ? 2.826   9.237   -5.854  1.00 32.73  ? 237 VAL X CA 1 
ATOM 898 C CA . GLU I 9 235 ? -0.265  11.597  -6.638  1.00 51.16  ? 238 GLU X CA 1 
ATOM 899 C CA . ARG I 9 236 ? 0.304   13.452  -10.006 1.00 61.03  ? 239 ARG X CA 1 
ATOM 900 C CA . GLU I 9 237 ? 1.904   12.975  -13.555 1.00 55.27  ? 240 GLU X CA 1 
ATOM 901 C CA . GLY I 9 238 ? 4.443   15.876  -12.867 1.00 50.79  ? 241 GLY X CA 1 
ATOM 902 C CA . GLN I 9 239 ? 5.246   14.343  -9.369  1.00 39.26  ? 242 GLN X CA 1 
ATOM 903 C CA . LYS I 9 240 ? 5.979   10.880  -11.085 1.00 43.34  ? 243 LYS X CA 1 
ATOM 904 C CA . LYS I 9 241 ? 8.497   12.783  -13.399 1.00 54.83  ? 244 LYS X CA 1 
ATOM 905 C CA . MET I 9 242 ? 9.964   14.475  -10.149 1.00 49.98  ? 245 MET X CA 1 
ATOM 906 C CA . VAL I 9 243 ? 11.075  11.039  -8.589  1.00 35.22  ? 246 VAL X CA 1 
ATOM 907 C CA . ILE I 9 244 ? 12.426  9.847   -12.111 1.00 39.76  ? 247 ILE X CA 1 
ATOM 908 C CA . GLY I 9 245 ? 14.368  13.188  -12.759 1.00 31.09  ? 248 GLY X CA 1 
ATOM 909 C CA . ASN I 9 246 ? 16.717  14.647  -15.453 1.00 54.09  ? 249 ASN X CA 1 
ATOM 910 C CA . LYS I 9 247 ? 17.455  11.646  -17.890 1.00 44.04  ? 250 LYS X CA 1 
ATOM 911 C CA . GLY I 9 248 ? 16.385  9.219   -15.004 1.00 55.08  ? 251 GLY X CA 1 
ATOM 912 C CA . ALA I 9 249 ? 19.348  10.478  -12.754 1.00 49.20  ? 252 ALA X CA 1 
ATOM 913 C CA . LYS I 9 250 ? 17.222  10.841  -9.485  1.00 44.12  ? 253 LYS X CA 1 
ATOM 914 C CA . ILE I 9 251 ? 15.750  7.204   -9.647  1.00 40.68  ? 254 ILE X CA 1 
ATOM 915 C CA . LYS I 9 252 ? 19.351  5.999   -10.661 1.00 40.59  ? 255 LYS X CA 1 
ATOM 916 C CA . THR I 9 253 ? 20.927  7.674   -7.455  1.00 25.17  ? 256 THR X CA 1 
ATOM 917 C CA . ILE I 9 254 ? 17.977  6.425   -5.159  1.00 26.39  ? 257 ILE X CA 1 
ATOM 918 C CA . GLY I 9 255 ? 18.482  2.851   -6.751  1.00 39.44  ? 258 GLY X CA 1 
ATOM 919 C CA . ILE I 9 256 ? 22.375  2.588   -6.452  1.00 44.68  ? 259 ILE X CA 1 
ATOM 920 C CA . GLU I 9 257 ? 22.526  4.167   -2.861  1.00 43.29  ? 260 GLU X CA 1 
ATOM 921 C CA . ALA I 9 258 ? 19.575  1.945   -1.595  1.00 38.56  ? 261 ALA X CA 1 
ATOM 922 C CA . ARG I 9 259 ? 21.319  -1.234  -3.076  1.00 58.89  ? 262 ARG X CA 1 
ATOM 923 C CA . LYS I 9 260 ? 24.658  -0.137  -1.313  1.00 53.46  ? 263 LYS X CA 1 
ATOM 924 C CA . ASP I 9 261 ? 23.082  0.091   2.275   1.00 38.23  ? 264 ASP X CA 1 
ATOM 925 C CA . MET I 9 262 ? 20.990  -3.178  1.561   1.00 54.20  ? 265 MET X CA 1 
ATOM 926 C CA . GLN I 9 263 ? 24.282  -5.222  1.045   1.00 71.23  ? 266 GLN X CA 1 
ATOM 927 C CA . GLU I 9 264 ? 25.615  -3.578  4.348   1.00 56.48  ? 267 GLU X CA 1 
ATOM 928 C CA . MET I 9 265 ? 22.377  -4.587  6.370   1.00 58.04  ? 268 MET X CA 1 
ATOM 929 C CA . PHE I 9 266 ? 21.797  -8.056  4.620   1.00 71.36  ? 269 PHE X CA 1 
ATOM 930 C CA . GLU I 9 267 ? 24.785  -10.564 4.449   1.00 82.14  ? 270 GLU X CA 1 
ATOM 931 C CA . ALA I 9 268 ? 24.352  -11.309 0.615   1.00 87.27  ? 271 ALA X CA 1 
ATOM 932 C CA . PRO I 9 269 ? 24.570  -9.301  -2.814  1.00 91.90  ? 272 PRO X CA 1 
ATOM 933 C CA . VAL I 9 270 ? 21.143  -7.707  -3.752  1.00 77.69  ? 273 VAL X CA 1 
ATOM 934 C CA . HIS I 9 271 ? 19.647  -7.186  -7.288  1.00 68.94  ? 274 HIS X CA 1 
ATOM 935 C CA . LEU I 9 272 ? 17.431  -4.037  -6.613  1.00 53.60  ? 275 LEU X CA 1 
ATOM 936 C CA . GLU I 9 273 ? 14.872  -2.592  -9.178  1.00 57.26  ? 276 GLU X CA 1 
ATOM 937 C CA . LEU I 9 274 ? 12.922  0.830   -8.780  1.00 38.83  ? 277 LEU X CA 1 
ATOM 938 C CA . TRP I 9 275 ? 9.700   2.079   -10.812 1.00 39.36  ? 278 TRP X CA 1 
ATOM 939 C CA . VAL I 9 276 ? 7.548   5.302   -9.992  1.00 29.41  ? 279 VAL X CA 1 
ATOM 940 C CA . LYS I 9 277 ? 3.582   5.733   -10.449 1.00 43.97  ? 280 LYS X CA 1 
ATOM 941 C CA . VAL I 9 278 ? 0.434   8.035   -10.333 1.00 34.17  ? 281 VAL X CA 1 
ATOM 942 C CA . LYS I 9 279 ? -1.976  6.310   -7.692  1.00 41.69  ? 282 LYS X CA 1 
ATOM 943 C CA . SER I 9 280 ? -4.907  5.602   -10.236 1.00 51.43  ? 283 SER X CA 1 
ATOM 944 C CA . GLY I 9 281 ? -3.140  2.790   -12.364 1.00 56.66  ? 284 GLY X CA 1 
ATOM 945 C CA . TRP I 9 282 ? 0.243   1.105   -13.306 1.00 56.30  ? 285 TRP X CA 1 
ATOM 946 C CA . ALA I 9 283 ? 1.835   1.842   -16.761 1.00 40.22  ? 286 ALA X CA 1 
ATOM 947 C CA . ASP I 9 284 ? 2.898   -1.148  -19.058 1.00 66.61  ? 287 ASP X CA 1 
ATOM 948 C CA . ASP I 9 285 ? 6.529   -0.342  -18.125 1.00 43.26  ? 288 ASP X CA 1 
ATOM 949 C CA . GLU I 9 286 ? 5.686   0.473   -14.399 1.00 44.48  ? 289 GLU X CA 1 
ATOM 950 C CA . ARG I 9 287 ? 4.384   -3.049  -13.165 1.00 53.17  ? 290 ARG X CA 1 
ATOM 951 C CA . ALA I 9 288 ? 7.791   -4.980  -13.895 1.00 55.16  ? 291 ALA X CA 1 
ATOM 952 C CA . LEU I 9 289 ? 10.558  -3.487  -11.600 1.00 46.23  ? 292 LEU X CA 1 
ATOM 953 C CA . ARG I 9 290 ? 7.853   -4.946  -9.181  1.00 72.76  ? 293 ARG X CA 1 
ATOM 954 C CA . SER I 9 291 ? 9.017   -8.547  -10.167 1.00 81.84  ? 294 SER X CA 1 
ATOM 955 C CA . LEU I 9 292 ? 12.865  -8.917  -10.609 1.00 76.41  ? 295 LEU X CA 1 
# 
